data_8I5H
#
_entry.id   8I5H
#
_cell.length_a   88.805
_cell.length_b   113.730
_cell.length_c   272.243
_cell.angle_alpha   90.00
_cell.angle_beta   90.00
_cell.angle_gamma   90.00
#
_symmetry.space_group_name_H-M   'P 21 21 21'
#
loop_
_entity.id
_entity.type
_entity.pdbx_description
1 polymer 'Spike protein S1'
2 polymer 'Fab Heavy chain'
3 polymer 'Fab Light chain'
4 non-polymer 2-acetamido-2-deoxy-beta-D-glucopyranose
5 water water
#
loop_
_entity_poly.entity_id
_entity_poly.type
_entity_poly.pdbx_seq_one_letter_code
_entity_poly.pdbx_strand_id
1 'polypeptide(L)'
;NLCPFGEVFNATRFASVYAWNRKRISNCVADYSVLYNSASFSTFKCYGVSPTKLNDLCFTNVYADSFVIRGDEVRQIAPG
QTGKIADYNYKLPDDFTGCVIAWNSNNLDSKVGGNYNYRYRLFRKSNLKPFERDISTEIYQAGSKPCNGVEGFNCYFPLQ
SYGFQPTNGVGYQPYRVVVLSFELLHAPATVCGP
;
R,A,D
2 'polypeptide(L)'
;EVQLVESGGGLIQPGGSLRLSCAASGFIVSRNYMNWVRQAPGKGLEWVALIYSGGSTFYADSVKGRFTISRDNSKNTLYL
QMNSLRAEDTAVYYCARDLVVYGLDYWGQGTLVTVSSASTKGPSVFPLAPSSKSTSGGTAALGCLVKDYFPEPVTVSWNS
GALTSGVHTFPAVLQSSGLYSLSSVVTVPSSSLGTQTYICNVNHKPSNTKVDKRVEPKSCDKTGHHHHHH
;
H,B,E
3 'polypeptide(L)'
;AIQLTQSPSSLSASVGDRVTITCRASQGISSHLAWYQQKPGKAPKLLIFAASTLQSGVPSRFSGSGSGTDFTLTISSLQP
EDFATYYCQHLNSNPPITFGQGTRLEIKRTVAAPSVFIFPPSDEQLKSGTASVVCLLNNFYPREAKVQWKVDNALQSGNS
QESVTEQDSKDSTYSLSSTLTLSKADYEKHKVYACEVTHQGLSSPVTKSFNRGEC
;
L,C,F
#
loop_
_chem_comp.id
_chem_comp.type
_chem_comp.name
_chem_comp.formula
NAG D-saccharide, beta linking 2-acetamido-2-deoxy-beta-D-glucopyranose 'C8 H15 N O6'
#
# COMPACT_ATOMS: atom_id res chain seq x y z
N ASN A 1 -53.35 46.81 20.62
CA ASN A 1 -53.53 45.53 21.30
C ASN A 1 -54.05 44.41 20.36
N LEU A 2 -53.53 44.35 19.13
CA LEU A 2 -53.72 43.16 18.31
C LEU A 2 -52.62 42.15 18.63
N CYS A 3 -52.94 40.87 18.52
CA CYS A 3 -52.03 39.85 19.03
C CYS A 3 -50.81 39.73 18.13
N PRO A 4 -49.61 39.59 18.72
CA PRO A 4 -48.34 39.52 17.97
C PRO A 4 -48.15 38.16 17.29
N PHE A 5 -49.08 37.83 16.39
CA PHE A 5 -48.97 36.56 15.67
C PHE A 5 -47.92 36.61 14.58
N GLY A 6 -47.76 37.77 13.93
CA GLY A 6 -46.69 37.91 12.96
C GLY A 6 -45.32 37.64 13.53
N GLU A 7 -45.16 37.80 14.84
CA GLU A 7 -43.89 37.45 15.48
C GLU A 7 -43.67 35.95 15.48
N VAL A 8 -44.74 35.17 15.69
CA VAL A 8 -44.62 33.72 15.64
C VAL A 8 -44.52 33.25 14.19
N PHE A 9 -45.59 33.44 13.41
CA PHE A 9 -45.69 32.81 12.09
C PHE A 9 -44.65 33.34 11.11
N ASN A 10 -44.30 34.61 11.20
CA ASN A 10 -43.35 35.21 10.28
C ASN A 10 -41.97 35.39 10.90
N ALA A 11 -41.72 34.80 12.07
CA ALA A 11 -40.38 34.78 12.63
C ALA A 11 -39.35 34.35 11.59
N THR A 12 -38.30 35.15 11.44
CA THR A 12 -37.25 34.84 10.47
C THR A 12 -36.56 33.52 10.76
N ARG A 13 -36.61 33.06 12.02
CA ARG A 13 -35.80 31.95 12.50
C ARG A 13 -36.69 31.06 13.35
N PHE A 14 -36.65 29.76 13.11
CA PHE A 14 -37.48 28.80 13.84
C PHE A 14 -36.60 27.85 14.65
N ALA A 15 -37.13 27.41 15.80
CA ALA A 15 -36.38 26.53 16.68
C ALA A 15 -36.30 25.11 16.13
N SER A 16 -35.22 24.41 16.45
CA SER A 16 -35.20 22.96 16.31
C SER A 16 -36.26 22.34 17.23
N VAL A 17 -36.76 21.18 16.86
CA VAL A 17 -37.95 20.69 17.58
C VAL A 17 -37.58 20.25 19.00
N TYR A 18 -36.38 19.73 19.23
CA TYR A 18 -36.06 19.30 20.59
C TYR A 18 -36.02 20.50 21.52
N ALA A 19 -35.58 21.65 21.00
CA ALA A 19 -35.47 22.91 21.74
C ALA A 19 -36.62 23.84 21.38
N TRP A 20 -37.84 23.29 21.30
CA TRP A 20 -38.98 24.05 20.80
C TRP A 20 -39.20 25.34 21.57
N ASN A 21 -39.51 26.38 20.81
CA ASN A 21 -39.70 27.73 21.31
C ASN A 21 -41.13 27.92 21.82
N ARG A 22 -41.27 28.63 22.94
CA ARG A 22 -42.60 28.93 23.48
C ARG A 22 -42.75 30.44 23.66
N LYS A 23 -43.89 30.96 23.21
CA LYS A 23 -44.22 32.37 23.36
C LYS A 23 -45.55 32.49 24.11
N ARG A 24 -45.55 33.29 25.17
CA ARG A 24 -46.75 33.65 25.91
C ARG A 24 -47.49 34.73 25.14
N ILE A 25 -48.77 34.52 24.89
CA ILE A 25 -49.64 35.52 24.28
C ILE A 25 -50.64 35.99 25.33
N SER A 26 -50.70 37.30 25.52
CA SER A 26 -51.47 37.90 26.62
C SER A 26 -51.88 39.31 26.22
N ASN A 27 -53.09 39.71 26.64
CA ASN A 27 -53.55 41.12 26.57
C ASN A 27 -53.76 41.62 25.15
N CYS A 28 -54.48 40.86 24.32
CA CYS A 28 -54.74 41.30 22.96
C CYS A 28 -55.98 40.59 22.42
N VAL A 29 -56.36 40.95 21.20
CA VAL A 29 -57.47 40.30 20.50
C VAL A 29 -56.90 39.56 19.30
N ALA A 30 -57.29 38.29 19.17
CA ALA A 30 -56.75 37.41 18.15
C ALA A 30 -57.81 37.18 17.09
N ASP A 31 -57.47 37.53 15.86
CA ASP A 31 -58.37 37.30 14.72
C ASP A 31 -57.89 36.05 13.98
N TYR A 32 -58.31 34.89 14.50
CA TYR A 32 -57.84 33.62 13.94
C TYR A 32 -58.40 33.36 12.55
N SER A 33 -59.54 33.98 12.22
CA SER A 33 -60.25 33.61 11.00
C SER A 33 -59.44 33.91 9.74
N VAL A 34 -58.59 34.94 9.77
CA VAL A 34 -57.79 35.19 8.57
C VAL A 34 -56.74 34.10 8.39
N LEU A 35 -56.29 33.50 9.50
CA LEU A 35 -55.33 32.40 9.43
C LEU A 35 -56.01 31.12 8.97
N TYR A 36 -57.18 30.82 9.54
CA TYR A 36 -57.88 29.57 9.27
C TYR A 36 -58.04 29.30 7.78
N ASN A 37 -58.26 30.33 6.97
CA ASN A 37 -58.47 30.09 5.55
C ASN A 37 -57.27 30.50 4.70
N SER A 38 -56.11 30.66 5.31
CA SER A 38 -54.99 31.25 4.58
C SER A 38 -54.56 30.38 3.41
N ALA A 39 -54.70 29.06 3.54
CA ALA A 39 -54.40 28.10 2.46
C ALA A 39 -52.90 28.01 2.19
N SER A 40 -52.13 28.96 2.69
CA SER A 40 -50.70 28.72 2.79
C SER A 40 -50.40 27.70 3.88
N PHE A 41 -51.33 27.51 4.81
CA PHE A 41 -51.23 26.49 5.84
C PHE A 41 -51.75 25.17 5.29
N SER A 42 -50.86 24.18 5.14
CA SER A 42 -51.32 22.85 4.79
C SER A 42 -52.01 22.14 5.96
N THR A 43 -51.85 22.61 7.19
CA THR A 43 -52.48 21.97 8.34
C THR A 43 -53.10 23.05 9.21
N PHE A 44 -54.34 22.84 9.63
CA PHE A 44 -54.94 23.69 10.64
C PHE A 44 -55.98 22.86 11.39
N LYS A 45 -55.55 22.18 12.45
CA LYS A 45 -56.39 21.23 13.17
C LYS A 45 -56.61 21.71 14.60
N CYS A 46 -57.84 21.67 15.06
CA CYS A 46 -58.14 22.15 16.39
C CYS A 46 -58.71 21.02 17.23
N TYR A 47 -58.41 21.06 18.53
CA TYR A 47 -58.79 20.01 19.47
C TYR A 47 -59.41 20.65 20.71
N GLY A 48 -60.53 20.08 21.16
CA GLY A 48 -61.24 20.60 22.32
C GLY A 48 -61.94 21.92 22.10
N VAL A 49 -61.74 22.54 20.95
CA VAL A 49 -62.34 23.82 20.58
C VAL A 49 -62.68 23.73 19.11
N SER A 50 -63.49 24.64 18.63
CA SER A 50 -63.87 24.58 17.25
C SER A 50 -63.25 25.73 16.47
N PRO A 51 -62.63 25.45 15.33
CA PRO A 51 -62.33 26.52 14.37
C PRO A 51 -63.65 27.03 13.79
N THR A 52 -63.57 28.16 13.07
CA THR A 52 -64.74 28.92 12.60
C THR A 52 -65.54 29.42 13.80
N LYS A 53 -65.05 29.14 14.99
CA LYS A 53 -65.65 29.58 16.23
C LYS A 53 -64.65 30.26 17.14
N LEU A 54 -63.36 30.21 16.82
CA LEU A 54 -62.33 30.70 17.73
C LEU A 54 -62.53 32.16 18.09
N ASN A 55 -62.92 32.99 17.11
CA ASN A 55 -63.06 34.42 17.32
C ASN A 55 -64.10 34.78 18.38
N ASP A 56 -64.85 33.80 18.89
CA ASP A 56 -65.90 34.05 19.87
C ASP A 56 -65.54 33.56 21.27
N LEU A 57 -64.27 33.24 21.54
CA LEU A 57 -63.86 32.70 22.83
C LEU A 57 -62.91 33.64 23.55
N CYS A 58 -62.76 33.40 24.85
CA CYS A 58 -61.89 34.16 25.74
C CYS A 58 -61.06 33.21 26.59
N PHE A 59 -59.77 33.52 26.75
CA PHE A 59 -58.85 32.61 27.42
C PHE A 59 -57.94 33.34 28.38
N THR A 60 -57.56 32.62 29.44
CA THR A 60 -56.65 33.17 30.44
C THR A 60 -55.27 33.44 29.86
N ASN A 61 -54.69 32.47 29.17
CA ASN A 61 -53.42 32.66 28.48
C ASN A 61 -53.41 31.83 27.19
N VAL A 62 -52.62 32.28 26.23
CA VAL A 62 -52.38 31.53 25.01
C VAL A 62 -50.88 31.38 24.84
N TYR A 63 -50.43 30.14 24.66
CA TYR A 63 -49.04 29.83 24.37
C TYR A 63 -48.93 29.43 22.91
N ALA A 64 -47.88 29.93 22.24
CA ALA A 64 -47.59 29.57 20.87
C ALA A 64 -46.23 28.88 20.83
N ASP A 65 -46.25 27.56 20.65
CA ASP A 65 -45.02 26.78 20.50
C ASP A 65 -44.70 26.63 19.02
N SER A 66 -43.41 26.72 18.66
CA SER A 66 -43.06 26.70 17.25
C SER A 66 -41.71 26.01 17.02
N PHE A 67 -41.59 25.29 15.91
CA PHE A 67 -40.41 24.49 15.58
C PHE A 67 -40.53 23.96 14.16
N VAL A 68 -39.47 23.26 13.74
CA VAL A 68 -39.37 22.69 12.40
C VAL A 68 -39.24 21.17 12.51
N ILE A 69 -40.13 20.45 11.83
CA ILE A 69 -40.05 19.00 11.65
C ILE A 69 -40.16 18.71 10.15
N ARG A 70 -40.04 17.45 9.78
CA ARG A 70 -40.33 17.12 8.39
C ARG A 70 -41.81 16.81 8.21
N GLY A 71 -42.34 17.11 7.00
CA GLY A 71 -43.79 17.11 6.81
C GLY A 71 -44.43 15.78 7.14
N ASP A 72 -43.68 14.71 6.97
CA ASP A 72 -44.18 13.38 7.31
C ASP A 72 -44.39 13.21 8.83
N GLU A 73 -43.75 14.04 9.66
CA GLU A 73 -43.95 13.92 11.10
C GLU A 73 -45.06 14.82 11.63
N VAL A 74 -45.65 15.68 10.79
CA VAL A 74 -46.66 16.61 11.29
C VAL A 74 -47.84 15.88 11.91
N ARG A 75 -48.16 14.67 11.41
CA ARG A 75 -49.24 13.92 12.07
C ARG A 75 -48.90 13.59 13.52
N GLN A 76 -47.62 13.54 13.89
CA GLN A 76 -47.33 13.23 15.29
C GLN A 76 -47.68 14.40 16.22
N ILE A 77 -47.83 15.62 15.68
CA ILE A 77 -48.20 16.74 16.54
C ILE A 77 -49.71 16.73 16.72
N ALA A 78 -50.18 15.84 17.57
CA ALA A 78 -51.60 15.68 17.85
C ALA A 78 -51.73 14.80 19.08
N PRO A 79 -52.85 14.86 19.78
CA PRO A 79 -53.00 14.06 20.99
C PRO A 79 -53.05 12.58 20.67
N GLY A 80 -52.52 11.78 21.60
CA GLY A 80 -52.52 10.33 21.48
C GLY A 80 -51.60 9.72 20.43
N GLN A 81 -50.62 10.46 19.91
CA GLN A 81 -49.71 9.92 18.91
C GLN A 81 -48.48 9.27 19.54
N THR A 82 -47.77 8.48 18.73
CA THR A 82 -46.46 7.92 19.05
C THR A 82 -45.52 8.17 17.89
N GLY A 83 -44.25 7.84 18.08
CA GLY A 83 -43.23 8.15 17.11
C GLY A 83 -42.08 8.92 17.74
N LYS A 84 -41.00 9.04 16.96
CA LYS A 84 -39.82 9.66 17.53
C LYS A 84 -40.08 11.13 17.90
N ILE A 85 -40.96 11.83 17.19
CA ILE A 85 -41.24 13.22 17.57
C ILE A 85 -42.09 13.27 18.84
N ALA A 86 -43.26 12.64 18.81
CA ALA A 86 -44.16 12.67 19.97
C ALA A 86 -43.52 12.06 21.22
N ASP A 87 -42.66 11.05 21.07
CA ASP A 87 -42.14 10.37 22.25
C ASP A 87 -40.94 11.11 22.84
N TYR A 88 -40.11 11.72 22.00
CA TYR A 88 -38.80 12.16 22.43
C TYR A 88 -38.52 13.63 22.13
N ASN A 89 -39.43 14.36 21.48
CA ASN A 89 -39.20 15.76 21.13
C ASN A 89 -40.31 16.72 21.54
N TYR A 90 -41.56 16.45 21.17
CA TYR A 90 -42.66 17.37 21.48
C TYR A 90 -43.93 16.55 21.66
N LYS A 91 -44.55 16.63 22.83
CA LYS A 91 -45.64 15.73 23.19
C LYS A 91 -46.85 16.52 23.65
N LEU A 92 -47.95 16.38 22.92
CA LEU A 92 -49.24 16.94 23.30
C LEU A 92 -49.97 16.03 24.29
N PRO A 93 -50.71 16.61 25.23
CA PRO A 93 -51.48 15.78 26.17
C PRO A 93 -52.74 15.25 25.50
N ASP A 94 -53.35 14.26 26.16
CA ASP A 94 -54.59 13.68 25.66
C ASP A 94 -55.71 14.72 25.60
N ASP A 95 -55.84 15.55 26.65
CA ASP A 95 -56.91 16.53 26.75
C ASP A 95 -56.55 17.88 26.14
N PHE A 96 -55.66 17.89 25.16
CA PHE A 96 -55.21 19.12 24.53
C PHE A 96 -56.37 19.99 24.05
N THR A 97 -56.28 21.28 24.35
CA THR A 97 -57.20 22.29 23.86
C THR A 97 -56.37 23.31 23.11
N GLY A 98 -56.50 23.33 21.79
CA GLY A 98 -55.71 24.24 20.99
C GLY A 98 -55.69 23.78 19.54
N CYS A 99 -54.80 24.41 18.77
CA CYS A 99 -54.76 24.19 17.34
C CYS A 99 -53.32 23.98 16.87
N VAL A 100 -53.17 23.13 15.86
CA VAL A 100 -51.88 22.86 15.24
C VAL A 100 -51.90 23.44 13.83
N ILE A 101 -50.90 24.27 13.52
CA ILE A 101 -50.81 24.94 12.25
C ILE A 101 -49.45 24.61 11.65
N ALA A 102 -49.44 24.17 10.39
CA ALA A 102 -48.20 23.78 9.75
C ALA A 102 -48.21 24.20 8.29
N TRP A 103 -47.02 24.23 7.69
CA TRP A 103 -46.87 24.65 6.31
C TRP A 103 -45.46 24.32 5.82
N ASN A 104 -45.37 23.98 4.55
CA ASN A 104 -44.12 23.63 3.91
C ASN A 104 -43.19 24.84 3.92
N SER A 105 -41.92 24.63 4.31
CA SER A 105 -40.94 25.71 4.25
C SER A 105 -39.71 25.29 3.48
N ASN A 106 -39.87 24.42 2.48
CA ASN A 106 -38.75 23.96 1.68
C ASN A 106 -37.97 25.11 1.06
N ASN A 107 -38.66 26.21 0.71
CA ASN A 107 -37.97 27.33 0.07
C ASN A 107 -37.05 28.07 1.05
N LEU A 108 -37.41 28.15 2.33
CA LEU A 108 -36.58 28.81 3.32
C LEU A 108 -35.59 27.89 4.00
N ASP A 109 -36.02 26.69 4.37
CA ASP A 109 -35.32 25.89 5.36
C ASP A 109 -34.52 24.76 4.74
N SER A 110 -34.26 24.83 3.44
CA SER A 110 -33.60 23.76 2.73
C SER A 110 -32.46 24.36 1.92
N LYS A 111 -31.31 23.70 1.93
CA LYS A 111 -30.09 24.22 1.33
C LYS A 111 -29.61 23.26 0.25
N VAL A 112 -28.96 23.83 -0.77
CA VAL A 112 -28.59 23.04 -1.95
C VAL A 112 -27.69 21.87 -1.56
N GLY A 113 -26.65 22.14 -0.76
CA GLY A 113 -25.84 21.04 -0.25
C GLY A 113 -26.40 20.32 0.95
N GLY A 114 -27.63 20.66 1.35
CA GLY A 114 -28.22 20.16 2.57
C GLY A 114 -28.11 21.17 3.70
N ASN A 115 -29.22 21.46 4.37
CA ASN A 115 -29.21 22.26 5.60
C ASN A 115 -29.26 21.34 6.80
N TYR A 116 -28.28 21.48 7.70
CA TYR A 116 -28.17 20.61 8.86
C TYR A 116 -28.36 21.38 10.16
N ASN A 117 -28.90 22.61 10.11
CA ASN A 117 -29.12 23.40 11.32
C ASN A 117 -30.24 22.86 12.18
N TYR A 118 -31.27 22.25 11.60
CA TYR A 118 -32.41 21.75 12.37
C TYR A 118 -32.17 20.32 12.82
N ARG A 119 -32.50 20.04 14.09
CA ARG A 119 -32.16 18.78 14.72
C ARG A 119 -33.33 18.24 15.53
N TYR A 120 -33.26 16.95 15.84
CA TYR A 120 -34.26 16.28 16.67
C TYR A 120 -33.54 15.29 17.59
N ARG A 121 -34.20 14.93 18.69
CA ARG A 121 -33.62 13.94 19.59
C ARG A 121 -33.93 12.54 19.08
N LEU A 122 -32.88 11.78 18.78
CA LEU A 122 -33.04 10.41 18.32
C LEU A 122 -33.01 9.39 19.47
N PHE A 123 -32.04 9.53 20.39
CA PHE A 123 -31.83 8.55 21.45
C PHE A 123 -32.34 9.11 22.78
N ARG A 124 -33.31 8.43 23.37
CA ARG A 124 -33.77 8.81 24.69
C ARG A 124 -34.31 7.55 25.34
N LYS A 125 -34.34 7.57 26.65
CA LYS A 125 -34.62 6.37 27.41
C LYS A 125 -36.10 6.11 27.55
N SER A 126 -36.89 7.15 27.84
CA SER A 126 -38.33 6.99 27.88
C SER A 126 -38.98 8.22 27.28
N ASN A 127 -40.31 8.17 27.24
CA ASN A 127 -41.08 9.21 26.56
C ASN A 127 -41.15 10.48 27.39
N LEU A 128 -41.13 11.61 26.69
CA LEU A 128 -41.40 12.90 27.31
C LEU A 128 -42.79 12.92 27.94
N LYS A 129 -42.92 13.71 29.01
CA LYS A 129 -44.24 14.08 29.50
C LYS A 129 -44.82 15.17 28.59
N PRO A 130 -46.11 15.42 28.67
CA PRO A 130 -46.69 16.48 27.82
C PRO A 130 -46.08 17.84 28.10
N PHE A 131 -45.77 18.56 27.01
CA PHE A 131 -45.20 19.90 27.07
C PHE A 131 -43.83 19.94 27.78
N GLU A 132 -43.14 18.82 27.85
CA GLU A 132 -41.78 18.80 28.37
C GLU A 132 -40.81 19.21 27.28
N ARG A 133 -39.76 19.94 27.66
CA ARG A 133 -38.72 20.35 26.73
CA ARG A 133 -38.71 20.36 26.73
C ARG A 133 -37.39 19.84 27.28
N ASP A 134 -36.83 18.84 26.62
CA ASP A 134 -35.56 18.22 26.99
C ASP A 134 -34.47 18.79 26.07
N ILE A 135 -33.54 19.57 26.64
CA ILE A 135 -32.45 20.10 25.83
C ILE A 135 -31.11 19.48 26.22
N SER A 136 -31.11 18.32 26.86
CA SER A 136 -29.86 17.69 27.27
C SER A 136 -29.06 17.25 26.05
N THR A 137 -27.73 17.40 26.14
CA THR A 137 -26.81 16.86 25.14
C THR A 137 -25.89 15.79 25.72
N GLU A 138 -26.31 15.16 26.82
CA GLU A 138 -25.56 14.05 27.38
C GLU A 138 -25.43 12.88 26.40
N ILE A 139 -24.23 12.30 26.34
CA ILE A 139 -24.01 11.08 25.56
C ILE A 139 -24.95 10.01 26.05
N TYR A 140 -25.60 9.31 25.11
CA TYR A 140 -26.61 8.32 25.42
C TYR A 140 -25.97 6.95 25.54
N GLN A 141 -26.34 6.22 26.59
CA GLN A 141 -25.67 4.98 26.97
C GLN A 141 -26.53 3.81 26.52
N ALA A 142 -26.07 3.08 25.49
CA ALA A 142 -26.86 1.99 24.93
C ALA A 142 -26.51 0.63 25.55
N GLY A 143 -25.31 0.50 26.14
CA GLY A 143 -24.94 -0.66 26.90
C GLY A 143 -24.72 -0.32 28.37
N SER A 144 -24.09 -1.25 29.08
CA SER A 144 -23.92 -1.08 30.53
C SER A 144 -22.64 -0.35 30.90
N LYS A 145 -21.67 -0.27 29.99
CA LYS A 145 -20.42 0.46 30.15
C LYS A 145 -20.65 1.95 30.05
N PRO A 146 -20.52 2.71 31.15
CA PRO A 146 -20.81 4.16 31.09
C PRO A 146 -19.89 4.89 30.11
N CYS A 147 -20.34 6.07 29.66
CA CYS A 147 -19.66 6.72 28.56
C CYS A 147 -18.62 7.77 28.97
N ASN A 148 -18.74 8.36 30.15
CA ASN A 148 -17.82 9.43 30.59
C ASN A 148 -17.68 10.50 29.52
N GLY A 149 -18.80 10.84 28.87
CA GLY A 149 -18.85 11.94 27.92
C GLY A 149 -17.99 11.76 26.69
N VAL A 150 -17.58 10.55 26.36
CA VAL A 150 -16.93 10.25 25.10
C VAL A 150 -17.93 9.55 24.18
N GLU A 151 -17.93 9.90 22.91
CA GLU A 151 -18.72 9.15 21.96
C GLU A 151 -17.97 7.90 21.55
N GLY A 152 -18.72 6.86 21.19
CA GLY A 152 -18.11 5.61 20.76
C GLY A 152 -19.16 4.52 20.68
N PHE A 153 -18.67 3.27 20.69
CA PHE A 153 -19.58 2.14 20.62
C PHE A 153 -20.49 2.12 21.84
N ASN A 154 -21.78 1.94 21.60
CA ASN A 154 -22.83 2.02 22.61
C ASN A 154 -22.91 3.38 23.31
N CYS A 155 -22.33 4.43 22.71
CA CYS A 155 -22.21 5.74 23.36
C CYS A 155 -22.49 6.86 22.35
N TYR A 156 -23.75 7.24 22.21
CA TYR A 156 -24.15 7.97 21.03
C TYR A 156 -24.61 9.39 21.38
N PHE A 157 -24.19 10.33 20.56
CA PHE A 157 -24.71 11.68 20.69
C PHE A 157 -26.21 11.65 20.40
N PRO A 158 -27.04 12.24 21.26
CA PRO A 158 -28.48 11.96 21.20
C PRO A 158 -29.24 12.76 20.16
N LEU A 159 -28.64 13.76 19.54
CA LEU A 159 -29.31 14.62 18.59
C LEU A 159 -28.76 14.39 17.19
N GLN A 160 -29.62 14.54 16.18
CA GLN A 160 -29.23 14.38 14.78
C GLN A 160 -29.85 15.47 13.92
N SER A 161 -29.15 15.83 12.85
CA SER A 161 -29.66 16.79 11.90
C SER A 161 -30.59 16.13 10.89
N TYR A 162 -31.56 16.91 10.40
CA TYR A 162 -32.49 16.40 9.41
C TYR A 162 -31.85 16.24 8.04
N GLY A 163 -31.02 17.18 7.63
CA GLY A 163 -30.52 17.12 6.26
C GLY A 163 -31.57 17.45 5.21
N PHE A 164 -31.96 18.71 5.15
CA PHE A 164 -33.01 19.13 4.24
C PHE A 164 -32.39 19.52 2.91
N GLN A 165 -32.54 18.68 1.95
CA GLN A 165 -32.15 19.11 0.63
C GLN A 165 -33.38 19.51 -0.17
N PRO A 166 -33.23 20.39 -1.17
CA PRO A 166 -34.39 20.76 -2.00
C PRO A 166 -34.90 19.62 -2.87
N THR A 167 -34.10 18.58 -3.10
CA THR A 167 -34.56 17.40 -3.84
C THR A 167 -35.43 16.44 -3.01
N ASN A 168 -35.62 16.73 -1.72
CA ASN A 168 -36.28 15.78 -0.82
C ASN A 168 -37.72 15.51 -1.26
N GLY A 169 -38.15 14.26 -1.11
CA GLY A 169 -39.56 13.94 -1.21
C GLY A 169 -40.38 14.83 -0.29
N VAL A 170 -41.59 15.19 -0.69
CA VAL A 170 -42.33 16.20 0.07
C VAL A 170 -42.52 15.77 1.52
N GLY A 171 -42.58 14.46 1.78
CA GLY A 171 -42.68 14.00 3.16
C GLY A 171 -41.43 14.25 3.98
N TYR A 172 -40.29 14.47 3.32
CA TYR A 172 -39.02 14.70 3.99
C TYR A 172 -38.56 16.14 3.84
N GLN A 173 -39.42 17.00 3.51
CA GLN A 173 -39.16 18.42 3.43
C GLN A 173 -39.50 19.08 4.75
N PRO A 174 -38.88 20.23 5.01
CA PRO A 174 -39.13 20.91 6.29
C PRO A 174 -40.51 21.53 6.31
N TYR A 175 -41.20 21.36 7.42
CA TYR A 175 -42.41 22.12 7.72
C TYR A 175 -42.22 22.92 9.01
N ARG A 176 -42.79 24.12 9.02
CA ARG A 176 -42.87 24.92 10.22
C ARG A 176 -44.20 24.66 10.91
N VAL A 177 -44.15 24.50 12.23
CA VAL A 177 -45.33 24.18 13.02
C VAL A 177 -45.51 25.26 14.07
N VAL A 178 -46.75 25.71 14.25
CA VAL A 178 -47.12 26.56 15.38
C VAL A 178 -48.23 25.85 16.12
N VAL A 179 -48.06 25.65 17.42
CA VAL A 179 -49.07 25.01 18.25
C VAL A 179 -49.60 26.07 19.20
N LEU A 180 -50.89 26.37 19.10
CA LEU A 180 -51.54 27.27 20.04
C LEU A 180 -52.22 26.45 21.13
N SER A 181 -51.99 26.82 22.38
CA SER A 181 -52.63 26.22 23.53
C SER A 181 -53.47 27.26 24.25
N PHE A 182 -54.69 26.87 24.62
CA PHE A 182 -55.68 27.77 25.18
C PHE A 182 -55.87 27.38 26.65
N GLU A 183 -55.25 28.15 27.52
CA GLU A 183 -55.30 27.91 28.96
C GLU A 183 -56.50 28.65 29.53
N LEU A 184 -57.44 27.94 30.13
CA LEU A 184 -58.62 28.53 30.76
C LEU A 184 -58.50 28.31 32.28
N LEU A 185 -57.91 29.28 32.97
CA LEU A 185 -57.69 29.21 34.41
C LEU A 185 -58.89 29.79 35.16
N HIS A 186 -58.72 29.97 36.47
CA HIS A 186 -59.72 30.60 37.34
C HIS A 186 -59.43 32.08 37.56
N ALA A 187 -58.80 32.73 36.58
CA ALA A 187 -58.46 34.15 36.60
C ALA A 187 -59.17 34.86 35.46
N PRO A 188 -59.17 36.20 35.40
CA PRO A 188 -59.78 36.89 34.28
C PRO A 188 -59.10 36.55 32.95
N ALA A 189 -59.87 36.64 31.87
CA ALA A 189 -59.41 36.27 30.54
C ALA A 189 -58.72 37.44 29.84
N THR A 190 -57.63 37.15 29.15
CA THR A 190 -56.81 38.20 28.54
C THR A 190 -56.72 38.14 27.03
N VAL A 191 -57.03 37.01 26.40
CA VAL A 191 -57.06 36.92 24.94
C VAL A 191 -58.46 36.55 24.51
N CYS A 192 -59.03 37.37 23.62
CA CYS A 192 -60.37 37.16 23.10
C CYS A 192 -60.38 37.53 21.62
N GLY A 193 -61.49 37.26 20.95
CA GLY A 193 -61.66 37.65 19.57
C GLY A 193 -62.46 38.92 19.42
N PRO A 194 -62.68 39.36 18.18
CA PRO A 194 -63.51 40.53 17.88
C PRO A 194 -65.00 40.29 18.17
N GLU B 1 -17.85 -8.85 20.93
CA GLU B 1 -18.53 -9.80 21.81
C GLU B 1 -19.97 -9.37 22.06
N VAL B 2 -20.49 -8.55 21.17
CA VAL B 2 -21.93 -8.38 21.05
C VAL B 2 -22.48 -9.60 20.35
N GLN B 3 -23.51 -10.22 20.91
CA GLN B 3 -24.19 -11.27 20.19
C GLN B 3 -25.68 -11.28 20.50
N LEU B 4 -26.45 -11.66 19.49
CA LEU B 4 -27.89 -11.87 19.62
C LEU B 4 -28.18 -13.31 19.26
N VAL B 5 -28.83 -14.03 20.15
CA VAL B 5 -29.03 -15.46 20.01
C VAL B 5 -30.52 -15.73 19.95
N GLU B 6 -30.99 -16.20 18.81
CA GLU B 6 -32.40 -16.40 18.59
C GLU B 6 -32.80 -17.84 18.87
N SER B 7 -34.09 -18.02 19.13
CA SER B 7 -34.66 -19.35 19.31
C SER B 7 -36.16 -19.25 19.10
N GLY B 8 -36.81 -20.40 19.11
CA GLY B 8 -38.26 -20.49 19.04
C GLY B 8 -38.82 -20.80 17.67
N GLY B 9 -37.99 -20.87 16.63
CA GLY B 9 -38.48 -21.21 15.31
C GLY B 9 -38.76 -22.69 15.14
N GLY B 10 -39.27 -23.04 13.97
CA GLY B 10 -39.55 -24.44 13.70
C GLY B 10 -40.82 -24.58 12.88
N LEU B 11 -41.51 -25.70 13.10
CA LEU B 11 -42.68 -26.08 12.32
C LEU B 11 -43.95 -25.69 13.06
N ILE B 12 -44.92 -25.17 12.32
CA ILE B 12 -46.17 -24.75 12.95
C ILE B 12 -47.31 -24.90 11.94
N GLN B 13 -48.44 -25.40 12.41
CA GLN B 13 -49.56 -25.63 11.51
C GLN B 13 -50.21 -24.30 11.12
N PRO B 14 -50.73 -24.20 9.89
CA PRO B 14 -51.38 -22.95 9.48
C PRO B 14 -52.46 -22.54 10.48
N GLY B 15 -52.48 -21.24 10.79
CA GLY B 15 -53.33 -20.70 11.82
C GLY B 15 -52.83 -20.90 13.22
N GLY B 16 -51.70 -21.58 13.40
CA GLY B 16 -51.11 -21.75 14.71
C GLY B 16 -50.37 -20.52 15.18
N SER B 17 -49.73 -20.67 16.33
CA SER B 17 -49.12 -19.58 17.06
C SER B 17 -47.70 -19.96 17.46
N LEU B 18 -46.85 -18.96 17.65
CA LEU B 18 -45.42 -19.19 17.82
C LEU B 18 -44.79 -17.94 18.41
N ARG B 19 -43.82 -18.13 19.30
CA ARG B 19 -43.10 -17.02 19.93
C ARG B 19 -41.60 -17.18 19.68
N LEU B 20 -41.00 -16.19 19.02
CA LEU B 20 -39.55 -16.13 18.85
C LEU B 20 -38.91 -15.34 19.98
N SER B 21 -37.69 -15.73 20.34
CA SER B 21 -36.90 -15.06 21.36
C SER B 21 -35.55 -14.66 20.78
N CYS B 22 -35.00 -13.57 21.30
CA CYS B 22 -33.70 -13.04 20.91
C CYS B 22 -33.00 -12.62 22.19
N ALA B 23 -31.98 -13.38 22.59
CA ALA B 23 -31.26 -13.14 23.83
C ALA B 23 -29.98 -12.37 23.50
N ALA B 24 -29.84 -11.18 24.04
CA ALA B 24 -28.77 -10.29 23.66
C ALA B 24 -27.70 -10.19 24.74
N SER B 25 -26.48 -9.99 24.30
CA SER B 25 -25.39 -9.60 25.19
C SER B 25 -24.50 -8.60 24.47
N GLY B 26 -23.93 -7.67 25.24
CA GLY B 26 -23.14 -6.58 24.73
C GLY B 26 -23.88 -5.26 24.59
N PHE B 27 -25.16 -5.21 24.94
CA PHE B 27 -25.98 -4.00 24.97
C PHE B 27 -27.27 -4.35 25.69
N ILE B 28 -28.04 -3.32 26.02
CA ILE B 28 -29.25 -3.47 26.82
C ILE B 28 -30.47 -3.23 25.93
N VAL B 29 -31.27 -4.28 25.72
CA VAL B 29 -32.34 -4.17 24.72
C VAL B 29 -33.33 -3.08 25.10
N SER B 30 -33.62 -2.92 26.40
CA SER B 30 -34.60 -1.92 26.81
C SER B 30 -34.12 -0.50 26.56
N ARG B 31 -32.85 -0.32 26.26
CA ARG B 31 -32.32 1.00 25.93
C ARG B 31 -32.15 1.22 24.43
N ASN B 32 -32.56 0.29 23.58
CA ASN B 32 -32.29 0.40 22.16
C ASN B 32 -33.57 0.28 21.32
N TYR B 33 -33.54 0.92 20.15
CA TYR B 33 -34.41 0.48 19.05
C TYR B 33 -34.07 -0.95 18.66
N MET B 34 -35.09 -1.82 18.52
CA MET B 34 -34.89 -3.20 18.11
C MET B 34 -35.90 -3.59 17.03
N ASN B 35 -35.46 -4.39 16.06
CA ASN B 35 -36.31 -4.82 14.94
C ASN B 35 -36.33 -6.33 14.82
N TRP B 36 -37.43 -6.83 14.26
CA TRP B 36 -37.46 -8.13 13.59
C TRP B 36 -37.53 -7.86 12.09
N VAL B 37 -36.65 -8.53 11.33
CA VAL B 37 -36.64 -8.56 9.88
C VAL B 37 -36.76 -10.00 9.44
N ARG B 38 -37.40 -10.24 8.28
CA ARG B 38 -37.59 -11.61 7.81
C ARG B 38 -37.24 -11.74 6.34
N GLN B 39 -36.87 -12.96 5.96
CA GLN B 39 -36.43 -13.27 4.61
C GLN B 39 -37.07 -14.59 4.20
N ALA B 40 -38.02 -14.52 3.26
CA ALA B 40 -38.60 -15.72 2.72
C ALA B 40 -37.54 -16.49 1.93
N PRO B 41 -37.61 -17.82 1.90
CA PRO B 41 -36.59 -18.60 1.18
C PRO B 41 -36.43 -18.14 -0.26
N GLY B 42 -35.19 -17.82 -0.62
CA GLY B 42 -34.86 -17.32 -1.95
C GLY B 42 -35.20 -15.88 -2.24
N LYS B 43 -35.63 -15.10 -1.26
CA LYS B 43 -36.14 -13.76 -1.51
C LYS B 43 -35.39 -12.71 -0.70
N GLY B 44 -35.90 -11.48 -0.73
CA GLY B 44 -35.25 -10.36 -0.09
C GLY B 44 -35.72 -10.12 1.34
N LEU B 45 -35.15 -9.05 1.94
CA LEU B 45 -35.38 -8.73 3.34
C LEU B 45 -36.64 -7.90 3.50
N GLU B 46 -37.48 -8.29 4.47
CA GLU B 46 -38.73 -7.58 4.74
C GLU B 46 -38.74 -7.18 6.21
N TRP B 47 -38.88 -5.89 6.48
CA TRP B 47 -39.00 -5.42 7.84
C TRP B 47 -40.36 -5.83 8.42
N VAL B 48 -40.37 -6.22 9.70
CA VAL B 48 -41.54 -6.81 10.34
C VAL B 48 -42.04 -5.95 11.52
N ALA B 49 -41.18 -5.67 12.51
CA ALA B 49 -41.61 -4.95 13.70
C ALA B 49 -40.46 -4.18 14.35
N LEU B 50 -40.83 -3.11 15.07
CA LEU B 50 -39.87 -2.20 15.68
C LEU B 50 -40.36 -1.77 17.06
N ILE B 51 -39.50 -1.85 18.07
CA ILE B 51 -39.84 -1.36 19.39
C ILE B 51 -38.84 -0.29 19.80
N TYR B 52 -39.36 0.79 20.38
CA TYR B 52 -38.56 1.92 20.87
C TYR B 52 -38.18 1.65 22.33
N SER B 53 -37.07 2.25 22.77
CA SER B 53 -36.75 2.14 24.20
C SER B 53 -37.87 2.70 25.06
N GLY B 54 -38.51 3.79 24.61
CA GLY B 54 -39.64 4.33 25.33
C GLY B 54 -40.88 3.45 25.33
N GLY B 55 -40.91 2.39 24.53
CA GLY B 55 -42.00 1.44 24.56
C GLY B 55 -42.91 1.44 23.37
N SER B 56 -42.79 2.40 22.46
CA SER B 56 -43.67 2.40 21.30
C SER B 56 -43.32 1.26 20.37
N THR B 57 -44.33 0.73 19.68
CA THR B 57 -44.15 -0.38 18.74
C THR B 57 -44.77 -0.03 17.41
N PHE B 58 -44.18 -0.58 16.35
CA PHE B 58 -44.66 -0.41 14.97
C PHE B 58 -44.49 -1.71 14.20
N TYR B 59 -45.31 -1.88 13.15
CA TYR B 59 -45.46 -3.14 12.45
C TYR B 59 -45.63 -2.92 10.95
N ALA B 60 -45.04 -3.82 10.15
CA ALA B 60 -45.38 -3.89 8.73
C ALA B 60 -46.86 -4.17 8.56
N ASP B 61 -47.44 -3.65 7.48
CA ASP B 61 -48.85 -3.90 7.20
C ASP B 61 -49.15 -5.40 7.12
N SER B 62 -48.22 -6.18 6.59
CA SER B 62 -48.51 -7.59 6.34
C SER B 62 -48.60 -8.42 7.60
N VAL B 63 -48.23 -7.87 8.75
CA VAL B 63 -48.31 -8.59 10.02
C VAL B 63 -49.12 -7.85 11.06
N LYS B 64 -49.65 -6.67 10.71
CA LYS B 64 -50.42 -5.85 11.64
C LYS B 64 -51.60 -6.63 12.18
N GLY B 65 -51.77 -6.61 13.51
CA GLY B 65 -52.86 -7.31 14.15
C GLY B 65 -52.60 -8.78 14.40
N ARG B 66 -51.57 -9.35 13.80
CA ARG B 66 -51.20 -10.73 14.09
C ARG B 66 -49.96 -10.88 14.94
N PHE B 67 -48.98 -9.98 14.81
CA PHE B 67 -47.72 -10.07 15.52
C PHE B 67 -47.64 -9.02 16.63
N THR B 68 -46.89 -9.36 17.68
CA THR B 68 -46.64 -8.44 18.80
C THR B 68 -45.17 -8.53 19.18
N ILE B 69 -44.47 -7.38 19.15
CA ILE B 69 -43.08 -7.31 19.58
C ILE B 69 -43.04 -6.81 21.02
N SER B 70 -42.17 -7.40 21.83
CA SER B 70 -42.07 -7.00 23.23
C SER B 70 -40.69 -7.37 23.74
N ARG B 71 -40.48 -7.18 25.03
CA ARG B 71 -39.18 -7.44 25.61
C ARG B 71 -39.32 -7.76 27.08
N ASP B 72 -38.28 -8.38 27.63
CA ASP B 72 -38.16 -8.67 29.06
C ASP B 72 -36.83 -8.07 29.51
N ASN B 73 -36.90 -7.00 30.29
CA ASN B 73 -35.69 -6.29 30.68
C ASN B 73 -34.79 -7.15 31.56
N SER B 74 -35.37 -7.92 32.46
CA SER B 74 -34.55 -8.69 33.40
C SER B 74 -33.74 -9.76 32.67
N LYS B 75 -34.32 -10.40 31.66
CA LYS B 75 -33.62 -11.38 30.85
C LYS B 75 -32.92 -10.77 29.63
N ASN B 76 -32.98 -9.45 29.46
CA ASN B 76 -32.35 -8.78 28.31
C ASN B 76 -32.70 -9.47 26.99
N THR B 77 -33.97 -9.75 26.81
CA THR B 77 -34.44 -10.56 25.70
C THR B 77 -35.56 -9.84 24.97
N LEU B 78 -35.60 -10.02 23.64
CA LEU B 78 -36.62 -9.46 22.76
C LEU B 78 -37.51 -10.59 22.25
N TYR B 79 -38.82 -10.33 22.13
CA TYR B 79 -39.75 -11.38 21.75
C TYR B 79 -40.54 -10.98 20.51
N LEU B 80 -40.98 -11.99 19.76
CA LEU B 80 -41.93 -11.79 18.67
C LEU B 80 -43.01 -12.85 18.80
N GLN B 81 -44.20 -12.42 19.21
CA GLN B 81 -45.37 -13.30 19.29
C GLN B 81 -46.09 -13.27 17.94
N MET B 82 -46.27 -14.44 17.34
CA MET B 82 -46.87 -14.56 16.01
C MET B 82 -48.13 -15.40 16.11
N ASN B 83 -49.28 -14.82 15.83
CA ASN B 83 -50.54 -15.55 15.82
C ASN B 83 -51.09 -15.61 14.41
N SER B 84 -52.00 -16.58 14.19
CA SER B 84 -52.70 -16.76 12.90
C SER B 84 -51.71 -16.88 11.74
N LEU B 85 -50.71 -17.72 11.94
CA LEU B 85 -49.66 -17.86 10.94
C LEU B 85 -50.22 -18.44 9.65
N ARG B 86 -49.77 -17.90 8.51
CA ARG B 86 -50.15 -18.44 7.23
C ARG B 86 -48.89 -18.77 6.43
N ALA B 87 -49.09 -19.50 5.33
CA ALA B 87 -47.95 -19.98 4.54
C ALA B 87 -47.02 -18.86 4.11
N GLU B 88 -47.56 -17.68 3.84
CA GLU B 88 -46.72 -16.58 3.39
C GLU B 88 -45.82 -16.05 4.50
N ASP B 89 -46.01 -16.49 5.75
CA ASP B 89 -45.14 -16.12 6.85
C ASP B 89 -43.90 -17.00 6.97
N THR B 90 -43.74 -18.00 6.11
CA THR B 90 -42.59 -18.89 6.16
C THR B 90 -41.32 -18.12 5.81
N ALA B 91 -40.36 -18.07 6.73
CA ALA B 91 -39.19 -17.23 6.52
C ALA B 91 -38.16 -17.53 7.61
N VAL B 92 -36.95 -17.07 7.36
CA VAL B 92 -35.98 -16.91 8.43
C VAL B 92 -36.23 -15.56 9.08
N TYR B 93 -36.34 -15.56 10.41
CA TYR B 93 -36.62 -14.36 11.18
C TYR B 93 -35.35 -13.92 11.90
N TYR B 94 -34.93 -12.67 11.67
CA TYR B 94 -33.77 -12.09 12.32
C TYR B 94 -34.22 -11.02 13.30
N CYS B 95 -33.59 -10.97 14.47
CA CYS B 95 -33.63 -9.78 15.31
C CYS B 95 -32.40 -8.92 15.02
N ALA B 96 -32.55 -7.61 15.20
CA ALA B 96 -31.41 -6.74 15.00
C ALA B 96 -31.50 -5.52 15.91
N ARG B 97 -30.33 -5.04 16.34
CA ARG B 97 -30.21 -3.78 17.05
C ARG B 97 -30.14 -2.65 16.04
N ASP B 98 -30.92 -1.60 16.28
CA ASP B 98 -31.15 -0.53 15.31
C ASP B 98 -30.60 0.80 15.83
N LEU B 99 -29.59 1.32 15.17
CA LEU B 99 -29.08 2.67 15.46
C LEU B 99 -29.64 3.72 14.51
N VAL B 100 -30.95 3.83 14.40
CA VAL B 100 -31.71 4.19 13.20
C VAL B 100 -30.96 4.96 12.10
N VAL B 101 -30.27 6.04 12.43
CA VAL B 101 -29.50 6.73 11.38
C VAL B 101 -28.19 6.02 11.05
N TYR B 102 -27.74 5.08 11.89
CA TYR B 102 -26.49 4.38 11.68
C TYR B 102 -26.68 2.94 11.20
N GLY B 103 -27.88 2.56 10.81
CA GLY B 103 -28.12 1.25 10.24
C GLY B 103 -28.34 0.19 11.30
N LEU B 104 -28.50 -1.04 10.83
CA LEU B 104 -28.73 -2.19 11.69
C LEU B 104 -27.39 -2.89 11.90
N ASP B 105 -26.75 -2.63 13.03
CA ASP B 105 -25.35 -3.03 13.14
C ASP B 105 -25.14 -4.46 13.64
N TYR B 106 -26.05 -5.01 14.45
CA TYR B 106 -25.91 -6.37 14.91
C TYR B 106 -27.20 -7.13 14.70
N TRP B 107 -27.05 -8.36 14.19
CA TRP B 107 -28.14 -9.26 13.83
C TRP B 107 -27.95 -10.58 14.53
N GLY B 108 -29.06 -11.20 14.92
CA GLY B 108 -29.02 -12.60 15.30
C GLY B 108 -28.65 -13.49 14.12
N GLN B 109 -28.55 -14.79 14.36
CA GLN B 109 -28.18 -15.72 13.30
C GLN B 109 -29.38 -16.15 12.45
N GLY B 110 -30.59 -15.84 12.87
CA GLY B 110 -31.77 -16.21 12.12
C GLY B 110 -32.39 -17.48 12.67
N THR B 111 -33.72 -17.57 12.64
CA THR B 111 -34.41 -18.79 13.02
C THR B 111 -35.49 -19.05 11.96
N LEU B 112 -35.50 -20.26 11.40
CA LEU B 112 -36.41 -20.57 10.30
C LEU B 112 -37.75 -21.00 10.86
N VAL B 113 -38.81 -20.34 10.40
CA VAL B 113 -40.18 -20.67 10.76
C VAL B 113 -40.89 -21.22 9.53
N THR B 114 -41.39 -22.45 9.65
CA THR B 114 -42.04 -23.14 8.54
C THR B 114 -43.49 -23.36 8.93
N VAL B 115 -44.40 -22.74 8.20
CA VAL B 115 -45.82 -22.91 8.48
C VAL B 115 -46.36 -23.86 7.43
N SER B 116 -46.76 -25.04 7.89
CA SER B 116 -47.10 -26.16 7.03
C SER B 116 -47.90 -27.16 7.85
N SER B 117 -48.75 -27.93 7.17
CA SER B 117 -49.51 -28.96 7.85
C SER B 117 -48.79 -30.31 7.87
N ALA B 118 -47.63 -30.41 7.20
CA ALA B 118 -46.94 -31.68 7.14
C ALA B 118 -46.32 -32.01 8.49
N SER B 119 -46.05 -33.31 8.67
CA SER B 119 -45.49 -33.80 9.91
C SER B 119 -43.98 -33.61 9.90
N THR B 120 -43.41 -33.52 11.10
CA THR B 120 -41.96 -33.47 11.23
C THR B 120 -41.40 -34.88 11.18
N LYS B 121 -40.24 -35.04 10.52
CA LYS B 121 -39.61 -36.35 10.37
C LYS B 121 -38.09 -36.24 10.45
N GLY B 122 -37.49 -37.06 11.32
CA GLY B 122 -36.06 -37.11 11.43
C GLY B 122 -35.36 -37.88 10.32
N PRO B 123 -34.15 -37.45 9.97
CA PRO B 123 -33.45 -38.06 8.84
C PRO B 123 -32.85 -39.40 9.18
N SER B 124 -32.65 -40.20 8.14
CA SER B 124 -31.74 -41.32 8.21
C SER B 124 -30.39 -40.86 7.67
N VAL B 125 -29.32 -41.33 8.29
CA VAL B 125 -27.98 -40.95 7.89
C VAL B 125 -27.25 -42.19 7.40
N PHE B 126 -26.63 -42.07 6.23
CA PHE B 126 -25.95 -43.19 5.61
C PHE B 126 -24.56 -42.75 5.17
N PRO B 127 -23.58 -43.64 5.33
CA PRO B 127 -22.22 -43.33 4.90
C PRO B 127 -22.07 -43.41 3.39
N LEU B 128 -21.23 -42.53 2.86
CA LEU B 128 -20.70 -42.57 1.51
C LEU B 128 -19.22 -42.94 1.66
N ALA B 129 -18.94 -44.24 1.60
CA ALA B 129 -17.61 -44.73 1.97
C ALA B 129 -16.56 -44.33 0.92
N PRO B 130 -15.33 -44.09 1.34
CA PRO B 130 -14.27 -43.80 0.37
C PRO B 130 -13.92 -45.06 -0.41
N SER B 131 -13.72 -44.87 -1.72
CA SER B 131 -13.33 -45.94 -2.65
C SER B 131 -11.82 -46.19 -2.54
N SER B 132 -11.28 -46.98 -3.47
CA SER B 132 -9.84 -47.24 -3.54
C SER B 132 -9.24 -46.82 -4.89
N GLY B 137 -2.96 -43.87 -3.89
CA GLY B 137 -2.52 -42.95 -2.86
C GLY B 137 -2.48 -41.47 -3.24
N GLY B 138 -3.66 -40.91 -3.60
CA GLY B 138 -3.84 -39.49 -3.88
C GLY B 138 -4.80 -38.73 -2.96
N THR B 139 -6.04 -38.54 -3.45
CA THR B 139 -7.10 -37.81 -2.77
C THR B 139 -8.37 -38.65 -2.75
N ALA B 140 -8.88 -38.96 -1.56
CA ALA B 140 -10.12 -39.71 -1.47
C ALA B 140 -11.28 -38.76 -1.20
N ALA B 141 -12.49 -39.25 -1.44
CA ALA B 141 -13.69 -38.52 -1.10
C ALA B 141 -14.56 -39.44 -0.26
N LEU B 142 -15.17 -38.87 0.77
CA LEU B 142 -16.11 -39.63 1.58
C LEU B 142 -17.18 -38.65 2.04
N GLY B 143 -18.26 -39.18 2.60
CA GLY B 143 -19.36 -38.31 2.89
C GLY B 143 -20.45 -38.99 3.68
N CYS B 144 -21.53 -38.25 3.86
CA CYS B 144 -22.71 -38.69 4.60
C CYS B 144 -23.92 -38.28 3.78
N LEU B 145 -24.90 -39.17 3.71
CA LEU B 145 -26.14 -38.91 2.99
C LEU B 145 -27.22 -38.75 4.03
N VAL B 146 -27.87 -37.61 4.04
CA VAL B 146 -28.84 -37.26 5.07
C VAL B 146 -30.20 -37.21 4.39
N LYS B 147 -31.02 -38.19 4.72
CA LYS B 147 -32.09 -38.64 3.85
C LYS B 147 -33.45 -38.51 4.54
N ASP B 148 -34.41 -37.90 3.83
CA ASP B 148 -35.84 -37.99 4.16
C ASP B 148 -36.18 -37.33 5.51
N TYR B 149 -35.97 -36.02 5.62
CA TYR B 149 -36.36 -35.29 6.82
C TYR B 149 -37.27 -34.10 6.50
N PHE B 150 -38.00 -33.65 7.51
CA PHE B 150 -38.83 -32.45 7.38
C PHE B 150 -39.07 -31.87 8.76
N PRO B 151 -39.02 -30.54 8.92
CA PRO B 151 -38.68 -29.52 7.92
C PRO B 151 -37.19 -29.23 7.92
N GLU B 152 -36.76 -28.31 7.07
CA GLU B 152 -35.46 -27.68 7.23
C GLU B 152 -35.39 -27.02 8.61
N PRO B 153 -34.18 -26.85 9.17
CA PRO B 153 -32.86 -27.20 8.65
C PRO B 153 -32.24 -28.42 9.34
N VAL B 154 -31.15 -28.94 8.76
CA VAL B 154 -30.22 -29.81 9.48
C VAL B 154 -28.88 -29.11 9.52
N THR B 155 -28.09 -29.43 10.53
CA THR B 155 -26.71 -28.99 10.58
C THR B 155 -25.82 -30.22 10.45
N VAL B 156 -24.73 -30.05 9.71
CA VAL B 156 -23.75 -31.12 9.54
C VAL B 156 -22.37 -30.57 9.85
N SER B 157 -21.59 -31.32 10.61
CA SER B 157 -20.19 -31.02 10.80
C SER B 157 -19.43 -32.32 10.75
N TRP B 158 -18.11 -32.21 10.68
CA TRP B 158 -17.22 -33.38 10.63
C TRP B 158 -16.27 -33.38 11.83
N ASN B 159 -16.18 -34.53 12.49
CA ASN B 159 -15.27 -34.75 13.60
C ASN B 159 -15.48 -33.69 14.68
N SER B 160 -16.75 -33.45 15.00
CA SER B 160 -17.15 -32.49 16.04
C SER B 160 -16.57 -31.10 15.78
N GLY B 161 -16.49 -30.69 14.52
CA GLY B 161 -16.01 -29.36 14.18
C GLY B 161 -14.53 -29.29 13.89
N ALA B 162 -13.76 -30.33 14.21
CA ALA B 162 -12.31 -30.31 14.00
C ALA B 162 -11.92 -30.36 12.53
N LEU B 163 -12.79 -30.87 11.66
CA LEU B 163 -12.49 -31.02 10.23
C LEU B 163 -13.36 -30.06 9.43
N THR B 164 -12.73 -29.07 8.79
CA THR B 164 -13.45 -28.07 8.00
C THR B 164 -12.88 -27.87 6.61
N SER B 165 -11.61 -28.18 6.37
CA SER B 165 -11.04 -27.99 5.03
C SER B 165 -11.55 -29.06 4.08
N GLY B 166 -12.00 -28.63 2.90
CA GLY B 166 -12.48 -29.59 1.93
C GLY B 166 -13.84 -30.17 2.22
N VAL B 167 -14.57 -29.63 3.20
CA VAL B 167 -15.95 -30.04 3.44
C VAL B 167 -16.87 -29.29 2.49
N HIS B 168 -17.83 -30.00 1.90
CA HIS B 168 -18.92 -29.38 1.15
C HIS B 168 -20.22 -30.01 1.64
N THR B 169 -21.05 -29.21 2.26
CA THR B 169 -22.39 -29.63 2.64
C THR B 169 -23.36 -28.99 1.65
N PHE B 170 -24.05 -29.82 0.90
CA PHE B 170 -24.88 -29.33 -0.18
C PHE B 170 -26.22 -28.81 0.32
N PRO B 171 -26.76 -27.79 -0.34
CA PRO B 171 -28.15 -27.40 -0.09
C PRO B 171 -29.08 -28.59 -0.26
N ALA B 172 -30.06 -28.70 0.63
CA ALA B 172 -31.02 -29.79 0.57
C ALA B 172 -31.84 -29.70 -0.70
N VAL B 173 -32.40 -30.84 -1.11
CA VAL B 173 -33.37 -30.87 -2.20
C VAL B 173 -34.66 -31.48 -1.66
N LEU B 174 -35.78 -30.86 -2.02
CA LEU B 174 -37.07 -31.46 -1.74
C LEU B 174 -37.33 -32.58 -2.75
N GLN B 175 -37.69 -33.75 -2.24
CA GLN B 175 -38.01 -34.90 -3.06
C GLN B 175 -39.51 -34.95 -3.28
N SER B 176 -39.92 -35.64 -4.36
CA SER B 176 -41.34 -35.72 -4.70
C SER B 176 -42.18 -36.27 -3.55
N SER B 177 -41.54 -36.96 -2.60
CA SER B 177 -42.22 -37.41 -1.40
C SER B 177 -42.57 -36.27 -0.45
N GLY B 178 -42.08 -35.06 -0.70
CA GLY B 178 -42.26 -33.97 0.23
C GLY B 178 -41.23 -33.89 1.34
N LEU B 179 -40.19 -34.72 1.30
CA LEU B 179 -39.15 -34.79 2.31
C LEU B 179 -37.83 -34.27 1.76
N TYR B 180 -37.02 -33.68 2.64
CA TYR B 180 -35.73 -33.18 2.19
C TYR B 180 -34.67 -34.29 2.20
N SER B 181 -33.60 -34.03 1.46
CA SER B 181 -32.48 -34.94 1.42
C SER B 181 -31.24 -34.13 1.06
N LEU B 182 -30.09 -34.45 1.66
CA LEU B 182 -28.86 -33.77 1.26
C LEU B 182 -27.64 -34.65 1.51
N SER B 183 -26.53 -34.19 0.94
CA SER B 183 -25.23 -34.80 1.11
C SER B 183 -24.25 -33.81 1.71
N SER B 184 -23.30 -34.33 2.47
CA SER B 184 -22.11 -33.59 2.88
C SER B 184 -20.90 -34.46 2.60
N VAL B 185 -19.90 -33.90 1.92
CA VAL B 185 -18.74 -34.65 1.48
C VAL B 185 -17.48 -33.93 1.93
N VAL B 186 -16.39 -34.68 2.03
CA VAL B 186 -15.09 -34.10 2.32
C VAL B 186 -14.04 -34.88 1.54
N THR B 187 -13.02 -34.18 1.08
CA THR B 187 -11.87 -34.82 0.44
C THR B 187 -10.66 -34.73 1.35
N VAL B 188 -9.97 -35.86 1.51
CA VAL B 188 -8.85 -36.01 2.42
C VAL B 188 -7.76 -36.78 1.68
N PRO B 189 -6.53 -36.76 2.19
CA PRO B 189 -5.49 -37.60 1.61
C PRO B 189 -5.84 -39.08 1.72
N SER B 190 -5.53 -39.85 0.67
CA SER B 190 -5.75 -41.29 0.70
C SER B 190 -4.97 -41.94 1.83
N SER B 191 -3.76 -41.47 2.06
CA SER B 191 -2.88 -42.07 3.06
C SER B 191 -3.46 -41.99 4.47
N SER B 192 -4.48 -41.16 4.70
CA SER B 192 -5.08 -41.04 6.02
C SER B 192 -6.31 -41.92 6.20
N LEU B 193 -6.68 -42.73 5.19
CA LEU B 193 -7.89 -43.56 5.30
C LEU B 193 -7.75 -44.63 6.38
N GLY B 194 -6.60 -45.26 6.50
CA GLY B 194 -6.50 -46.18 7.62
C GLY B 194 -6.11 -45.56 8.98
N THR B 195 -5.76 -44.28 9.02
CA THR B 195 -5.13 -43.74 10.21
C THR B 195 -5.92 -42.64 10.90
N GLN B 196 -6.98 -42.13 10.29
CA GLN B 196 -7.77 -41.05 10.85
C GLN B 196 -9.23 -41.45 10.71
N THR B 197 -10.00 -41.35 11.78
CA THR B 197 -11.42 -41.65 11.72
C THR B 197 -12.22 -40.42 11.27
N TYR B 198 -13.33 -40.69 10.61
CA TYR B 198 -14.16 -39.65 10.01
C TYR B 198 -15.58 -39.88 10.46
N ILE B 199 -16.16 -38.88 11.09
CA ILE B 199 -17.47 -38.96 11.69
C ILE B 199 -18.21 -37.70 11.25
N CYS B 200 -19.39 -37.87 10.65
CA CYS B 200 -20.21 -36.70 10.38
C CYS B 200 -21.22 -36.59 11.51
N ASN B 201 -21.41 -35.35 11.97
CA ASN B 201 -22.29 -35.04 13.11
C ASN B 201 -23.50 -34.34 12.54
N VAL B 202 -24.64 -34.99 12.65
CA VAL B 202 -25.86 -34.53 12.00
C VAL B 202 -26.85 -34.19 13.09
N ASN B 203 -27.39 -32.99 13.02
CA ASN B 203 -28.37 -32.51 14.00
C ASN B 203 -29.58 -31.97 13.26
N HIS B 204 -30.75 -32.47 13.62
CA HIS B 204 -32.03 -32.01 13.09
C HIS B 204 -32.84 -31.56 14.30
N LYS B 205 -32.78 -30.26 14.60
CA LYS B 205 -33.45 -29.77 15.81
C LYS B 205 -34.96 -30.01 15.82
N PRO B 206 -35.72 -29.80 14.73
CA PRO B 206 -37.18 -29.96 14.80
C PRO B 206 -37.65 -31.35 15.21
N SER B 207 -36.86 -32.39 14.97
CA SER B 207 -37.18 -33.73 15.46
C SER B 207 -36.32 -34.15 16.64
N ASN B 208 -35.47 -33.26 17.15
CA ASN B 208 -34.52 -33.60 18.19
C ASN B 208 -33.74 -34.87 17.85
N THR B 209 -33.40 -35.02 16.57
CA THR B 209 -32.58 -36.13 16.09
C THR B 209 -31.12 -35.71 16.09
N LYS B 210 -30.29 -36.50 16.75
CA LYS B 210 -28.85 -36.31 16.74
C LYS B 210 -28.19 -37.61 16.32
N VAL B 211 -27.33 -37.54 15.32
CA VAL B 211 -26.70 -38.73 14.77
C VAL B 211 -25.23 -38.44 14.53
N ASP B 212 -24.37 -39.32 15.01
CA ASP B 212 -22.96 -39.30 14.64
C ASP B 212 -22.71 -40.60 13.88
N LYS B 213 -22.24 -40.49 12.64
CA LYS B 213 -22.09 -41.65 11.77
C LYS B 213 -20.62 -41.79 11.41
N ARG B 214 -20.03 -42.92 11.77
CA ARG B 214 -18.65 -43.17 11.40
C ARG B 214 -18.61 -43.63 9.94
N VAL B 215 -17.68 -43.08 9.16
CA VAL B 215 -17.59 -43.38 7.74
C VAL B 215 -16.23 -44.02 7.50
N GLU B 216 -16.20 -45.34 7.41
CA GLU B 216 -15.12 -46.32 7.30
C GLU B 216 -14.96 -46.77 5.84
N PRO B 217 -13.71 -46.99 5.36
CA PRO B 217 -13.42 -47.38 3.96
C PRO B 217 -14.10 -48.66 3.53
N ALA C 1 -44.27 4.08 0.18
CA ALA C 1 -43.88 5.46 -0.04
C ALA C 1 -42.57 5.51 -0.83
N ILE C 2 -41.48 5.04 -0.21
CA ILE C 2 -40.20 4.91 -0.88
C ILE C 2 -40.05 3.50 -1.43
N GLN C 3 -39.80 3.40 -2.73
CA GLN C 3 -39.31 2.16 -3.34
C GLN C 3 -37.83 2.31 -3.65
N LEU C 4 -37.05 1.29 -3.33
CA LEU C 4 -35.63 1.26 -3.68
C LEU C 4 -35.37 0.18 -4.73
N THR C 5 -34.70 0.55 -5.80
CA THR C 5 -34.45 -0.38 -6.91
C THR C 5 -32.97 -0.49 -7.16
N GLN C 6 -32.44 -1.70 -7.02
CA GLN C 6 -31.03 -1.94 -7.22
C GLN C 6 -30.74 -2.33 -8.66
N SER C 7 -29.52 -2.09 -9.06
CA SER C 7 -29.15 -2.32 -10.45
C SER C 7 -27.65 -2.56 -10.52
N PRO C 8 -27.19 -3.62 -11.22
CA PRO C 8 -28.01 -4.63 -11.89
C PRO C 8 -28.53 -5.64 -10.89
N SER C 9 -29.30 -6.63 -11.33
CA SER C 9 -29.80 -7.63 -10.37
C SER C 9 -28.78 -8.70 -10.06
N SER C 10 -27.81 -8.94 -10.94
CA SER C 10 -26.70 -9.82 -10.66
C SER C 10 -25.56 -9.46 -11.60
N LEU C 11 -24.38 -9.99 -11.32
CA LEU C 11 -23.20 -9.49 -11.98
C LEU C 11 -22.00 -10.36 -11.58
N SER C 12 -21.03 -10.47 -12.49
CA SER C 12 -19.82 -11.24 -12.23
C SER C 12 -18.61 -10.42 -12.64
N ALA C 13 -17.52 -10.60 -11.90
CA ALA C 13 -16.31 -9.81 -12.12
C ALA C 13 -15.14 -10.55 -11.51
N SER C 14 -13.95 -10.24 -12.02
CA SER C 14 -12.76 -10.97 -11.64
C SER C 14 -12.08 -10.32 -10.45
N VAL C 15 -11.27 -11.11 -9.75
CA VAL C 15 -10.47 -10.57 -8.67
C VAL C 15 -9.64 -9.42 -9.21
N GLY C 16 -9.62 -8.32 -8.45
CA GLY C 16 -8.91 -7.12 -8.84
C GLY C 16 -9.73 -6.10 -9.61
N ASP C 17 -10.90 -6.49 -10.13
CA ASP C 17 -11.75 -5.52 -10.82
C ASP C 17 -12.33 -4.51 -9.82
N ARG C 18 -12.84 -3.40 -10.37
CA ARG C 18 -13.58 -2.39 -9.63
C ARG C 18 -15.06 -2.57 -9.96
N VAL C 19 -15.88 -2.81 -8.94
CA VAL C 19 -17.29 -3.17 -9.11
C VAL C 19 -18.14 -2.03 -8.57
N THR C 20 -19.27 -1.79 -9.24
CA THR C 20 -20.18 -0.73 -8.83
C THR C 20 -21.62 -1.24 -8.93
N ILE C 21 -22.35 -1.18 -7.82
CA ILE C 21 -23.77 -1.42 -7.76
C ILE C 21 -24.44 -0.08 -7.52
N THR C 22 -25.61 0.12 -8.11
CA THR C 22 -26.38 1.33 -7.86
C THR C 22 -27.68 0.98 -7.18
N CYS C 23 -28.20 1.95 -6.44
CA CYS C 23 -29.51 1.87 -5.80
C CYS C 23 -30.20 3.17 -6.14
N ARG C 24 -31.45 3.08 -6.54
CA ARG C 24 -32.21 4.23 -6.99
C ARG C 24 -33.44 4.33 -6.11
N ALA C 25 -33.64 5.49 -5.48
CA ALA C 25 -34.78 5.72 -4.60
C ALA C 25 -35.86 6.47 -5.36
N SER C 26 -37.11 6.04 -5.20
CA SER C 26 -38.22 6.62 -5.94
C SER C 26 -38.44 8.11 -5.62
N GLN C 27 -37.98 8.58 -4.46
CA GLN C 27 -38.01 10.00 -4.11
C GLN C 27 -36.71 10.34 -3.41
N GLY C 28 -36.42 11.63 -3.24
CA GLY C 28 -35.20 12.03 -2.57
C GLY C 28 -35.22 11.67 -1.10
N ILE C 29 -34.25 10.86 -0.65
CA ILE C 29 -34.10 10.44 0.74
C ILE C 29 -32.84 11.04 1.37
N SER C 30 -32.14 11.82 0.59
CA SER C 30 -31.09 12.79 0.85
C SER C 30 -29.73 12.28 1.27
N SER C 31 -29.60 11.41 2.26
CA SER C 31 -28.36 10.62 2.40
C SER C 31 -28.62 9.43 3.32
N HIS C 32 -29.88 9.14 3.59
CA HIS C 32 -30.28 8.12 4.56
C HIS C 32 -30.35 6.75 3.87
N LEU C 33 -29.18 6.23 3.57
CA LEU C 33 -29.08 4.93 2.91
C LEU C 33 -27.93 4.14 3.49
N ALA C 34 -28.15 2.84 3.68
CA ALA C 34 -27.13 1.93 4.17
C ALA C 34 -26.97 0.80 3.15
N TRP C 35 -25.79 0.16 3.18
CA TRP C 35 -25.47 -0.99 2.34
C TRP C 35 -25.11 -2.18 3.22
N TYR C 36 -25.65 -3.35 2.86
CA TYR C 36 -25.41 -4.59 3.57
C TYR C 36 -24.91 -5.65 2.61
N GLN C 37 -24.09 -6.55 3.15
CA GLN C 37 -23.58 -7.71 2.43
C GLN C 37 -24.15 -8.96 3.08
N GLN C 38 -24.77 -9.82 2.28
CA GLN C 38 -25.26 -11.08 2.82
C GLN C 38 -24.64 -12.24 2.07
N LYS C 39 -23.92 -13.09 2.80
CA LYS C 39 -23.28 -14.35 2.44
C LYS C 39 -24.25 -15.50 2.71
N PRO C 40 -24.25 -16.55 1.90
CA PRO C 40 -25.26 -17.61 2.05
C PRO C 40 -25.32 -18.18 3.46
N GLY C 41 -26.54 -18.31 3.98
CA GLY C 41 -26.76 -18.84 5.29
C GLY C 41 -26.52 -17.88 6.44
N LYS C 42 -26.08 -16.65 6.17
CA LYS C 42 -25.68 -15.72 7.22
C LYS C 42 -26.60 -14.51 7.26
N ALA C 43 -26.57 -13.81 8.39
CA ALA C 43 -27.29 -12.56 8.50
C ALA C 43 -26.61 -11.49 7.64
N PRO C 44 -27.37 -10.53 7.13
CA PRO C 44 -26.74 -9.36 6.50
C PRO C 44 -25.75 -8.69 7.46
N LYS C 45 -24.69 -8.14 6.89
CA LYS C 45 -23.64 -7.44 7.62
C LYS C 45 -23.58 -6.01 7.12
N LEU C 46 -23.67 -5.06 8.05
CA LEU C 46 -23.64 -3.64 7.70
C LEU C 46 -22.27 -3.23 7.14
N LEU C 47 -22.27 -2.54 5.99
CA LEU C 47 -21.06 -2.06 5.35
C LEU C 47 -20.92 -0.55 5.38
N ILE C 48 -22.01 0.17 5.11
CA ILE C 48 -22.01 1.61 4.89
C ILE C 48 -23.31 2.16 5.47
N PHE C 49 -23.23 3.28 6.17
CA PHE C 49 -24.43 3.98 6.58
C PHE C 49 -24.27 5.45 6.26
N ALA C 50 -25.39 6.18 6.27
CA ALA C 50 -25.41 7.58 5.84
C ALA C 50 -24.80 7.76 4.45
N ALA C 51 -24.93 6.72 3.63
CA ALA C 51 -24.56 6.66 2.22
C ALA C 51 -23.07 6.64 1.91
N SER C 52 -22.20 7.03 2.86
CA SER C 52 -20.78 6.95 2.58
C SER C 52 -19.90 6.66 3.80
N THR C 53 -20.45 6.44 4.98
CA THR C 53 -19.63 6.19 6.15
C THR C 53 -19.35 4.70 6.28
N LEU C 54 -18.08 4.34 6.26
CA LEU C 54 -17.67 2.96 6.44
C LEU C 54 -17.97 2.50 7.86
N GLN C 55 -18.74 1.42 7.99
CA GLN C 55 -18.94 0.81 9.30
C GLN C 55 -17.61 0.27 9.83
N SER C 56 -17.41 0.41 11.15
CA SER C 56 -16.14 0.03 11.77
C SER C 56 -15.80 -1.44 11.54
N GLY C 57 -14.55 -1.68 11.12
CA GLY C 57 -14.06 -3.01 10.85
C GLY C 57 -14.16 -3.42 9.40
N VAL C 58 -14.89 -2.68 8.60
CA VAL C 58 -15.16 -3.07 7.21
C VAL C 58 -13.99 -2.65 6.34
N PRO C 59 -13.50 -3.52 5.46
CA PRO C 59 -12.34 -3.18 4.63
C PRO C 59 -12.58 -1.93 3.78
N SER C 60 -11.55 -1.09 3.70
CA SER C 60 -11.62 0.19 3.02
C SER C 60 -11.82 0.08 1.51
N ARG C 61 -11.66 -1.12 0.93
CA ARG C 61 -12.01 -1.23 -0.48
C ARG C 61 -13.50 -1.04 -0.75
N PHE C 62 -14.33 -1.01 0.30
CA PHE C 62 -15.75 -0.71 0.17
C PHE C 62 -15.98 0.78 0.39
N SER C 63 -16.74 1.41 -0.51
CA SER C 63 -17.07 2.81 -0.36
C SER C 63 -18.41 3.07 -1.01
N GLY C 64 -19.10 4.11 -0.52
CA GLY C 64 -20.38 4.48 -1.06
C GLY C 64 -20.43 5.97 -1.34
N SER C 65 -21.42 6.37 -2.12
CA SER C 65 -21.57 7.77 -2.49
C SER C 65 -22.98 8.01 -2.99
N GLY C 66 -23.26 9.26 -3.35
CA GLY C 66 -24.56 9.64 -3.83
C GLY C 66 -25.40 10.29 -2.74
N SER C 67 -26.49 10.89 -3.16
CA SER C 67 -27.39 11.60 -2.27
C SER C 67 -28.64 11.95 -3.06
N GLY C 68 -29.74 12.12 -2.36
CA GLY C 68 -30.98 12.36 -3.06
C GLY C 68 -31.67 11.08 -3.48
N THR C 69 -31.53 10.70 -4.76
CA THR C 69 -32.17 9.51 -5.30
C THR C 69 -31.19 8.45 -5.82
N ASP C 70 -29.97 8.82 -6.23
CA ASP C 70 -29.04 7.90 -6.88
C ASP C 70 -27.84 7.62 -5.98
N PHE C 71 -27.66 6.36 -5.59
CA PHE C 71 -26.55 5.96 -4.74
C PHE C 71 -25.77 4.82 -5.38
N THR C 72 -24.50 4.70 -4.99
CA THR C 72 -23.62 3.68 -5.53
C THR C 72 -22.79 3.07 -4.42
N LEU C 73 -22.58 1.76 -4.50
CA LEU C 73 -21.59 1.07 -3.70
C LEU C 73 -20.47 0.64 -4.64
N THR C 74 -19.23 0.79 -4.18
CA THR C 74 -18.05 0.50 -4.98
C THR C 74 -17.14 -0.43 -4.20
N ILE C 75 -16.65 -1.47 -4.87
CA ILE C 75 -15.54 -2.26 -4.35
C ILE C 75 -14.34 -1.94 -5.23
N SER C 76 -13.31 -1.34 -4.63
CA SER C 76 -12.18 -0.86 -5.43
C SER C 76 -11.41 -2.03 -6.06
N SER C 77 -11.08 -3.05 -5.28
CA SER C 77 -10.34 -4.21 -5.78
C SER C 77 -10.99 -5.50 -5.28
N LEU C 78 -11.81 -6.11 -6.13
CA LEU C 78 -12.64 -7.24 -5.72
C LEU C 78 -11.80 -8.38 -5.18
N GLN C 79 -12.29 -9.03 -4.11
CA GLN C 79 -11.66 -10.17 -3.48
C GLN C 79 -12.58 -11.39 -3.54
N PRO C 80 -12.03 -12.60 -3.53
CA PRO C 80 -12.90 -13.80 -3.62
C PRO C 80 -13.96 -13.85 -2.54
N GLU C 81 -13.65 -13.38 -1.34
CA GLU C 81 -14.64 -13.42 -0.25
C GLU C 81 -15.74 -12.38 -0.40
N ASP C 82 -15.70 -11.52 -1.44
CA ASP C 82 -16.75 -10.55 -1.68
C ASP C 82 -17.93 -11.14 -2.44
N PHE C 83 -17.89 -12.43 -2.75
CA PHE C 83 -19.08 -13.11 -3.26
C PHE C 83 -20.20 -12.96 -2.25
N ALA C 84 -21.31 -12.33 -2.65
CA ALA C 84 -22.46 -12.16 -1.77
C ALA C 84 -23.61 -11.55 -2.55
N THR C 85 -24.75 -11.44 -1.88
CA THR C 85 -25.82 -10.55 -2.30
C THR C 85 -25.75 -9.29 -1.44
N TYR C 86 -25.83 -8.14 -2.09
CA TYR C 86 -25.73 -6.83 -1.44
C TYR C 86 -27.09 -6.13 -1.47
N TYR C 87 -27.48 -5.55 -0.34
CA TYR C 87 -28.77 -4.87 -0.21
C TYR C 87 -28.55 -3.43 0.23
N CYS C 88 -29.35 -2.52 -0.31
CA CYS C 88 -29.40 -1.18 0.23
C CYS C 88 -30.66 -1.05 1.09
N GLN C 89 -30.62 -0.12 2.05
CA GLN C 89 -31.75 0.10 2.94
C GLN C 89 -31.99 1.59 3.08
N HIS C 90 -33.26 1.98 3.16
CA HIS C 90 -33.64 3.35 3.47
C HIS C 90 -33.52 3.55 4.98
N LEU C 91 -32.55 4.34 5.41
CA LEU C 91 -32.36 4.65 6.83
C LEU C 91 -33.42 5.67 7.24
N ASN C 92 -34.65 5.18 7.40
CA ASN C 92 -35.75 6.05 7.72
C ASN C 92 -35.81 6.29 9.23
N SER C 93 -35.81 7.56 9.63
CA SER C 93 -35.83 7.79 11.08
C SER C 93 -37.24 7.73 11.63
N ASN C 94 -38.23 7.46 10.79
CA ASN C 94 -39.54 6.98 11.20
C ASN C 94 -39.84 5.69 10.43
N PRO C 95 -40.71 4.85 10.94
CA PRO C 95 -40.94 3.55 10.32
C PRO C 95 -41.97 3.57 9.20
N PRO C 96 -41.58 3.43 7.96
CA PRO C 96 -41.28 2.09 7.44
C PRO C 96 -39.80 2.13 7.06
N ILE C 97 -39.01 1.13 7.31
CA ILE C 97 -37.76 1.02 6.56
C ILE C 97 -38.06 0.14 5.36
N THR C 98 -37.31 0.29 4.27
CA THR C 98 -37.43 -0.64 3.16
C THR C 98 -36.03 -1.00 2.70
N PHE C 99 -35.97 -2.09 1.98
CA PHE C 99 -34.75 -2.63 1.41
C PHE C 99 -34.90 -2.75 -0.10
N GLY C 100 -33.79 -2.63 -0.81
CA GLY C 100 -33.80 -3.00 -2.21
C GLY C 100 -33.94 -4.50 -2.35
N GLN C 101 -34.07 -4.93 -3.60
CA GLN C 101 -34.34 -6.33 -3.88
C GLN C 101 -33.08 -7.18 -3.89
N GLY C 102 -31.92 -6.57 -3.91
CA GLY C 102 -30.72 -7.37 -3.83
C GLY C 102 -29.97 -7.36 -5.14
N THR C 103 -28.66 -7.51 -5.04
CA THR C 103 -27.78 -7.57 -6.19
C THR C 103 -26.81 -8.69 -5.93
N ARG C 104 -26.85 -9.73 -6.78
CA ARG C 104 -26.04 -10.90 -6.55
C ARG C 104 -24.70 -10.71 -7.25
N LEU C 105 -23.62 -10.95 -6.54
CA LEU C 105 -22.27 -10.73 -7.04
C LEU C 105 -21.54 -12.06 -7.00
N GLU C 106 -21.07 -12.51 -8.16
CA GLU C 106 -20.26 -13.72 -8.24
C GLU C 106 -18.90 -13.40 -8.83
N ILE C 107 -17.91 -14.20 -8.46
CA ILE C 107 -16.52 -14.00 -8.89
C ILE C 107 -16.29 -14.77 -10.19
N LYS C 108 -15.72 -14.09 -11.18
CA LYS C 108 -15.23 -14.73 -12.39
C LYS C 108 -13.78 -15.16 -12.17
N ARG C 109 -13.42 -16.29 -12.76
CA ARG C 109 -12.07 -16.84 -12.63
C ARG C 109 -11.79 -17.74 -13.83
N THR C 110 -10.70 -18.49 -13.76
CA THR C 110 -10.27 -19.36 -14.85
C THR C 110 -10.94 -20.72 -14.75
N VAL C 111 -11.22 -21.30 -15.91
CA VAL C 111 -11.82 -22.63 -16.00
C VAL C 111 -11.06 -23.61 -15.13
N ALA C 112 -11.78 -24.39 -14.33
CA ALA C 112 -11.22 -25.49 -13.58
C ALA C 112 -12.08 -26.73 -13.81
N ALA C 113 -11.45 -27.81 -13.99
CA ALA C 113 -12.30 -28.94 -14.30
C ALA C 113 -12.66 -29.72 -13.03
N PRO C 114 -13.80 -30.43 -13.03
CA PRO C 114 -14.21 -31.12 -11.81
C PRO C 114 -13.51 -32.46 -11.62
N SER C 115 -13.17 -32.76 -10.37
CA SER C 115 -12.86 -34.12 -9.95
C SER C 115 -14.16 -34.86 -9.70
N VAL C 116 -14.29 -36.07 -10.25
CA VAL C 116 -15.54 -36.81 -10.20
C VAL C 116 -15.36 -38.07 -9.36
N PHE C 117 -16.39 -38.40 -8.57
CA PHE C 117 -16.42 -39.57 -7.72
C PHE C 117 -17.83 -40.15 -7.73
N ILE C 118 -17.94 -41.46 -7.63
CA ILE C 118 -19.26 -42.09 -7.54
C ILE C 118 -19.29 -42.94 -6.29
N PHE C 119 -20.45 -42.97 -5.64
CA PHE C 119 -20.61 -43.71 -4.39
C PHE C 119 -21.78 -44.66 -4.56
N PRO C 120 -21.59 -45.95 -4.40
CA PRO C 120 -22.72 -46.90 -4.43
C PRO C 120 -23.56 -46.76 -3.18
N PRO C 121 -24.79 -47.25 -3.19
CA PRO C 121 -25.62 -47.18 -1.98
C PRO C 121 -24.98 -47.99 -0.87
N SER C 122 -25.10 -47.49 0.36
CA SER C 122 -24.60 -48.23 1.51
C SER C 122 -25.48 -49.43 1.79
N ASP C 123 -24.89 -50.43 2.46
CA ASP C 123 -25.66 -51.62 2.83
C ASP C 123 -26.75 -51.29 3.83
N GLU C 124 -26.51 -50.31 4.71
CA GLU C 124 -27.55 -49.89 5.65
C GLU C 124 -28.79 -49.40 4.91
N GLN C 125 -28.60 -48.56 3.89
CA GLN C 125 -29.75 -48.10 3.13
C GLN C 125 -30.48 -49.26 2.45
N LEU C 126 -29.73 -50.19 1.84
CA LEU C 126 -30.37 -51.31 1.15
C LEU C 126 -31.19 -52.14 2.13
N LYS C 127 -30.66 -52.37 3.34
CA LYS C 127 -31.43 -53.03 4.38
C LYS C 127 -32.79 -52.35 4.59
N SER C 128 -32.86 -51.03 4.38
CA SER C 128 -34.13 -50.34 4.60
C SER C 128 -35.11 -50.57 3.45
N GLY C 129 -34.64 -50.52 2.20
CA GLY C 129 -35.53 -50.80 1.08
C GLY C 129 -35.38 -49.88 -0.11
N THR C 130 -34.39 -48.99 -0.02
CA THR C 130 -34.13 -48.00 -1.05
C THR C 130 -32.63 -47.98 -1.32
N ALA C 131 -32.25 -47.50 -2.49
CA ALA C 131 -30.86 -47.33 -2.88
C ALA C 131 -30.68 -45.96 -3.50
N SER C 132 -29.72 -45.20 -3.01
CA SER C 132 -29.31 -43.96 -3.64
C SER C 132 -27.89 -44.13 -4.14
N VAL C 133 -27.61 -43.52 -5.27
CA VAL C 133 -26.28 -43.53 -5.86
C VAL C 133 -25.92 -42.07 -5.99
N VAL C 134 -24.69 -41.73 -5.63
CA VAL C 134 -24.32 -40.34 -5.52
C VAL C 134 -23.12 -40.09 -6.41
N CYS C 135 -23.21 -39.03 -7.20
CA CYS C 135 -22.10 -38.60 -8.04
C CYS C 135 -21.72 -37.22 -7.55
N LEU C 136 -20.41 -36.98 -7.42
CA LEU C 136 -19.86 -35.76 -6.88
C LEU C 136 -18.95 -35.12 -7.92
N LEU C 137 -19.24 -33.87 -8.26
CA LEU C 137 -18.31 -33.02 -9.01
C LEU C 137 -17.74 -31.97 -8.05
N ASN C 138 -16.41 -31.92 -7.95
CA ASN C 138 -15.72 -31.19 -6.90
C ASN C 138 -14.85 -30.09 -7.50
N ASN C 139 -15.08 -28.84 -7.07
CA ASN C 139 -14.17 -27.72 -7.30
C ASN C 139 -13.98 -27.40 -8.80
N PHE C 140 -15.06 -27.03 -9.45
CA PHE C 140 -14.98 -26.66 -10.86
C PHE C 140 -15.44 -25.22 -11.06
N TYR C 141 -15.04 -24.64 -12.19
CA TYR C 141 -15.56 -23.38 -12.68
C TYR C 141 -15.57 -23.48 -14.19
N PRO C 142 -16.63 -23.03 -14.86
CA PRO C 142 -17.80 -22.33 -14.35
C PRO C 142 -18.92 -23.27 -13.91
N ARG C 143 -20.04 -22.67 -13.50
CA ARG C 143 -21.10 -23.43 -12.84
C ARG C 143 -21.80 -24.42 -13.76
N GLU C 144 -21.81 -24.20 -15.07
CA GLU C 144 -22.56 -25.05 -15.98
C GLU C 144 -21.85 -26.39 -16.14
N ALA C 145 -22.59 -27.46 -15.94
CA ALA C 145 -22.04 -28.80 -15.99
C ALA C 145 -23.18 -29.76 -16.25
N LYS C 146 -22.91 -30.79 -17.03
CA LYS C 146 -23.92 -31.77 -17.40
C LYS C 146 -23.55 -33.10 -16.75
N VAL C 147 -24.51 -33.70 -16.05
CA VAL C 147 -24.33 -35.00 -15.42
C VAL C 147 -25.38 -35.95 -15.96
N GLN C 148 -24.94 -37.05 -16.58
CA GLN C 148 -25.82 -38.04 -17.17
C GLN C 148 -25.68 -39.37 -16.43
N TRP C 149 -26.77 -39.84 -15.83
CA TRP C 149 -26.78 -41.19 -15.26
C TRP C 149 -27.02 -42.24 -16.34
N LYS C 150 -26.24 -43.31 -16.31
CA LYS C 150 -26.36 -44.44 -17.23
C LYS C 150 -26.44 -45.72 -16.41
N VAL C 151 -27.45 -46.54 -16.67
CA VAL C 151 -27.71 -47.78 -15.95
C VAL C 151 -27.79 -48.92 -16.96
N ASP C 152 -26.76 -49.79 -16.97
CA ASP C 152 -26.60 -50.77 -18.05
C ASP C 152 -26.66 -50.08 -19.40
N ASN C 153 -26.05 -48.89 -19.48
CA ASN C 153 -25.99 -48.00 -20.63
C ASN C 153 -27.32 -47.36 -21.01
N ALA C 154 -28.39 -47.56 -20.23
CA ALA C 154 -29.63 -46.82 -20.45
C ALA C 154 -29.54 -45.45 -19.77
N LEU C 155 -29.59 -44.38 -20.57
CA LEU C 155 -29.60 -43.03 -20.02
C LEU C 155 -30.81 -42.85 -19.11
N GLN C 156 -30.60 -42.66 -17.80
CA GLN C 156 -31.72 -42.47 -16.88
C GLN C 156 -32.16 -41.02 -16.85
N SER C 157 -33.47 -40.84 -16.69
CA SER C 157 -34.05 -39.51 -16.57
C SER C 157 -35.27 -39.60 -15.67
N GLY C 158 -35.49 -38.55 -14.88
CA GLY C 158 -36.63 -38.50 -13.97
C GLY C 158 -36.44 -39.14 -12.61
N ASN C 159 -35.27 -39.66 -12.29
CA ASN C 159 -35.14 -40.33 -11.00
C ASN C 159 -33.86 -39.87 -10.31
N SER C 160 -33.42 -38.66 -10.61
CA SER C 160 -32.22 -38.09 -10.03
C SER C 160 -32.47 -36.62 -9.69
N GLN C 161 -31.71 -36.11 -8.72
CA GLN C 161 -31.78 -34.70 -8.33
C GLN C 161 -30.37 -34.20 -8.05
N GLU C 162 -30.07 -32.99 -8.50
CA GLU C 162 -28.78 -32.43 -8.19
C GLU C 162 -28.88 -31.17 -7.35
N SER C 163 -27.73 -30.80 -6.80
CA SER C 163 -27.58 -29.68 -5.88
C SER C 163 -26.18 -29.08 -6.09
N VAL C 164 -26.09 -27.76 -6.07
CA VAL C 164 -24.83 -27.05 -6.27
C VAL C 164 -24.54 -26.20 -5.04
N THR C 165 -23.28 -26.23 -4.58
CA THR C 165 -22.89 -25.35 -3.49
C THR C 165 -22.83 -23.91 -3.97
N GLU C 166 -22.81 -22.99 -3.01
CA GLU C 166 -22.50 -21.62 -3.35
C GLU C 166 -21.02 -21.52 -3.67
N GLN C 167 -20.66 -20.51 -4.46
CA GLN C 167 -19.27 -20.30 -4.83
C GLN C 167 -18.37 -20.26 -3.60
N ASP C 168 -17.19 -20.87 -3.69
CA ASP C 168 -16.30 -20.95 -2.56
C ASP C 168 -15.63 -19.60 -2.31
N SER C 169 -15.41 -19.27 -1.04
CA SER C 169 -14.88 -17.96 -0.68
C SER C 169 -13.38 -17.82 -0.88
N LYS C 170 -12.66 -18.92 -1.08
CA LYS C 170 -11.21 -18.85 -1.31
C LYS C 170 -10.83 -19.20 -2.74
N ASP C 171 -11.17 -20.39 -3.25
CA ASP C 171 -10.80 -20.74 -4.62
C ASP C 171 -11.84 -20.34 -5.65
N SER C 172 -13.01 -19.88 -5.20
CA SER C 172 -14.02 -19.31 -6.08
C SER C 172 -14.64 -20.36 -7.01
N THR C 173 -14.55 -21.63 -6.67
CA THR C 173 -15.12 -22.72 -7.46
C THR C 173 -16.43 -23.18 -6.87
N TYR C 174 -17.11 -24.07 -7.61
CA TYR C 174 -18.35 -24.70 -7.20
C TYR C 174 -18.13 -26.20 -7.01
N SER C 175 -19.10 -26.84 -6.35
CA SER C 175 -19.19 -28.29 -6.35
C SER C 175 -20.64 -28.70 -6.55
N LEU C 176 -20.84 -29.92 -7.06
CA LEU C 176 -22.17 -30.41 -7.41
C LEU C 176 -22.32 -31.86 -6.98
N SER C 177 -23.51 -32.21 -6.49
CA SER C 177 -23.85 -33.60 -6.18
C SER C 177 -25.11 -34.00 -6.93
N SER C 178 -25.11 -35.18 -7.54
CA SER C 178 -26.29 -35.72 -8.20
C SER C 178 -26.64 -37.06 -7.56
N THR C 179 -27.91 -37.26 -7.25
CA THR C 179 -28.36 -38.44 -6.51
C THR C 179 -29.41 -39.19 -7.34
N LEU C 180 -29.05 -40.41 -7.77
CA LEU C 180 -29.97 -41.32 -8.44
C LEU C 180 -30.67 -42.18 -7.39
N THR C 181 -32.00 -42.11 -7.35
CA THR C 181 -32.77 -42.85 -6.36
C THR C 181 -33.52 -43.99 -7.02
N LEU C 182 -33.44 -45.18 -6.42
CA LEU C 182 -34.13 -46.37 -6.90
C LEU C 182 -34.66 -47.15 -5.71
N SER C 183 -35.69 -47.95 -5.94
CA SER C 183 -36.03 -48.98 -4.97
C SER C 183 -34.94 -50.03 -4.95
N LYS C 184 -34.91 -50.81 -3.87
CA LYS C 184 -33.96 -51.90 -3.82
C LYS C 184 -34.22 -52.89 -4.95
N ALA C 185 -35.50 -53.19 -5.21
CA ALA C 185 -35.85 -54.14 -6.27
C ALA C 185 -35.33 -53.67 -7.62
N ASP C 186 -35.60 -52.41 -7.98
CA ASP C 186 -35.10 -51.90 -9.25
C ASP C 186 -33.58 -51.87 -9.28
N TYR C 187 -32.95 -51.53 -8.14
CA TYR C 187 -31.49 -51.47 -8.08
C TYR C 187 -30.87 -52.82 -8.38
N GLU C 188 -31.45 -53.90 -7.87
CA GLU C 188 -30.89 -55.22 -8.07
C GLU C 188 -31.13 -55.80 -9.46
N LYS C 189 -31.95 -55.17 -10.31
CA LYS C 189 -32.10 -55.64 -11.69
C LYS C 189 -30.90 -55.29 -12.56
N HIS C 190 -30.06 -54.36 -12.14
CA HIS C 190 -29.05 -53.84 -13.05
C HIS C 190 -27.67 -54.06 -12.47
N LYS C 191 -26.66 -53.90 -13.32
CA LYS C 191 -25.30 -54.21 -12.94
C LYS C 191 -24.37 -53.00 -13.00
N VAL C 192 -24.30 -52.30 -14.12
CA VAL C 192 -23.34 -51.22 -14.30
C VAL C 192 -24.03 -49.89 -14.00
N TYR C 193 -23.66 -49.24 -12.91
CA TYR C 193 -24.12 -47.90 -12.58
C TYR C 193 -23.00 -46.90 -12.81
N ALA C 194 -23.31 -45.84 -13.53
CA ALA C 194 -22.28 -44.98 -14.09
C ALA C 194 -22.81 -43.56 -14.17
N CYS C 195 -21.87 -42.63 -14.15
CA CYS C 195 -22.15 -41.21 -14.00
C CYS C 195 -21.24 -40.53 -15.01
N GLU C 196 -21.81 -39.84 -15.96
CA GLU C 196 -21.03 -39.29 -17.05
C GLU C 196 -21.13 -37.79 -17.02
N VAL C 197 -19.99 -37.14 -17.09
CA VAL C 197 -19.88 -35.73 -16.73
C VAL C 197 -19.34 -34.96 -17.92
N THR C 198 -20.00 -33.85 -18.25
CA THR C 198 -19.59 -32.97 -19.33
C THR C 198 -19.36 -31.58 -18.76
N HIS C 199 -18.22 -30.99 -19.10
CA HIS C 199 -17.88 -29.69 -18.55
C HIS C 199 -16.82 -29.04 -19.43
N GLN C 200 -16.87 -27.69 -19.47
CA GLN C 200 -15.97 -26.92 -20.32
C GLN C 200 -14.50 -27.23 -20.08
N GLY C 201 -14.12 -27.56 -18.84
CA GLY C 201 -12.76 -27.92 -18.53
C GLY C 201 -12.33 -29.34 -18.87
N LEU C 202 -13.24 -30.17 -19.36
CA LEU C 202 -12.91 -31.54 -19.74
C LEU C 202 -12.83 -31.64 -21.26
N SER C 203 -11.69 -32.14 -21.77
CA SER C 203 -11.55 -32.31 -23.21
C SER C 203 -12.65 -33.23 -23.76
N SER C 204 -12.92 -34.31 -23.05
CA SER C 204 -13.97 -35.26 -23.41
C SER C 204 -14.65 -35.72 -22.13
N PRO C 205 -15.92 -36.11 -22.21
CA PRO C 205 -16.65 -36.51 -21.00
C PRO C 205 -15.91 -37.53 -20.15
N VAL C 206 -16.03 -37.36 -18.85
CA VAL C 206 -15.46 -38.27 -17.85
C VAL C 206 -16.59 -39.16 -17.37
N THR C 207 -16.30 -40.45 -17.23
CA THR C 207 -17.27 -41.37 -16.67
C THR C 207 -16.66 -42.08 -15.47
N LYS C 208 -17.43 -42.20 -14.41
CA LYS C 208 -17.04 -42.99 -13.25
C LYS C 208 -18.16 -44.01 -13.06
N SER C 209 -17.78 -45.25 -12.78
CA SER C 209 -18.77 -46.30 -12.74
C SER C 209 -18.37 -47.38 -11.75
N PHE C 210 -19.35 -48.19 -11.36
CA PHE C 210 -19.10 -49.39 -10.60
C PHE C 210 -20.07 -50.46 -11.05
N ASN C 211 -19.72 -51.72 -10.77
CA ASN C 211 -20.59 -52.86 -10.97
C ASN C 211 -21.20 -53.28 -9.65
N ARG C 212 -22.52 -53.37 -9.59
CA ARG C 212 -23.17 -53.70 -8.33
C ARG C 212 -22.66 -55.03 -7.80
N GLY C 213 -22.22 -55.04 -6.55
CA GLY C 213 -21.66 -56.22 -5.92
C GLY C 213 -20.17 -56.43 -6.13
N GLU C 214 -19.36 -55.37 -6.06
CA GLU C 214 -17.90 -55.48 -6.17
C GLU C 214 -17.17 -54.45 -5.28
N ASN D 1 -38.26 78.32 30.12
CA ASN D 1 -38.70 78.19 28.73
C ASN D 1 -38.27 76.83 28.14
N LEU D 2 -38.03 76.80 26.84
CA LEU D 2 -37.74 75.55 26.13
C LEU D 2 -36.32 75.05 26.47
N CYS D 3 -36.06 73.80 26.06
CA CYS D 3 -34.81 73.06 26.24
C CYS D 3 -33.87 73.30 25.06
N PRO D 4 -32.57 73.54 25.31
CA PRO D 4 -31.65 73.95 24.24
C PRO D 4 -31.11 72.80 23.37
N PHE D 5 -32.03 71.97 22.87
CA PHE D 5 -31.68 70.94 21.89
C PHE D 5 -30.92 71.51 20.70
N GLY D 6 -31.06 72.80 20.42
CA GLY D 6 -30.30 73.40 19.33
C GLY D 6 -28.81 73.35 19.58
N GLU D 7 -28.39 73.72 20.80
CA GLU D 7 -26.96 73.70 21.13
C GLU D 7 -26.35 72.32 20.89
N VAL D 8 -27.14 71.27 21.05
CA VAL D 8 -26.64 69.91 20.88
C VAL D 8 -26.62 69.52 19.40
N PHE D 9 -27.80 69.49 18.77
CA PHE D 9 -27.93 68.94 17.42
C PHE D 9 -27.25 69.82 16.38
N ASN D 10 -27.31 71.14 16.55
CA ASN D 10 -26.79 72.09 15.58
C ASN D 10 -25.44 72.65 16.00
N ALA D 11 -24.68 71.92 16.80
CA ALA D 11 -23.37 72.39 17.24
C ALA D 11 -22.35 72.34 16.08
N THR D 12 -21.45 73.32 16.08
CA THR D 12 -20.45 73.39 15.01
C THR D 12 -19.49 72.19 15.06
N ARG D 13 -18.81 72.00 16.19
CA ARG D 13 -17.88 70.89 16.37
C ARG D 13 -18.52 69.79 17.19
N PHE D 14 -18.17 68.55 16.88
CA PHE D 14 -18.63 67.40 17.63
C PHE D 14 -17.44 66.70 18.26
N ALA D 15 -17.74 65.92 19.29
CA ALA D 15 -16.72 65.14 20.00
C ALA D 15 -16.37 63.87 19.24
N SER D 16 -15.10 63.47 19.35
CA SER D 16 -14.72 62.09 19.07
C SER D 16 -15.46 61.15 20.03
N VAL D 17 -15.76 59.94 19.52
CA VAL D 17 -16.61 59.03 20.28
C VAL D 17 -15.94 58.59 21.60
N TYR D 18 -14.62 58.39 21.60
CA TYR D 18 -13.99 57.96 22.86
C TYR D 18 -14.15 59.04 23.93
N ALA D 19 -14.13 60.32 23.53
CA ALA D 19 -14.23 61.48 24.40
C ALA D 19 -15.62 62.08 24.36
N TRP D 20 -16.64 61.24 24.32
CA TRP D 20 -17.99 61.68 24.00
C TRP D 20 -18.49 62.74 24.97
N ASN D 21 -19.32 63.63 24.45
CA ASN D 21 -19.86 64.76 25.18
C ASN D 21 -21.21 64.43 25.81
N ARG D 22 -21.46 65.02 26.97
CA ARG D 22 -22.73 64.87 27.65
C ARG D 22 -23.20 66.25 28.11
N LYS D 23 -24.41 66.61 27.70
CA LYS D 23 -25.08 67.82 28.17
C LYS D 23 -26.23 67.42 29.08
N ARG D 24 -26.35 68.11 30.21
CA ARG D 24 -27.28 67.76 31.28
C ARG D 24 -28.50 68.67 31.16
N ILE D 25 -29.64 68.11 30.74
CA ILE D 25 -30.85 68.87 30.50
C ILE D 25 -31.74 68.87 31.74
N SER D 26 -31.95 70.05 32.32
CA SER D 26 -32.77 70.22 33.51
C SER D 26 -33.69 71.41 33.34
N ASN D 27 -34.84 71.37 34.03
CA ASN D 27 -35.73 72.51 34.26
C ASN D 27 -36.07 73.22 32.94
N CYS D 28 -36.81 72.52 32.10
CA CYS D 28 -37.30 73.10 30.85
C CYS D 28 -38.37 72.19 30.25
N VAL D 29 -39.08 72.72 29.26
CA VAL D 29 -40.08 71.99 28.51
C VAL D 29 -39.53 71.72 27.12
N ALA D 30 -39.45 70.45 26.75
CA ALA D 30 -38.78 70.00 25.54
C ALA D 30 -39.83 69.66 24.49
N ASP D 31 -39.75 70.32 23.34
CA ASP D 31 -40.60 70.00 22.21
C ASP D 31 -39.85 69.00 21.34
N TYR D 32 -40.30 67.75 21.38
CA TYR D 32 -39.71 66.71 20.55
C TYR D 32 -40.21 66.77 19.11
N SER D 33 -41.23 67.59 18.85
CA SER D 33 -41.79 67.71 17.50
C SER D 33 -40.74 68.18 16.51
N VAL D 34 -39.96 69.20 16.89
CA VAL D 34 -38.90 69.71 16.01
C VAL D 34 -37.97 68.59 15.57
N LEU D 35 -37.75 67.60 16.44
CA LEU D 35 -36.80 66.52 16.13
C LEU D 35 -37.45 65.41 15.31
N TYR D 36 -38.41 64.70 15.89
CA TYR D 36 -38.92 63.48 15.24
C TYR D 36 -39.67 63.77 13.95
N ASN D 37 -40.03 65.03 13.71
CA ASN D 37 -40.63 65.45 12.45
C ASN D 37 -39.68 66.33 11.66
N SER D 38 -38.39 65.96 11.63
CA SER D 38 -37.40 66.69 10.84
C SER D 38 -36.88 65.93 9.63
N ALA D 39 -36.98 64.59 9.63
CA ALA D 39 -36.76 63.76 8.44
C ALA D 39 -35.35 63.87 7.86
N SER D 40 -34.48 64.68 8.47
CA SER D 40 -33.08 64.76 8.08
C SER D 40 -32.21 63.77 8.85
N PHE D 41 -32.83 62.75 9.45
CA PHE D 41 -32.15 61.79 10.31
C PHE D 41 -32.24 60.40 9.67
N SER D 42 -31.07 59.83 9.34
CA SER D 42 -30.99 58.46 8.86
C SER D 42 -31.38 57.45 9.93
N THR D 43 -31.28 57.81 11.21
CA THR D 43 -31.62 56.90 12.30
C THR D 43 -32.41 57.67 13.35
N PHE D 44 -33.53 57.10 13.77
CA PHE D 44 -34.28 57.61 14.91
C PHE D 44 -34.99 56.42 15.54
N LYS D 45 -34.32 55.74 16.46
CA LYS D 45 -34.89 54.59 17.14
C LYS D 45 -35.08 54.93 18.61
N CYS D 46 -36.13 54.40 19.21
CA CYS D 46 -36.46 54.68 20.60
C CYS D 46 -36.71 53.38 21.32
N TYR D 47 -36.32 53.33 22.59
CA TYR D 47 -36.33 52.12 23.39
C TYR D 47 -37.05 52.39 24.69
N GLY D 48 -38.19 51.72 24.89
CA GLY D 48 -39.00 51.90 26.08
C GLY D 48 -39.83 53.16 26.12
N VAL D 49 -39.78 53.99 25.09
CA VAL D 49 -40.55 55.23 25.03
C VAL D 49 -40.89 55.51 23.57
N SER D 50 -42.13 55.94 23.31
CA SER D 50 -42.44 56.23 21.92
C SER D 50 -42.27 57.72 21.63
N PRO D 51 -41.80 58.08 20.43
CA PRO D 51 -41.56 59.51 20.14
C PRO D 51 -42.80 60.39 20.15
N THR D 52 -43.94 59.87 19.68
CA THR D 52 -45.18 60.65 19.76
C THR D 52 -45.61 60.86 21.21
N LYS D 53 -45.62 59.78 22.00
CA LYS D 53 -45.90 59.83 23.44
C LYS D 53 -44.83 60.63 24.21
N LEU D 54 -43.74 61.00 23.55
CA LEU D 54 -42.63 61.65 24.25
C LEU D 54 -43.04 63.00 24.83
N ASN D 55 -43.90 63.74 24.12
CA ASN D 55 -44.37 65.03 24.60
C ASN D 55 -45.34 64.91 25.77
N ASP D 56 -45.75 63.71 26.13
CA ASP D 56 -46.66 63.47 27.24
C ASP D 56 -45.96 62.81 28.42
N LEU D 57 -44.65 63.01 28.54
CA LEU D 57 -43.87 62.40 29.59
C LEU D 57 -43.08 63.47 30.33
N CYS D 58 -42.69 63.14 31.56
CA CYS D 58 -41.91 64.03 32.39
C CYS D 58 -40.80 63.27 33.08
N PHE D 59 -39.63 63.88 33.16
CA PHE D 59 -38.46 63.20 33.68
C PHE D 59 -37.69 64.13 34.61
N THR D 60 -37.00 63.53 35.58
CA THR D 60 -36.12 64.29 36.46
C THR D 60 -35.02 64.97 35.66
N ASN D 61 -34.36 64.22 34.77
CA ASN D 61 -33.32 64.76 33.92
C ASN D 61 -33.35 64.08 32.56
N VAL D 62 -32.82 64.79 31.58
CA VAL D 62 -32.56 64.24 30.25
C VAL D 62 -31.08 64.45 29.94
N TYR D 63 -30.41 63.40 29.50
CA TYR D 63 -29.02 63.52 29.07
C TYR D 63 -28.96 63.40 27.55
N ALA D 64 -28.11 64.23 26.94
CA ALA D 64 -27.91 64.29 25.50
C ALA D 64 -26.45 64.03 25.20
N ASP D 65 -26.12 62.79 24.84
CA ASP D 65 -24.75 62.45 24.51
C ASP D 65 -24.59 62.58 22.99
N SER D 66 -23.47 63.17 22.57
CA SER D 66 -23.21 63.47 21.16
C SER D 66 -21.76 63.15 20.80
N PHE D 67 -21.57 62.62 19.60
CA PHE D 67 -20.24 62.21 19.12
C PHE D 67 -20.36 61.83 17.64
N VAL D 68 -19.23 61.53 17.03
CA VAL D 68 -19.16 61.14 15.63
C VAL D 68 -18.58 59.74 15.53
N ILE D 69 -19.25 58.87 14.78
CA ILE D 69 -18.73 57.59 14.39
C ILE D 69 -18.91 57.45 12.88
N ARG D 70 -18.50 56.31 12.33
CA ARG D 70 -18.74 56.06 10.92
C ARG D 70 -20.02 55.25 10.75
N GLY D 71 -20.55 55.27 9.52
CA GLY D 71 -21.95 54.94 9.30
C GLY D 71 -22.33 53.55 9.75
N ASP D 72 -21.54 52.55 9.37
CA ASP D 72 -21.85 51.17 9.75
C ASP D 72 -21.68 50.90 11.25
N GLU D 73 -21.17 51.86 12.01
CA GLU D 73 -21.10 51.71 13.46
C GLU D 73 -22.36 52.17 14.18
N VAL D 74 -23.23 52.94 13.51
CA VAL D 74 -24.43 53.47 14.18
C VAL D 74 -25.30 52.35 14.74
N ARG D 75 -25.31 51.17 14.10
CA ARG D 75 -26.00 50.03 14.67
C ARG D 75 -25.40 49.58 16.00
N GLN D 76 -24.18 50.01 16.33
CA GLN D 76 -23.63 49.64 17.63
C GLN D 76 -24.15 50.52 18.76
N ILE D 77 -24.67 51.71 18.46
CA ILE D 77 -25.22 52.56 19.50
C ILE D 77 -26.64 52.07 19.79
N ALA D 78 -26.76 51.01 20.58
CA ALA D 78 -28.03 50.35 20.82
C ALA D 78 -27.84 49.33 21.94
N PRO D 79 -28.87 49.07 22.75
CA PRO D 79 -28.70 48.09 23.83
C PRO D 79 -28.33 46.72 23.31
N GLY D 80 -27.52 46.01 24.10
CA GLY D 80 -27.16 44.63 23.81
C GLY D 80 -26.19 44.42 22.67
N GLN D 81 -25.59 45.49 22.14
CA GLN D 81 -24.69 45.32 21.02
C GLN D 81 -23.26 45.05 21.49
N THR D 82 -22.47 44.43 20.62
CA THR D 82 -21.04 44.27 20.81
C THR D 82 -20.32 44.83 19.59
N GLY D 83 -19.01 45.00 19.72
CA GLY D 83 -18.19 45.60 18.69
C GLY D 83 -17.31 46.72 19.25
N LYS D 84 -16.44 47.20 18.36
CA LYS D 84 -15.42 48.18 18.74
C LYS D 84 -16.00 49.39 19.47
N ILE D 85 -17.12 49.93 18.98
CA ILE D 85 -17.67 51.13 19.62
C ILE D 85 -18.35 50.77 20.93
N ALA D 86 -19.28 49.81 20.90
CA ALA D 86 -20.01 49.44 22.10
C ALA D 86 -19.07 48.94 23.20
N ASP D 87 -17.99 48.25 22.83
CA ASP D 87 -17.10 47.65 23.83
C ASP D 87 -16.11 48.66 24.40
N TYR D 88 -15.58 49.56 23.58
CA TYR D 88 -14.43 50.35 24.01
C TYR D 88 -14.62 51.86 23.89
N ASN D 89 -15.75 52.34 23.36
CA ASN D 89 -15.93 53.78 23.24
C ASN D 89 -17.20 54.32 23.89
N TYR D 90 -18.35 53.70 23.62
CA TYR D 90 -19.63 54.19 24.16
C TYR D 90 -20.62 53.05 24.23
N LYS D 91 -21.11 52.74 25.44
CA LYS D 91 -21.87 51.53 25.71
C LYS D 91 -23.24 51.88 26.29
N LEU D 92 -24.30 51.37 25.67
CA LEU D 92 -25.63 51.63 26.22
C LEU D 92 -26.11 50.46 27.05
N PRO D 93 -26.82 50.72 28.15
CA PRO D 93 -27.26 49.63 29.04
C PRO D 93 -28.35 48.79 28.40
N ASP D 94 -28.49 47.57 28.93
CA ASP D 94 -29.53 46.68 28.45
C ASP D 94 -30.92 47.28 28.64
N ASP D 95 -31.13 48.04 29.71
CA ASP D 95 -32.44 48.58 30.08
C ASP D 95 -32.61 50.00 29.58
N PHE D 96 -32.08 50.31 28.40
CA PHE D 96 -31.99 51.68 27.94
C PHE D 96 -33.39 52.25 27.69
N THR D 97 -33.65 53.41 28.28
CA THR D 97 -34.83 54.21 28.02
C THR D 97 -34.36 55.50 27.34
N GLY D 98 -34.63 55.62 26.05
CA GLY D 98 -34.22 56.79 25.32
C GLY D 98 -34.24 56.55 23.82
N CYS D 99 -33.66 57.50 23.10
CA CYS D 99 -33.65 57.50 21.64
C CYS D 99 -32.24 57.74 21.10
N VAL D 100 -31.90 57.04 20.04
CA VAL D 100 -30.64 57.20 19.31
C VAL D 100 -30.94 57.89 17.98
N ILE D 101 -30.24 58.99 17.72
CA ILE D 101 -30.50 59.82 16.55
C ILE D 101 -29.20 60.02 15.78
N ALA D 102 -29.22 59.72 14.48
CA ALA D 102 -28.01 59.81 13.67
C ALA D 102 -28.31 60.42 12.30
N TRP D 103 -27.27 61.00 11.71
CA TRP D 103 -27.35 61.54 10.35
C TRP D 103 -25.97 61.67 9.74
N ASN D 104 -25.92 61.44 8.42
CA ASN D 104 -24.71 61.59 7.62
C ASN D 104 -24.23 63.04 7.63
N SER D 105 -22.97 63.26 8.02
CA SER D 105 -22.37 64.58 8.10
C SER D 105 -21.13 64.67 7.22
N ASN D 106 -21.16 63.97 6.09
CA ASN D 106 -20.00 63.88 5.21
C ASN D 106 -19.56 65.24 4.70
N ASN D 107 -20.50 66.16 4.49
CA ASN D 107 -20.15 67.48 4.01
C ASN D 107 -19.46 68.31 5.10
N LEU D 108 -19.70 67.99 6.37
CA LEU D 108 -19.14 68.78 7.47
C LEU D 108 -17.79 68.28 7.93
N ASP D 109 -17.61 66.95 7.97
CA ASP D 109 -16.51 66.34 8.70
C ASP D 109 -15.50 65.64 7.79
N SER D 110 -15.64 65.75 6.48
CA SER D 110 -14.65 65.24 5.54
C SER D 110 -13.81 66.39 5.02
N LYS D 111 -12.50 66.16 4.95
CA LYS D 111 -11.58 67.03 4.23
C LYS D 111 -11.17 66.33 2.94
N VAL D 112 -10.60 67.11 2.02
CA VAL D 112 -10.19 66.57 0.71
C VAL D 112 -9.01 65.63 0.86
N GLY D 113 -8.08 65.93 1.77
CA GLY D 113 -6.95 65.05 1.98
C GLY D 113 -7.11 64.06 3.12
N GLY D 114 -8.29 64.03 3.74
CA GLY D 114 -8.51 63.23 4.92
C GLY D 114 -8.64 64.08 6.17
N ASN D 115 -9.81 64.01 6.81
CA ASN D 115 -9.99 64.60 8.13
C ASN D 115 -9.63 63.55 9.17
N TYR D 116 -8.57 63.83 9.94
CA TYR D 116 -8.08 62.90 10.93
C TYR D 116 -8.30 63.41 12.36
N ASN D 117 -9.23 64.35 12.56
CA ASN D 117 -9.51 64.86 13.89
C ASN D 117 -10.28 63.84 14.73
N TYR D 118 -11.31 63.24 14.14
CA TYR D 118 -12.15 62.33 14.90
C TYR D 118 -11.43 61.01 15.14
N ARG D 119 -11.42 60.56 16.39
CA ARG D 119 -10.69 59.37 16.80
C ARG D 119 -11.58 58.46 17.60
N TYR D 120 -11.17 57.20 17.71
CA TYR D 120 -11.87 56.18 18.48
C TYR D 120 -10.81 55.37 19.24
N ARG D 121 -11.24 54.68 20.29
CA ARG D 121 -10.33 53.82 21.02
C ARG D 121 -10.34 52.43 20.40
N LEU D 122 -9.15 51.92 20.10
CA LEU D 122 -8.98 50.63 19.43
C LEU D 122 -8.54 49.53 20.39
N PHE D 123 -7.55 49.80 21.23
CA PHE D 123 -7.07 48.81 22.18
C PHE D 123 -7.56 49.13 23.59
N ARG D 124 -7.98 48.08 24.29
CA ARG D 124 -8.49 48.16 25.65
C ARG D 124 -8.62 46.77 26.23
N LYS D 125 -8.16 46.57 27.46
CA LYS D 125 -8.15 45.22 28.02
C LYS D 125 -9.57 44.66 28.12
N SER D 126 -10.54 45.50 28.46
CA SER D 126 -11.86 45.03 28.84
C SER D 126 -12.93 46.01 28.39
N ASN D 127 -14.19 45.58 28.45
CA ASN D 127 -15.31 46.37 27.95
C ASN D 127 -15.69 47.48 28.94
N LEU D 128 -16.17 48.59 28.38
CA LEU D 128 -16.71 49.67 29.20
C LEU D 128 -18.01 49.24 29.88
N LYS D 129 -18.26 49.81 31.05
CA LYS D 129 -19.56 49.73 31.68
C LYS D 129 -20.50 50.69 30.94
N PRO D 130 -21.81 50.59 31.16
CA PRO D 130 -22.72 51.56 30.54
C PRO D 130 -22.40 52.99 30.93
N PHE D 131 -22.38 53.87 29.93
CA PHE D 131 -22.08 55.29 30.10
C PHE D 131 -20.73 55.53 30.77
N GLU D 132 -19.79 54.59 30.62
CA GLU D 132 -18.40 54.85 30.98
C GLU D 132 -17.71 55.65 29.89
N ARG D 133 -16.87 56.60 30.31
CA ARG D 133 -16.10 57.43 29.38
CA ARG D 133 -16.11 57.45 29.40
C ARG D 133 -14.62 57.31 29.74
N ASP D 134 -13.85 56.72 28.83
CA ASP D 134 -12.40 56.49 29.00
C ASP D 134 -11.63 57.43 28.07
N ILE D 135 -10.92 58.38 28.64
CA ILE D 135 -10.06 59.29 27.89
C ILE D 135 -8.58 59.05 28.17
N SER D 136 -8.22 57.87 28.67
CA SER D 136 -6.81 57.57 28.90
C SER D 136 -6.06 57.50 27.56
N THR D 137 -4.81 57.98 27.58
CA THR D 137 -3.91 57.80 26.44
C THR D 137 -2.70 56.94 26.81
N GLU D 138 -2.81 56.17 27.89
CA GLU D 138 -1.74 55.28 28.30
C GLU D 138 -1.42 54.31 27.15
N ILE D 139 -0.12 54.02 26.97
CA ILE D 139 0.29 53.07 25.95
C ILE D 139 -0.24 51.69 26.29
N TYR D 140 -0.79 51.01 25.29
CA TYR D 140 -1.45 49.74 25.52
C TYR D 140 -0.45 48.59 25.45
N GLN D 141 -0.51 47.72 26.45
CA GLN D 141 0.41 46.63 26.63
C GLN D 141 -0.22 45.33 26.12
N ALA D 142 0.29 44.84 24.99
CA ALA D 142 -0.23 43.63 24.36
C ALA D 142 0.51 42.38 24.76
N GLY D 143 1.72 42.50 25.32
CA GLY D 143 2.44 41.34 25.82
C GLY D 143 2.74 41.51 27.30
N SER D 144 3.67 40.73 27.85
CA SER D 144 3.98 40.78 29.27
C SER D 144 5.08 41.79 29.61
N LYS D 145 5.77 42.34 28.63
CA LYS D 145 6.82 43.31 28.87
C LYS D 145 6.19 44.70 29.06
N PRO D 146 6.41 45.35 30.21
CA PRO D 146 5.89 46.72 30.39
C PRO D 146 6.41 47.68 29.34
N CYS D 147 5.62 48.72 29.06
CA CYS D 147 5.94 49.64 27.98
C CYS D 147 6.64 50.91 28.44
N ASN D 148 6.40 51.34 29.69
CA ASN D 148 7.02 52.54 30.26
C ASN D 148 6.83 53.75 29.35
N GLY D 149 5.63 53.86 28.77
CA GLY D 149 5.27 55.01 27.97
C GLY D 149 5.96 55.11 26.63
N VAL D 150 6.59 54.03 26.16
CA VAL D 150 7.31 54.01 24.89
C VAL D 150 6.51 53.20 23.88
N GLU D 151 6.03 53.85 22.82
CA GLU D 151 5.41 53.12 21.73
C GLU D 151 6.42 52.19 21.08
N GLY D 152 6.00 50.97 20.78
CA GLY D 152 6.87 50.01 20.16
C GLY D 152 6.15 48.71 19.89
N PHE D 153 6.93 47.64 19.84
CA PHE D 153 6.37 46.32 19.64
C PHE D 153 5.62 45.89 20.89
N ASN D 154 4.39 45.40 20.71
CA ASN D 154 3.47 45.05 21.80
C ASN D 154 3.13 46.23 22.70
N CYS D 155 3.25 47.45 22.18
CA CYS D 155 3.09 48.66 23.00
C CYS D 155 2.53 49.74 22.08
N TYR D 156 1.21 49.92 22.09
CA TYR D 156 0.55 50.62 21.01
C TYR D 156 -0.25 51.80 21.54
N PHE D 157 -0.21 52.90 20.80
CA PHE D 157 -1.06 54.01 21.14
C PHE D 157 -2.52 53.61 21.00
N PRO D 158 -3.34 53.80 22.03
CA PRO D 158 -4.68 53.18 22.04
C PRO D 158 -5.70 53.86 21.15
N LEU D 159 -5.48 55.10 20.71
CA LEU D 159 -6.45 55.81 19.90
C LEU D 159 -6.01 55.85 18.45
N GLN D 160 -7.00 55.83 17.55
CA GLN D 160 -6.78 55.86 16.11
C GLN D 160 -7.79 56.79 15.47
N SER D 161 -7.32 57.61 14.54
CA SER D 161 -8.23 58.51 13.86
C SER D 161 -8.95 57.78 12.73
N TYR D 162 -10.11 58.31 12.35
CA TYR D 162 -10.93 57.63 11.36
C TYR D 162 -10.36 57.77 9.96
N GLY D 163 -9.86 58.96 9.61
CA GLY D 163 -9.48 59.18 8.23
C GLY D 163 -10.68 59.26 7.30
N PHE D 164 -11.49 60.30 7.49
CA PHE D 164 -12.65 60.51 6.64
C PHE D 164 -12.25 61.26 5.39
N GLN D 165 -12.54 60.67 4.24
CA GLN D 165 -12.35 61.35 2.98
C GLN D 165 -13.68 61.39 2.24
N PRO D 166 -13.94 62.43 1.45
CA PRO D 166 -15.28 62.57 0.84
C PRO D 166 -15.59 61.44 -0.10
N THR D 167 -14.58 60.72 -0.57
CA THR D 167 -14.68 59.64 -1.53
C THR D 167 -14.96 58.27 -0.87
N ASN D 168 -15.14 58.23 0.45
CA ASN D 168 -15.31 56.96 1.15
C ASN D 168 -16.65 56.34 0.81
N GLY D 169 -16.73 55.01 0.91
CA GLY D 169 -17.98 54.29 0.86
C GLY D 169 -18.99 54.84 1.85
N VAL D 170 -20.27 54.55 1.67
CA VAL D 170 -21.29 55.20 2.48
C VAL D 170 -21.15 54.80 3.94
N GLY D 171 -21.04 53.50 4.20
CA GLY D 171 -20.91 52.99 5.56
C GLY D 171 -19.66 53.45 6.27
N TYR D 172 -18.69 54.01 5.55
CA TYR D 172 -17.45 54.50 6.14
C TYR D 172 -17.37 56.01 6.14
N GLN D 173 -18.51 56.69 6.02
CA GLN D 173 -18.57 58.14 6.07
C GLN D 173 -18.93 58.64 7.46
N PRO D 174 -18.56 59.87 7.81
CA PRO D 174 -18.85 60.36 9.16
C PRO D 174 -20.34 60.55 9.38
N TYR D 175 -20.81 60.12 10.54
CA TYR D 175 -22.18 60.30 10.99
C TYR D 175 -22.18 60.95 12.36
N ARG D 176 -22.95 62.04 12.52
CA ARG D 176 -23.13 62.65 13.84
C ARG D 176 -24.25 61.95 14.60
N VAL D 177 -24.01 61.66 15.88
CA VAL D 177 -24.93 60.86 16.68
C VAL D 177 -25.34 61.66 17.91
N VAL D 178 -26.60 61.51 18.31
CA VAL D 178 -27.10 62.09 19.56
C VAL D 178 -27.94 61.03 20.28
N VAL D 179 -27.59 60.76 21.53
CA VAL D 179 -28.31 59.81 22.36
C VAL D 179 -29.02 60.59 23.46
N LEU D 180 -30.34 60.52 23.44
CA LEU D 180 -31.15 61.17 24.47
C LEU D 180 -31.47 60.13 25.53
N SER D 181 -31.05 60.41 26.76
CA SER D 181 -31.32 59.49 27.85
C SER D 181 -32.33 60.12 28.79
N PHE D 182 -33.29 59.32 29.24
CA PHE D 182 -34.43 59.80 29.99
C PHE D 182 -34.36 59.30 31.43
N GLU D 183 -34.02 60.21 32.34
CA GLU D 183 -33.78 59.87 33.74
C GLU D 183 -35.00 60.22 34.57
N LEU D 184 -35.37 59.30 35.45
CA LEU D 184 -36.58 59.43 36.26
C LEU D 184 -36.25 59.00 37.68
N LEU D 185 -36.41 59.90 38.65
CA LEU D 185 -36.01 59.66 40.04
C LEU D 185 -37.14 60.07 40.98
N HIS D 186 -36.93 59.84 42.27
CA HIS D 186 -37.91 60.26 43.28
C HIS D 186 -37.90 61.76 43.52
N ALA D 187 -36.93 62.49 42.96
CA ALA D 187 -36.93 63.93 43.01
C ALA D 187 -38.01 64.48 42.09
N PRO D 188 -38.36 65.77 42.23
CA PRO D 188 -39.39 66.34 41.34
C PRO D 188 -38.96 66.32 39.88
N ALA D 189 -39.91 65.98 39.00
CA ALA D 189 -39.64 66.01 37.58
C ALA D 189 -39.42 67.44 37.10
N THR D 190 -38.40 67.64 36.26
CA THR D 190 -38.04 68.98 35.81
C THR D 190 -37.94 69.12 34.29
N VAL D 191 -38.05 68.04 33.53
CA VAL D 191 -38.08 68.10 32.07
C VAL D 191 -39.38 67.46 31.61
N CYS D 192 -40.13 68.18 30.77
CA CYS D 192 -41.45 67.74 30.37
C CYS D 192 -41.73 68.13 28.92
N GLY D 193 -42.59 67.35 28.27
CA GLY D 193 -43.17 67.74 27.01
C GLY D 193 -44.42 68.56 27.22
N PRO D 194 -44.85 69.32 26.20
CA PRO D 194 -46.00 70.22 26.35
C PRO D 194 -47.30 69.51 26.73
N GLU E 1 11.19 35.49 18.39
CA GLU E 1 10.76 34.39 19.25
C GLU E 1 9.35 34.63 19.78
N VAL E 2 8.55 35.31 18.96
CA VAL E 2 7.09 35.24 19.05
C VAL E 2 6.65 34.14 18.10
N GLN E 3 5.83 33.22 18.59
CA GLN E 3 5.40 32.13 17.74
C GLN E 3 4.00 31.66 18.10
N LEU E 4 3.28 31.20 17.09
CA LEU E 4 1.98 30.55 17.25
C LEU E 4 2.12 29.14 16.72
N VAL E 5 1.76 28.15 17.53
CA VAL E 5 1.87 26.74 17.16
C VAL E 5 0.51 26.11 17.26
N GLU E 6 -0.06 25.75 16.11
CA GLU E 6 -1.39 25.18 16.04
C GLU E 6 -1.34 23.66 15.99
N SER E 7 -2.46 23.04 16.36
CA SER E 7 -2.57 21.59 16.37
C SER E 7 -4.05 21.23 16.37
N GLY E 8 -4.32 19.95 16.20
CA GLY E 8 -5.67 19.43 16.23
C GLY E 8 -6.25 19.17 14.87
N GLY E 9 -5.58 19.61 13.81
CA GLY E 9 -6.05 19.31 12.48
C GLY E 9 -5.94 17.83 12.17
N GLY E 10 -6.83 17.37 11.31
CA GLY E 10 -6.83 15.96 10.95
C GLY E 10 -8.04 15.66 10.10
N LEU E 11 -8.15 14.37 9.76
CA LEU E 11 -9.27 13.85 8.98
C LEU E 11 -10.50 13.73 9.89
N ILE E 12 -11.64 14.24 9.42
CA ILE E 12 -12.90 14.11 10.16
C ILE E 12 -14.03 13.78 9.20
N GLN E 13 -15.01 12.99 9.68
CA GLN E 13 -16.19 12.61 8.89
C GLN E 13 -17.15 13.80 8.76
N PRO E 14 -17.86 13.92 7.63
CA PRO E 14 -18.88 14.96 7.51
C PRO E 14 -19.91 14.85 8.63
N GLY E 15 -20.29 16.01 9.17
CA GLY E 15 -21.07 16.07 10.39
C GLY E 15 -20.25 15.96 11.66
N GLY E 16 -19.03 15.44 11.58
CA GLY E 16 -18.18 15.36 12.74
C GLY E 16 -17.71 16.72 13.24
N SER E 17 -17.02 16.69 14.37
CA SER E 17 -16.50 17.87 15.06
C SER E 17 -14.98 17.78 15.17
N LEU E 18 -14.35 18.94 15.42
CA LEU E 18 -12.92 19.07 15.62
C LEU E 18 -12.66 20.35 16.41
N ARG E 19 -11.63 20.32 17.26
CA ARG E 19 -11.19 21.50 18.00
C ARG E 19 -9.73 21.77 17.70
N LEU E 20 -9.47 22.89 17.05
CA LEU E 20 -8.11 23.35 16.78
C LEU E 20 -7.61 24.20 17.95
N SER E 21 -6.30 24.14 18.19
CA SER E 21 -5.65 24.88 19.27
C SER E 21 -4.52 25.70 18.69
N CYS E 22 -4.19 26.80 19.37
CA CYS E 22 -3.14 27.71 18.91
C CYS E 22 -2.43 28.21 20.16
N ALA E 23 -1.22 27.70 20.42
CA ALA E 23 -0.43 28.07 21.60
C ALA E 23 0.48 29.22 21.23
N ALA E 24 0.35 30.34 21.95
CA ALA E 24 1.11 31.53 21.66
C ALA E 24 2.22 31.73 22.67
N SER E 25 3.28 32.41 22.21
CA SER E 25 4.33 32.88 23.07
C SER E 25 4.88 34.16 22.44
N GLY E 26 5.14 35.17 23.28
CA GLY E 26 5.62 36.46 22.80
C GLY E 26 4.57 37.54 22.85
N PHE E 27 3.33 37.20 23.18
CA PHE E 27 2.29 38.18 23.42
C PHE E 27 1.23 37.45 24.23
N ILE E 28 0.29 38.21 24.76
CA ILE E 28 -0.71 37.64 25.66
C ILE E 28 -2.01 37.56 24.88
N VAL E 29 -2.47 36.33 24.66
CA VAL E 29 -3.64 36.11 23.81
C VAL E 29 -4.82 36.93 24.32
N SER E 30 -5.08 36.87 25.62
CA SER E 30 -6.27 37.51 26.19
C SER E 30 -6.22 39.03 26.12
N ARG E 31 -5.12 39.59 25.63
CA ARG E 31 -4.94 41.03 25.55
C ARG E 31 -4.97 41.55 24.13
N ASN E 32 -5.21 40.68 23.15
CA ASN E 32 -5.09 41.01 21.73
C ASN E 32 -6.35 40.61 20.99
N TYR E 33 -6.65 41.32 19.89
CA TYR E 33 -7.53 40.76 18.88
C TYR E 33 -6.87 39.54 18.23
N MET E 34 -7.64 38.45 18.06
CA MET E 34 -7.13 37.22 17.48
C MET E 34 -8.07 36.75 16.37
N ASN E 35 -7.51 36.08 15.36
CA ASN E 35 -8.27 35.62 14.20
C ASN E 35 -7.96 34.16 13.87
N TRP E 36 -8.96 33.48 13.32
CA TRP E 36 -8.71 32.30 12.49
C TRP E 36 -8.99 32.67 11.04
N VAL E 37 -8.10 32.24 10.15
CA VAL E 37 -8.21 32.42 8.72
C VAL E 37 -7.95 31.07 8.08
N ARG E 38 -8.74 30.71 7.06
CA ARG E 38 -8.55 29.43 6.41
C ARG E 38 -8.30 29.59 4.92
N GLN E 39 -7.67 28.57 4.34
CA GLN E 39 -7.33 28.57 2.93
C GLN E 39 -7.59 27.18 2.36
N ALA E 40 -8.64 27.06 1.56
CA ALA E 40 -8.93 25.80 0.88
C ALA E 40 -7.79 25.47 -0.09
N PRO E 41 -7.42 24.17 -0.23
CA PRO E 41 -6.30 23.82 -1.13
C PRO E 41 -6.43 24.44 -2.50
N GLY E 42 -5.42 25.21 -2.91
CA GLY E 42 -5.43 25.91 -4.18
C GLY E 42 -6.30 27.14 -4.28
N LYS E 43 -6.78 27.68 -3.17
CA LYS E 43 -7.71 28.81 -3.19
C LYS E 43 -7.15 29.99 -2.37
N GLY E 44 -7.99 31.01 -2.15
CA GLY E 44 -7.58 32.21 -1.46
C GLY E 44 -7.69 32.12 0.05
N LEU E 45 -7.67 33.32 0.69
CA LEU E 45 -7.75 33.44 2.15
C LEU E 45 -9.17 33.81 2.54
N GLU E 46 -9.73 33.07 3.49
CA GLU E 46 -11.07 33.34 3.98
C GLU E 46 -11.02 33.57 5.49
N TRP E 47 -11.54 34.71 5.92
CA TRP E 47 -11.67 34.98 7.34
C TRP E 47 -12.77 34.10 7.95
N VAL E 48 -12.48 33.52 9.10
CA VAL E 48 -13.36 32.57 9.77
C VAL E 48 -13.96 33.16 11.04
N ALA E 49 -13.13 33.70 11.93
CA ALA E 49 -13.60 34.09 13.25
C ALA E 49 -12.59 35.03 13.92
N LEU E 50 -13.11 35.90 14.80
CA LEU E 50 -12.35 36.95 15.47
C LEU E 50 -12.80 37.08 16.92
N ILE E 51 -11.84 37.24 17.84
CA ILE E 51 -12.18 37.45 19.25
C ILE E 51 -11.45 38.69 19.75
N TYR E 52 -12.18 39.53 20.50
CA TYR E 52 -11.70 40.77 21.10
C TYR E 52 -11.08 40.50 22.47
N SER E 53 -10.19 41.39 22.91
CA SER E 53 -9.62 41.22 24.24
C SER E 53 -10.71 41.30 25.31
N GLY E 54 -11.67 42.20 25.12
CA GLY E 54 -12.80 42.23 26.03
C GLY E 54 -13.79 41.08 25.92
N GLY E 55 -13.62 40.15 24.98
CA GLY E 55 -14.38 38.92 24.96
C GLY E 55 -15.39 38.77 23.82
N SER E 56 -15.76 39.86 23.16
CA SER E 56 -16.68 39.75 22.03
C SER E 56 -16.12 38.83 20.94
N THR E 57 -17.00 38.08 20.31
CA THR E 57 -16.62 37.20 19.21
C THR E 57 -17.45 37.54 17.97
N PHE E 58 -16.89 37.26 16.80
CA PHE E 58 -17.54 37.49 15.51
C PHE E 58 -17.13 36.40 14.53
N TYR E 59 -18.02 36.13 13.60
CA TYR E 59 -17.88 34.97 12.72
C TYR E 59 -18.29 35.35 11.30
N ALA E 60 -17.65 34.72 10.32
CA ALA E 60 -18.13 34.78 8.95
C ALA E 60 -19.44 34.00 8.81
N ASP E 61 -20.29 34.49 7.91
CA ASP E 61 -21.58 33.83 7.66
C ASP E 61 -21.43 32.36 7.31
N SER E 62 -20.41 32.00 6.54
CA SER E 62 -20.25 30.60 6.15
C SER E 62 -20.05 29.65 7.33
N VAL E 63 -19.63 30.15 8.50
CA VAL E 63 -19.42 29.27 9.65
C VAL E 63 -20.26 29.65 10.85
N LYS E 64 -21.05 30.73 10.77
CA LYS E 64 -21.91 31.15 11.87
C LYS E 64 -22.81 30.01 12.37
N GLY E 65 -22.97 29.93 13.68
CA GLY E 65 -23.74 28.87 14.29
C GLY E 65 -23.03 27.53 14.42
N ARG E 66 -21.91 27.33 13.73
CA ARG E 66 -21.22 26.04 13.73
C ARG E 66 -19.86 26.08 14.39
N PHE E 67 -19.19 27.24 14.37
CA PHE E 67 -17.84 27.40 14.87
C PHE E 67 -17.86 28.30 16.10
N THR E 68 -16.98 28.01 17.05
CA THR E 68 -16.84 28.81 18.24
C THR E 68 -15.37 29.16 18.42
N ILE E 69 -15.07 30.44 18.65
CA ILE E 69 -13.72 30.88 18.96
C ILE E 69 -13.67 31.23 20.46
N SER E 70 -12.67 30.70 21.13
CA SER E 70 -12.52 30.87 22.57
C SER E 70 -11.03 30.81 22.89
N ARG E 71 -10.69 31.04 24.17
CA ARG E 71 -9.30 31.11 24.60
C ARG E 71 -9.17 30.61 26.03
N ASP E 72 -7.94 30.30 26.42
CA ASP E 72 -7.59 29.88 27.78
C ASP E 72 -6.39 30.72 28.21
N ASN E 73 -6.63 31.66 29.12
CA ASN E 73 -5.57 32.59 29.49
C ASN E 73 -4.42 31.91 30.23
N SER E 74 -4.74 30.95 31.11
CA SER E 74 -3.68 30.28 31.88
C SER E 74 -2.67 29.59 30.96
N LYS E 75 -3.14 29.02 29.86
CA LYS E 75 -2.28 28.32 28.92
C LYS E 75 -1.90 29.21 27.74
N ASN E 76 -2.38 30.45 27.70
CA ASN E 76 -2.12 31.38 26.61
C ASN E 76 -2.40 30.72 25.25
N THR E 77 -3.59 30.13 25.13
CA THR E 77 -3.96 29.38 23.95
C THR E 77 -5.30 29.88 23.43
N LEU E 78 -5.45 29.84 22.10
CA LEU E 78 -6.66 30.23 21.40
C LEU E 78 -7.26 28.99 20.73
N TYR E 79 -8.57 28.81 20.84
CA TYR E 79 -9.22 27.61 20.35
C TYR E 79 -10.24 27.94 19.26
N LEU E 80 -10.49 26.95 18.40
CA LEU E 80 -11.59 26.99 17.44
C LEU E 80 -12.34 25.67 17.52
N GLN E 81 -13.56 25.72 18.05
CA GLN E 81 -14.46 24.57 18.08
C GLN E 81 -15.25 24.52 16.77
N MET E 82 -15.07 23.46 16.00
CA MET E 82 -15.73 23.32 14.70
C MET E 82 -16.72 22.16 14.76
N ASN E 83 -18.01 22.48 14.70
CA ASN E 83 -19.05 21.45 14.70
C ASN E 83 -19.70 21.34 13.32
N SER E 84 -20.24 20.15 13.04
CA SER E 84 -21.09 19.95 11.87
C SER E 84 -20.31 20.25 10.59
N LEU E 85 -19.16 19.61 10.45
CA LEU E 85 -18.25 19.95 9.37
C LEU E 85 -18.71 19.38 8.03
N ARG E 86 -18.55 20.17 6.98
CA ARG E 86 -18.89 19.76 5.63
C ARG E 86 -17.63 19.73 4.77
N ALA E 87 -17.78 19.22 3.55
CA ALA E 87 -16.64 19.11 2.64
C ALA E 87 -16.04 20.48 2.34
N GLU E 88 -16.90 21.51 2.22
CA GLU E 88 -16.46 22.89 1.97
C GLU E 88 -15.60 23.46 3.10
N ASP E 89 -15.50 22.79 4.22
CA ASP E 89 -14.67 23.28 5.31
C ASP E 89 -13.24 22.77 5.23
N THR E 90 -12.95 21.92 4.25
CA THR E 90 -11.60 21.41 4.09
C THR E 90 -10.66 22.57 3.77
N ALA E 91 -9.60 22.71 4.55
CA ALA E 91 -8.75 23.90 4.45
C ALA E 91 -7.54 23.71 5.34
N VAL E 92 -6.51 24.51 5.07
CA VAL E 92 -5.55 24.80 6.12
C VAL E 92 -6.11 25.95 6.96
N TYR E 93 -6.05 25.79 8.27
CA TYR E 93 -6.51 26.81 9.21
C TYR E 93 -5.31 27.47 9.88
N TYR E 94 -5.32 28.80 9.89
CA TYR E 94 -4.27 29.63 10.49
C TYR E 94 -4.87 30.43 11.64
N CYS E 95 -4.16 30.51 12.75
CA CYS E 95 -4.42 31.54 13.74
C CYS E 95 -3.44 32.68 13.56
N ALA E 96 -3.89 33.90 13.87
CA ALA E 96 -3.06 35.08 13.68
C ALA E 96 -3.41 36.15 14.70
N ARG E 97 -2.39 36.91 15.11
CA ARG E 97 -2.58 38.08 15.96
C ARG E 97 -2.91 39.29 15.10
N ASP E 98 -3.90 40.06 15.53
CA ASP E 98 -4.48 41.13 14.74
C ASP E 98 -4.23 42.47 15.41
N LEU E 99 -3.68 43.42 14.67
CA LEU E 99 -3.40 44.77 15.13
C LEU E 99 -4.29 45.78 14.43
N VAL E 100 -5.57 45.50 14.35
CA VAL E 100 -6.48 45.75 13.22
C VAL E 100 -6.07 46.81 12.19
N VAL E 101 -5.71 48.02 12.62
CA VAL E 101 -5.25 48.99 11.61
C VAL E 101 -3.83 48.73 11.12
N TYR E 102 -3.07 47.88 11.81
CA TYR E 102 -1.72 47.54 11.37
C TYR E 102 -1.59 46.11 10.83
N GLY E 103 -2.71 45.45 10.48
CA GLY E 103 -2.67 44.16 9.83
C GLY E 103 -2.53 42.98 10.77
N LEU E 104 -2.47 41.79 10.15
CA LEU E 104 -2.21 40.53 10.85
C LEU E 104 -0.71 40.26 10.81
N ASP E 105 -0.01 40.54 11.91
CA ASP E 105 1.45 40.57 11.84
C ASP E 105 2.11 39.23 12.15
N TYR E 106 1.51 38.37 12.97
CA TYR E 106 2.08 37.05 13.23
C TYR E 106 1.04 35.96 13.01
N TRP E 107 1.45 34.90 12.33
CA TRP E 107 0.56 33.80 11.97
C TRP E 107 1.13 32.48 12.47
N GLY E 108 0.24 31.56 12.82
CA GLY E 108 0.64 30.18 13.01
C GLY E 108 1.04 29.55 11.68
N GLN E 109 1.60 28.34 11.77
CA GLN E 109 2.09 27.65 10.57
C GLN E 109 0.99 26.92 9.81
N GLY E 110 -0.22 26.86 10.34
CA GLY E 110 -1.32 26.22 9.65
C GLY E 110 -1.50 24.78 10.09
N THR E 111 -2.75 24.34 10.14
CA THR E 111 -3.07 22.94 10.39
C THR E 111 -4.16 22.52 9.41
N LEU E 112 -4.00 21.33 8.83
CA LEU E 112 -4.86 20.86 7.74
C LEU E 112 -6.05 20.08 8.27
N VAL E 113 -7.25 20.59 8.00
CA VAL E 113 -8.50 19.90 8.29
C VAL E 113 -9.04 19.28 7.00
N THR E 114 -9.25 17.96 7.01
CA THR E 114 -9.76 17.20 5.87
C THR E 114 -11.11 16.59 6.23
N VAL E 115 -12.16 17.02 5.55
CA VAL E 115 -13.52 16.56 5.82
C VAL E 115 -13.89 15.54 4.74
N SER E 116 -14.05 14.29 5.13
CA SER E 116 -14.07 13.22 4.13
C SER E 116 -14.51 11.90 4.75
N SER E 117 -15.26 11.12 3.96
CA SER E 117 -15.66 9.77 4.32
C SER E 117 -14.58 8.71 4.05
N ALA E 118 -13.49 9.05 3.37
CA ALA E 118 -12.43 8.08 3.15
C ALA E 118 -11.78 7.66 4.46
N SER E 119 -11.01 6.57 4.41
CA SER E 119 -10.38 6.02 5.59
C SER E 119 -8.89 6.28 5.59
N THR E 120 -8.32 6.40 6.78
CA THR E 120 -6.89 6.57 6.91
C THR E 120 -6.16 5.33 6.41
N LYS E 121 -5.08 5.55 5.66
CA LYS E 121 -4.21 4.47 5.20
C LYS E 121 -2.77 4.96 5.22
N GLY E 122 -1.87 4.11 5.72
CA GLY E 122 -0.46 4.39 5.72
C GLY E 122 0.20 4.03 4.41
N PRO E 123 1.30 4.70 4.09
CA PRO E 123 1.93 4.52 2.78
C PRO E 123 2.86 3.31 2.76
N SER E 124 2.98 2.72 1.56
CA SER E 124 4.09 1.83 1.24
C SER E 124 5.23 2.66 0.67
N VAL E 125 6.45 2.39 1.11
CA VAL E 125 7.62 3.15 0.69
C VAL E 125 8.49 2.25 -0.17
N PHE E 126 8.69 2.62 -1.43
CA PHE E 126 9.49 1.84 -2.36
C PHE E 126 10.71 2.63 -2.82
N PRO E 127 11.82 1.96 -3.06
CA PRO E 127 13.03 2.67 -3.50
C PRO E 127 13.01 2.98 -4.99
N LEU E 128 13.60 4.12 -5.32
CA LEU E 128 13.86 4.51 -6.70
C LEU E 128 15.38 4.45 -6.86
N ALA E 129 15.86 3.32 -7.38
CA ALA E 129 17.28 2.97 -7.33
C ALA E 129 18.04 3.64 -8.46
N PRO E 130 19.19 4.24 -8.17
CA PRO E 130 20.01 4.83 -9.23
C PRO E 130 20.70 3.74 -10.07
N SER E 131 21.03 4.11 -11.31
CA SER E 131 21.71 3.19 -12.22
C SER E 131 23.21 3.49 -12.33
N GLY E 138 30.22 12.01 -13.36
CA GLY E 138 28.83 12.39 -13.50
C GLY E 138 28.10 12.52 -12.17
N THR E 139 26.80 12.82 -12.22
CA THR E 139 25.96 12.87 -11.03
C THR E 139 24.69 12.07 -11.28
N ALA E 140 24.14 11.52 -10.19
CA ALA E 140 23.10 10.51 -10.25
C ALA E 140 21.86 10.92 -9.45
N ALA E 141 20.73 10.31 -9.78
CA ALA E 141 19.47 10.55 -9.11
C ALA E 141 18.95 9.29 -8.46
N LEU E 142 18.34 9.45 -7.28
CA LEU E 142 17.71 8.35 -6.59
C LEU E 142 16.56 8.94 -5.79
N GLY E 143 15.72 8.08 -5.26
CA GLY E 143 14.56 8.61 -4.56
C GLY E 143 13.73 7.52 -3.94
N CYS E 144 12.58 7.94 -3.42
CA CYS E 144 11.64 7.11 -2.71
C CYS E 144 10.23 7.37 -3.24
N LEU E 145 9.52 6.31 -3.52
CA LEU E 145 8.11 6.40 -3.90
C LEU E 145 7.29 6.12 -2.64
N VAL E 146 6.42 7.07 -2.31
CA VAL E 146 5.55 7.01 -1.15
C VAL E 146 4.14 6.81 -1.67
N LYS E 147 3.66 5.57 -1.65
CA LYS E 147 2.47 5.18 -2.40
C LYS E 147 1.32 4.78 -1.47
N ASP E 148 0.10 5.10 -1.90
CA ASP E 148 -1.16 4.58 -1.34
C ASP E 148 -1.34 4.96 0.14
N TYR E 149 -1.46 6.26 0.39
CA TYR E 149 -1.77 6.76 1.72
C TYR E 149 -2.93 7.75 1.68
N PHE E 150 -3.48 8.02 2.87
CA PHE E 150 -4.56 8.98 3.10
C PHE E 150 -4.74 9.20 4.60
N PRO E 151 -4.98 10.45 5.06
CA PRO E 151 -5.00 11.67 4.23
C PRO E 151 -3.63 12.31 4.17
N GLU E 152 -3.56 13.48 3.55
CA GLU E 152 -2.39 14.35 3.61
C GLU E 152 -2.18 14.83 5.04
N PRO E 153 -0.94 15.16 5.42
CA PRO E 153 0.33 15.11 4.69
C PRO E 153 1.25 13.96 5.12
N VAL E 154 2.35 13.81 4.40
CA VAL E 154 3.47 13.00 4.84
C VAL E 154 4.68 13.92 4.86
N THR E 155 5.67 13.56 5.65
CA THR E 155 6.94 14.25 5.64
C THR E 155 8.01 13.27 5.16
N VAL E 156 8.96 13.79 4.40
CA VAL E 156 10.09 13.00 3.93
C VAL E 156 11.37 13.74 4.29
N SER E 157 12.34 13.02 4.84
CA SER E 157 13.69 13.52 4.95
C SER E 157 14.65 12.49 4.37
N TRP E 158 15.89 12.89 4.22
CA TRP E 158 16.93 12.01 3.73
C TRP E 158 18.06 11.96 4.74
N ASN E 159 18.52 10.75 5.06
CA ASN E 159 19.60 10.54 6.03
C ASN E 159 19.33 11.30 7.33
N SER E 160 18.07 11.21 7.80
CA SER E 160 17.64 11.79 9.08
C SER E 160 17.88 13.29 9.15
N GLY E 161 17.80 13.98 8.02
CA GLY E 161 18.02 15.41 7.98
C GLY E 161 19.38 15.81 7.48
N ALA E 162 20.34 14.87 7.43
CA ALA E 162 21.71 15.20 7.02
C ALA E 162 21.81 15.59 5.55
N LEU E 163 20.87 15.17 4.72
CA LEU E 163 20.93 15.39 3.27
C LEU E 163 19.69 16.20 2.87
N THR E 164 19.90 17.49 2.58
CA THR E 164 18.83 18.38 2.12
C THR E 164 19.14 19.03 0.78
N SER E 165 20.42 19.13 0.40
CA SER E 165 20.79 19.77 -0.85
C SER E 165 20.33 18.93 -2.06
N GLY E 166 19.65 19.58 -2.99
CA GLY E 166 19.22 18.86 -4.19
C GLY E 166 18.10 17.87 -3.96
N VAL E 167 17.26 18.11 -2.95
CA VAL E 167 16.12 17.26 -2.65
C VAL E 167 14.88 17.92 -3.26
N HIS E 168 14.02 17.10 -3.87
CA HIS E 168 12.71 17.52 -4.35
C HIS E 168 11.69 16.52 -3.85
N THR E 169 10.70 16.99 -3.12
CA THR E 169 9.58 16.18 -2.69
C THR E 169 8.35 16.75 -3.35
N PHE E 170 7.73 15.95 -4.21
CA PHE E 170 6.70 16.44 -5.08
C PHE E 170 5.36 16.57 -4.36
N PRO E 171 4.51 17.50 -4.79
CA PRO E 171 3.11 17.47 -4.36
C PRO E 171 2.55 16.09 -4.64
N ALA E 172 1.74 15.60 -3.71
CA ALA E 172 1.11 14.31 -3.93
C ALA E 172 -0.01 14.45 -4.95
N VAL E 173 -0.26 13.38 -5.69
CA VAL E 173 -1.37 13.31 -6.62
C VAL E 173 -2.39 12.32 -6.07
N LEU E 174 -3.66 12.68 -6.17
CA LEU E 174 -4.75 11.77 -5.86
C LEU E 174 -4.90 10.77 -7.00
N GLN E 175 -4.86 9.48 -6.68
CA GLN E 175 -5.09 8.43 -7.66
C GLN E 175 -6.57 8.07 -7.74
N SER E 176 -6.92 7.31 -8.78
CA SER E 176 -8.32 6.91 -8.95
C SER E 176 -8.79 6.00 -7.83
N SER E 177 -7.85 5.38 -7.11
CA SER E 177 -8.12 4.59 -5.90
C SER E 177 -8.55 5.44 -4.71
N GLY E 178 -8.50 6.77 -4.81
CA GLY E 178 -8.75 7.62 -3.67
C GLY E 178 -7.59 7.77 -2.72
N LEU E 179 -6.48 7.06 -2.94
CA LEU E 179 -5.28 7.22 -2.13
C LEU E 179 -4.32 8.20 -2.79
N TYR E 180 -3.49 8.84 -1.97
CA TYR E 180 -2.45 9.74 -2.42
C TYR E 180 -1.17 8.96 -2.76
N SER E 181 -0.36 9.56 -3.63
CA SER E 181 0.95 9.02 -3.97
C SER E 181 1.90 10.19 -4.25
N LEU E 182 3.17 10.03 -3.91
CA LEU E 182 4.16 11.05 -4.26
C LEU E 182 5.54 10.44 -4.33
N SER E 183 6.45 11.20 -4.93
CA SER E 183 7.86 10.84 -5.00
C SER E 183 8.71 11.91 -4.31
N SER E 184 9.84 11.46 -3.74
CA SER E 184 10.87 12.35 -3.23
C SER E 184 12.21 11.89 -3.79
N VAL E 185 12.94 12.81 -4.41
CA VAL E 185 14.15 12.45 -5.16
C VAL E 185 15.28 13.37 -4.73
N VAL E 186 16.51 12.93 -5.00
CA VAL E 186 17.70 13.73 -4.69
C VAL E 186 18.75 13.41 -5.73
N THR E 187 19.44 14.44 -6.21
CA THR E 187 20.61 14.24 -7.06
C THR E 187 21.87 14.28 -6.22
N VAL E 188 22.74 13.27 -6.39
CA VAL E 188 23.99 13.17 -5.65
C VAL E 188 25.10 12.80 -6.64
N PRO E 189 26.37 13.00 -6.26
CA PRO E 189 27.46 12.65 -7.20
C PRO E 189 27.53 11.14 -7.44
N SER E 190 27.80 10.76 -8.69
CA SER E 190 27.99 9.35 -9.02
C SER E 190 29.16 8.74 -8.25
N SER E 191 30.13 9.56 -7.86
CA SER E 191 31.28 9.06 -7.12
C SER E 191 30.87 8.49 -5.77
N SER E 192 30.03 9.21 -5.03
CA SER E 192 29.54 8.76 -3.73
C SER E 192 28.46 7.69 -3.85
N LEU E 193 28.06 7.32 -5.07
CA LEU E 193 27.01 6.33 -5.24
C LEU E 193 27.38 4.98 -4.65
N GLY E 194 28.65 4.76 -4.33
CA GLY E 194 29.07 3.49 -3.72
C GLY E 194 29.73 3.67 -2.38
N THR E 195 29.86 4.93 -1.93
CA THR E 195 30.53 5.27 -0.69
C THR E 195 29.60 5.84 0.37
N GLN E 196 28.41 6.30 0.01
CA GLN E 196 27.48 6.91 0.94
C GLN E 196 26.21 6.08 1.00
N THR E 197 25.62 5.99 2.20
CA THR E 197 24.34 5.31 2.37
C THR E 197 23.23 6.35 2.35
N TYR E 198 22.21 6.10 1.53
CA TYR E 198 21.07 6.99 1.35
C TYR E 198 19.83 6.30 1.88
N ILE E 199 19.15 6.96 2.80
CA ILE E 199 17.96 6.42 3.45
C ILE E 199 16.93 7.53 3.47
N CYS E 200 15.71 7.22 3.06
CA CYS E 200 14.63 8.18 3.16
C CYS E 200 13.80 7.87 4.40
N ASN E 201 13.37 8.92 5.09
CA ASN E 201 12.58 8.81 6.31
C ASN E 201 11.21 9.38 6.01
N VAL E 202 10.22 8.50 5.92
CA VAL E 202 8.85 8.91 5.63
C VAL E 202 8.08 8.83 6.93
N ASN E 203 7.34 9.89 7.24
CA ASN E 203 6.49 9.92 8.42
C ASN E 203 5.10 10.31 7.98
N HIS E 204 4.12 9.46 8.29
CA HIS E 204 2.71 9.75 8.06
C HIS E 204 2.05 9.73 9.44
N LYS E 205 2.07 10.89 10.10
CA LYS E 205 1.42 11.05 11.39
C LYS E 205 -0.05 10.62 11.39
N PRO E 206 -0.91 10.97 10.40
CA PRO E 206 -2.33 10.61 10.48
C PRO E 206 -2.57 9.11 10.70
N SER E 207 -1.57 8.28 10.44
CA SER E 207 -1.68 6.84 10.58
C SER E 207 -0.66 6.25 11.53
N ASN E 208 0.16 7.09 12.16
CA ASN E 208 1.27 6.63 13.01
C ASN E 208 2.17 5.65 12.29
N THR E 209 2.36 5.87 10.99
CA THR E 209 3.29 5.13 10.17
C THR E 209 4.59 5.92 10.03
N LYS E 210 5.71 5.22 10.14
CA LYS E 210 7.03 5.85 10.03
C LYS E 210 7.97 4.81 9.44
N VAL E 211 8.37 5.00 8.19
CA VAL E 211 9.16 4.02 7.45
C VAL E 211 10.53 4.63 7.16
N ASP E 212 11.57 3.83 7.31
CA ASP E 212 12.89 4.14 6.77
C ASP E 212 13.20 3.12 5.68
N LYS E 213 13.47 3.59 4.48
CA LYS E 213 13.81 2.71 3.37
C LYS E 213 15.18 3.08 2.82
N ARG E 214 16.10 2.12 2.87
CA ARG E 214 17.39 2.25 2.23
C ARG E 214 17.22 2.14 0.72
N VAL E 215 17.96 2.95 -0.02
CA VAL E 215 17.92 2.98 -1.47
C VAL E 215 19.34 2.74 -1.97
N GLU E 216 19.54 1.63 -2.68
CA GLU E 216 20.84 1.18 -3.15
C GLU E 216 20.77 0.81 -4.63
N PRO E 217 21.92 0.77 -5.32
CA PRO E 217 21.94 0.34 -6.73
C PRO E 217 21.87 -1.18 -6.89
N ALA F 1 -19.99 43.85 1.38
CA ALA F 1 -20.22 45.26 1.12
C ALA F 1 -18.93 45.90 0.60
N ILE F 2 -17.81 45.22 0.80
CA ILE F 2 -16.53 45.61 0.20
C ILE F 2 -15.98 44.41 -0.57
N GLN F 3 -15.60 44.65 -1.81
CA GLN F 3 -14.94 43.63 -2.61
C GLN F 3 -13.60 44.15 -3.08
N LEU F 4 -12.60 43.28 -3.04
CA LEU F 4 -11.24 43.62 -3.44
C LEU F 4 -10.87 42.80 -4.66
N THR F 5 -10.36 43.47 -5.70
CA THR F 5 -9.99 42.82 -6.95
C THR F 5 -8.56 43.19 -7.30
N GLN F 6 -7.71 42.18 -7.44
CA GLN F 6 -6.30 42.39 -7.74
C GLN F 6 -6.04 42.26 -9.24
N SER F 7 -5.04 43.00 -9.72
CA SER F 7 -4.59 42.86 -11.10
C SER F 7 -3.07 42.97 -11.15
N PRO F 8 -2.38 42.10 -11.94
CA PRO F 8 -3.31 41.32 -12.75
C PRO F 8 -3.90 39.98 -12.25
N SER F 9 -3.21 38.85 -12.31
CA SER F 9 -3.74 37.66 -11.65
C SER F 9 -2.61 36.68 -11.48
N SER F 10 -1.76 36.70 -12.50
CA SER F 10 -0.47 36.08 -12.51
C SER F 10 0.42 36.94 -13.39
N LEU F 11 1.72 36.78 -13.24
CA LEU F 11 2.66 37.75 -13.76
C LEU F 11 4.02 37.07 -13.80
N SER F 12 4.76 37.31 -14.87
CA SER F 12 6.13 36.83 -14.99
C SER F 12 7.04 38.02 -15.16
N ALA F 13 8.15 38.04 -14.42
CA ALA F 13 9.07 39.16 -14.49
C ALA F 13 10.45 38.68 -14.08
N SER F 14 11.47 39.33 -14.62
CA SER F 14 12.83 38.85 -14.47
C SER F 14 13.46 39.43 -13.23
N VAL F 15 14.51 38.77 -12.76
CA VAL F 15 15.28 39.29 -11.64
C VAL F 15 15.80 40.68 -11.99
N GLY F 16 15.68 41.61 -11.03
CA GLY F 16 16.08 42.98 -11.24
C GLY F 16 15.03 43.88 -11.86
N ASP F 17 13.93 43.33 -12.37
CA ASP F 17 12.86 44.14 -12.93
C ASP F 17 12.11 44.88 -11.83
N ARG F 18 11.28 45.82 -12.27
CA ARG F 18 10.39 46.57 -11.40
C ARG F 18 8.97 46.06 -11.64
N VAL F 19 8.36 45.54 -10.58
CA VAL F 19 7.04 44.93 -10.64
C VAL F 19 6.05 45.79 -9.87
N THR F 20 4.85 45.94 -10.43
CA THR F 20 3.73 46.58 -9.75
C THR F 20 2.52 45.67 -9.82
N ILE F 21 1.77 45.60 -8.73
CA ILE F 21 0.57 44.80 -8.62
C ILE F 21 -0.50 45.71 -8.03
N THR F 22 -1.73 45.55 -8.50
CA THR F 22 -2.79 46.51 -8.25
C THR F 22 -3.94 45.84 -7.50
N CYS F 23 -4.53 46.57 -6.56
CA CYS F 23 -5.72 46.14 -5.83
C CYS F 23 -6.75 47.24 -6.01
N ARG F 24 -7.96 46.86 -6.43
CA ARG F 24 -9.05 47.80 -6.62
C ARG F 24 -10.19 47.44 -5.66
N ALA F 25 -10.62 48.43 -4.88
CA ALA F 25 -11.69 48.23 -3.92
C ALA F 25 -13.01 48.74 -4.50
N SER F 26 -14.06 47.95 -4.28
CA SER F 26 -15.40 48.30 -4.76
C SER F 26 -15.94 49.62 -4.17
N GLN F 27 -15.39 50.09 -3.05
CA GLN F 27 -15.73 51.37 -2.45
C GLN F 27 -14.48 51.96 -1.80
N GLY F 28 -14.56 53.24 -1.42
CA GLY F 28 -13.40 53.94 -0.86
C GLY F 28 -13.11 53.52 0.58
N ILE F 29 -11.85 53.18 0.86
CA ILE F 29 -11.43 52.62 2.15
C ILE F 29 -10.25 53.38 2.76
N SER F 30 -10.27 54.71 2.72
CA SER F 30 -9.16 55.53 2.28
C SER F 30 -7.77 54.90 2.32
N SER F 31 -7.21 54.59 3.48
CA SER F 31 -5.85 54.05 3.50
C SER F 31 -5.78 52.68 4.14
N HIS F 32 -6.93 52.03 4.31
CA HIS F 32 -7.02 50.85 5.17
C HIS F 32 -6.76 49.58 4.35
N LEU F 33 -5.51 49.45 3.90
CA LEU F 33 -5.15 48.30 3.09
C LEU F 33 -3.80 47.73 3.50
N ALA F 34 -3.70 46.41 3.52
CA ALA F 34 -2.45 45.71 3.79
C ALA F 34 -2.09 44.82 2.61
N TRP F 35 -0.81 44.52 2.49
CA TRP F 35 -0.30 43.61 1.46
C TRP F 35 0.45 42.48 2.16
N TYR F 36 0.21 41.24 1.71
CA TYR F 36 0.85 40.06 2.26
C TYR F 36 1.55 39.29 1.16
N GLN F 37 2.47 38.44 1.57
CA GLN F 37 3.26 37.61 0.68
C GLN F 37 3.19 36.19 1.20
N GLN F 38 2.73 35.26 0.37
CA GLN F 38 2.63 33.87 0.78
C GLN F 38 3.46 32.99 -0.14
N LYS F 39 4.41 32.38 0.40
CA LYS F 39 5.27 31.40 -0.22
C LYS F 39 4.68 30.02 -0.01
N PRO F 40 4.95 29.06 -0.90
CA PRO F 40 4.19 27.81 -0.90
C PRO F 40 4.45 27.01 0.38
N GLY F 41 3.38 26.61 1.04
CA GLY F 41 3.50 25.87 2.28
C GLY F 41 3.67 26.71 3.52
N LYS F 42 3.59 28.04 3.43
CA LYS F 42 3.82 28.92 4.57
C LYS F 42 2.63 29.83 4.77
N ALA F 43 2.53 30.38 5.98
CA ALA F 43 1.52 31.37 6.26
C ALA F 43 1.80 32.65 5.47
N PRO F 44 0.79 33.45 5.20
CA PRO F 44 1.05 34.78 4.64
C PRO F 44 1.98 35.57 5.56
N LYS F 45 2.72 36.49 4.97
CA LYS F 45 3.66 37.33 5.68
C LYS F 45 3.32 38.79 5.41
N LEU F 46 3.11 39.56 6.46
CA LEU F 46 2.73 40.97 6.32
C LEU F 46 3.88 41.79 5.73
N LEU F 47 3.59 42.58 4.70
CA LEU F 47 4.56 43.42 4.02
C LEU F 47 4.30 44.90 4.24
N ILE F 48 3.06 45.35 4.02
CA ILE F 48 2.66 46.75 4.09
C ILE F 48 1.36 46.84 4.86
N PHE F 49 1.22 47.87 5.72
CA PHE F 49 -0.07 48.19 6.30
C PHE F 49 -0.32 49.68 6.13
N ALA F 50 -1.57 50.09 6.33
CA ALA F 50 -1.99 51.48 6.12
C ALA F 50 -1.66 51.95 4.71
N ALA F 51 -1.57 51.01 3.79
CA ALA F 51 -1.37 51.19 2.35
C ALA F 51 0.04 51.61 1.93
N SER F 52 0.85 52.13 2.85
CA SER F 52 2.20 52.56 2.47
C SER F 52 3.28 52.28 3.50
N THR F 53 2.95 51.83 4.69
CA THR F 53 3.92 51.69 5.76
C THR F 53 4.57 50.31 5.70
N LEU F 54 5.90 50.29 5.62
CA LEU F 54 6.63 49.05 5.52
C LEU F 54 6.66 48.32 6.86
N GLN F 55 6.30 47.05 6.87
CA GLN F 55 6.34 46.26 8.10
C GLN F 55 7.77 46.04 8.54
N SER F 56 7.98 46.06 9.86
CA SER F 56 9.31 45.88 10.43
C SER F 56 9.95 44.57 9.99
N GLY F 57 11.19 44.65 9.53
CA GLY F 57 11.93 43.51 9.04
C GLY F 57 11.75 43.20 7.57
N VAL F 58 10.93 43.97 6.85
CA VAL F 58 10.61 43.67 5.45
C VAL F 58 11.55 44.45 4.54
N PRO F 59 12.12 43.82 3.51
CA PRO F 59 13.07 44.50 2.62
C PRO F 59 12.50 45.78 2.03
N SER F 60 13.35 46.81 1.95
CA SER F 60 12.89 48.12 1.51
C SER F 60 12.58 48.18 0.02
N ARG F 61 12.86 47.12 -0.75
CA ARG F 61 12.45 47.13 -2.16
C ARG F 61 10.94 47.01 -2.33
N PHE F 62 10.24 46.48 -1.34
CA PHE F 62 8.79 46.52 -1.33
C PHE F 62 8.32 47.91 -0.91
N SER F 63 7.30 48.40 -1.58
CA SER F 63 6.69 49.66 -1.17
C SER F 63 5.24 49.67 -1.63
N GLY F 64 4.40 50.38 -0.89
CA GLY F 64 2.98 50.49 -1.22
C GLY F 64 2.54 51.92 -1.43
N SER F 65 1.49 52.09 -2.22
CA SER F 65 0.93 53.41 -2.43
C SER F 65 -0.54 53.27 -2.77
N GLY F 66 -1.21 54.42 -2.81
CA GLY F 66 -2.62 54.49 -3.17
C GLY F 66 -3.49 54.93 -2.01
N SER F 67 -4.73 55.24 -2.37
CA SER F 67 -5.71 55.73 -1.39
C SER F 67 -7.07 55.63 -2.03
N GLY F 68 -8.10 55.47 -1.19
CA GLY F 68 -9.45 55.43 -1.72
C GLY F 68 -9.80 54.08 -2.29
N THR F 69 -9.81 53.97 -3.62
CA THR F 69 -10.16 52.73 -4.29
C THR F 69 -9.01 52.05 -5.01
N ASP F 70 -7.89 52.73 -5.23
CA ASP F 70 -6.84 52.25 -6.13
C ASP F 70 -5.52 52.15 -5.37
N PHE F 71 -4.98 50.93 -5.30
CA PHE F 71 -3.78 50.66 -4.53
C PHE F 71 -2.79 49.89 -5.38
N THR F 72 -1.51 50.06 -5.08
CA THR F 72 -0.47 49.38 -5.82
C THR F 72 0.62 48.93 -4.85
N LEU F 73 1.07 47.70 -5.03
CA LEU F 73 2.28 47.20 -4.41
C LEU F 73 3.38 47.19 -5.47
N THR F 74 4.54 47.72 -5.12
CA THR F 74 5.66 47.82 -6.04
C THR F 74 6.81 47.02 -5.46
N ILE F 75 7.45 46.21 -6.29
CA ILE F 75 8.76 45.65 -5.99
C ILE F 75 9.73 46.25 -7.00
N SER F 76 10.89 46.68 -6.53
CA SER F 76 11.75 47.53 -7.35
C SER F 76 12.92 46.79 -7.98
N SER F 77 13.55 45.85 -7.26
CA SER F 77 14.61 44.99 -7.81
C SER F 77 14.22 43.56 -7.49
N LEU F 78 13.43 42.95 -8.37
CA LEU F 78 12.89 41.62 -8.15
C LEU F 78 14.00 40.61 -7.87
N GLN F 79 13.82 39.84 -6.80
CA GLN F 79 14.74 38.79 -6.39
C GLN F 79 14.11 37.41 -6.57
N PRO F 80 14.90 36.36 -6.79
CA PRO F 80 14.32 35.02 -6.94
C PRO F 80 13.50 34.56 -5.75
N GLU F 81 13.82 35.00 -4.53
CA GLU F 81 12.98 34.62 -3.40
C GLU F 81 11.65 35.38 -3.37
N ASP F 82 11.43 36.32 -4.28
CA ASP F 82 10.15 37.00 -4.35
C ASP F 82 9.05 36.19 -5.04
N PHE F 83 9.35 34.98 -5.52
CA PHE F 83 8.30 34.10 -6.02
C PHE F 83 7.30 33.82 -4.90
N ALA F 84 6.02 34.10 -5.17
CA ALA F 84 4.97 33.99 -4.16
C ALA F 84 3.65 34.39 -4.77
N THR F 85 2.59 34.19 -3.98
CA THR F 85 1.30 34.79 -4.25
C THR F 85 1.10 35.95 -3.30
N TYR F 86 0.68 37.09 -3.83
CA TYR F 86 0.55 38.33 -3.10
C TYR F 86 -0.91 38.65 -2.92
N TYR F 87 -1.30 38.97 -1.68
CA TYR F 87 -2.69 39.27 -1.37
C TYR F 87 -2.80 40.68 -0.80
N CYS F 88 -3.92 41.34 -1.09
CA CYS F 88 -4.27 42.54 -0.37
C CYS F 88 -5.39 42.23 0.62
N GLN F 89 -5.56 43.09 1.61
CA GLN F 89 -6.54 42.91 2.68
C GLN F 89 -7.12 44.24 3.07
N HIS F 90 -8.43 44.29 3.19
CA HIS F 90 -9.12 45.45 3.75
C HIS F 90 -8.86 45.51 5.26
N LEU F 91 -8.25 46.60 5.74
CA LEU F 91 -7.97 46.76 7.18
C LEU F 91 -9.17 47.42 7.85
N ASN F 92 -10.24 46.63 7.95
CA ASN F 92 -11.49 47.08 8.53
C ASN F 92 -11.39 47.13 10.05
N SER F 93 -11.74 48.28 10.65
CA SER F 93 -11.75 48.33 12.11
C SER F 93 -12.97 47.65 12.70
N ASN F 94 -13.90 47.18 11.88
CA ASN F 94 -15.01 46.33 12.31
C ASN F 94 -15.04 45.09 11.46
N PRO F 95 -15.63 44.01 11.97
CA PRO F 95 -15.40 42.68 11.41
C PRO F 95 -16.38 42.26 10.34
N PRO F 96 -16.30 42.75 9.12
CA PRO F 96 -15.84 41.86 8.04
C PRO F 96 -14.45 42.32 7.55
N ILE F 97 -13.40 41.52 7.67
CA ILE F 97 -12.21 41.79 6.85
C ILE F 97 -12.34 40.97 5.57
N THR F 98 -11.56 41.35 4.55
CA THR F 98 -11.65 40.67 3.27
C THR F 98 -10.32 40.75 2.54
N PHE F 99 -10.06 39.75 1.71
CA PHE F 99 -8.83 39.64 0.94
C PHE F 99 -9.13 39.64 -0.56
N GLY F 100 -8.21 40.23 -1.32
CA GLY F 100 -8.21 40.03 -2.77
C GLY F 100 -7.99 38.58 -3.13
N GLN F 101 -8.16 38.30 -4.43
CA GLN F 101 -8.15 36.93 -4.87
C GLN F 101 -6.75 36.36 -4.98
N GLY F 102 -5.73 37.21 -4.99
CA GLY F 102 -4.35 36.76 -5.07
C GLY F 102 -3.76 37.04 -6.45
N THR F 103 -2.44 37.24 -6.47
CA THR F 103 -1.67 37.48 -7.67
C THR F 103 -0.45 36.57 -7.63
N ARG F 104 -0.36 35.63 -8.57
CA ARG F 104 0.76 34.69 -8.61
C ARG F 104 1.91 35.33 -9.37
N LEU F 105 3.08 35.40 -8.74
CA LEU F 105 4.24 36.04 -9.35
C LEU F 105 5.31 34.98 -9.59
N GLU F 106 5.62 34.74 -10.86
CA GLU F 106 6.68 33.82 -11.26
C GLU F 106 7.93 34.61 -11.63
N ILE F 107 9.09 34.08 -11.25
CA ILE F 107 10.36 34.61 -11.70
C ILE F 107 10.65 34.09 -13.11
N LYS F 108 10.86 35.01 -14.05
CA LYS F 108 11.28 34.64 -15.39
C LYS F 108 12.80 34.58 -15.45
N ARG F 109 13.34 33.46 -15.90
CA ARG F 109 14.78 33.25 -16.02
C ARG F 109 15.09 32.72 -17.43
N THR F 110 16.37 32.52 -17.71
CA THR F 110 16.77 31.95 -18.99
C THR F 110 16.31 30.49 -19.09
N VAL F 111 16.07 30.03 -20.31
CA VAL F 111 15.67 28.65 -20.55
C VAL F 111 16.70 27.68 -19.96
N ALA F 112 16.22 26.59 -19.38
CA ALA F 112 17.10 25.55 -18.87
C ALA F 112 16.47 24.21 -19.17
N ALA F 113 17.16 23.38 -19.94
CA ALA F 113 16.66 22.05 -20.26
C ALA F 113 16.62 21.19 -19.00
N PRO F 114 15.71 20.22 -18.95
CA PRO F 114 15.72 19.26 -17.85
C PRO F 114 16.80 18.22 -18.05
N SER F 115 17.29 17.69 -16.95
CA SER F 115 17.97 16.41 -16.95
C SER F 115 16.93 15.35 -16.64
N VAL F 116 16.99 14.23 -17.36
CA VAL F 116 15.93 13.24 -17.34
C VAL F 116 16.45 11.95 -16.73
N PHE F 117 15.66 11.35 -15.84
CA PHE F 117 16.00 10.05 -15.27
C PHE F 117 14.75 9.19 -15.21
N ILE F 118 14.93 7.89 -15.38
CA ILE F 118 13.83 6.92 -15.33
C ILE F 118 14.17 5.84 -14.31
N PHE F 119 13.16 5.40 -13.57
CA PHE F 119 13.34 4.40 -12.54
C PHE F 119 12.44 3.19 -12.80
N PRO F 120 12.99 1.98 -12.85
CA PRO F 120 12.16 0.79 -12.96
C PRO F 120 11.50 0.53 -11.63
N PRO F 121 10.39 -0.24 -11.61
CA PRO F 121 9.75 -0.54 -10.33
C PRO F 121 10.69 -1.31 -9.42
N SER F 122 10.53 -1.13 -8.12
CA SER F 122 11.33 -1.91 -7.18
C SER F 122 10.85 -3.36 -7.17
N ASP F 123 11.73 -4.25 -6.71
CA ASP F 123 11.32 -5.65 -6.54
C ASP F 123 10.29 -5.79 -5.43
N GLU F 124 10.39 -4.97 -4.38
CA GLU F 124 9.35 -4.94 -3.35
C GLU F 124 7.97 -4.74 -3.97
N GLN F 125 7.79 -3.68 -4.76
CA GLN F 125 6.46 -3.35 -5.24
C GLN F 125 5.93 -4.41 -6.20
N LEU F 126 6.81 -5.00 -7.01
CA LEU F 126 6.37 -6.07 -7.92
C LEU F 126 5.80 -7.26 -7.16
N LYS F 127 6.35 -7.56 -5.98
CA LYS F 127 5.79 -8.60 -5.12
C LYS F 127 4.34 -8.30 -4.74
N SER F 128 3.98 -7.03 -4.61
CA SER F 128 2.61 -6.65 -4.24
C SER F 128 1.63 -6.74 -5.42
N GLY F 129 2.12 -6.94 -6.64
CA GLY F 129 1.25 -7.09 -7.79
C GLY F 129 1.07 -5.86 -8.65
N THR F 130 1.66 -4.72 -8.28
CA THR F 130 1.59 -3.51 -9.08
C THR F 130 3.00 -3.05 -9.43
N ALA F 131 3.12 -2.38 -10.59
CA ALA F 131 4.37 -1.81 -11.04
C ALA F 131 4.20 -0.32 -11.25
N SER F 132 5.09 0.47 -10.65
CA SER F 132 5.17 1.90 -10.87
C SER F 132 6.48 2.22 -11.57
N VAL F 133 6.39 2.88 -12.71
CA VAL F 133 7.56 3.37 -13.44
C VAL F 133 7.56 4.88 -13.26
N VAL F 134 8.67 5.42 -12.78
CA VAL F 134 8.80 6.85 -12.47
C VAL F 134 9.79 7.50 -13.43
N CYS F 135 9.39 8.62 -14.01
CA CYS F 135 10.24 9.44 -14.85
C CYS F 135 10.43 10.81 -14.19
N LEU F 136 11.69 11.27 -14.10
CA LEU F 136 12.04 12.51 -13.40
C LEU F 136 12.64 13.51 -14.37
N LEU F 137 12.05 14.71 -14.40
CA LEU F 137 12.59 15.88 -15.09
C LEU F 137 13.04 16.87 -14.03
N ASN F 138 14.33 17.18 -14.00
CA ASN F 138 14.91 17.90 -12.88
C ASN F 138 15.39 19.28 -13.33
N ASN F 139 14.91 20.31 -12.62
CA ASN F 139 15.52 21.65 -12.63
C ASN F 139 15.47 22.29 -14.02
N PHE F 140 14.26 22.58 -14.49
CA PHE F 140 14.11 23.17 -15.81
C PHE F 140 13.26 24.43 -15.74
N TYR F 141 13.35 25.23 -16.80
CA TYR F 141 12.55 26.43 -17.03
C TYR F 141 12.45 26.64 -18.54
N PRO F 142 11.26 27.02 -19.07
CA PRO F 142 10.00 27.26 -18.37
C PRO F 142 9.24 26.00 -18.00
N ARG F 143 8.05 26.21 -17.45
CA ARG F 143 7.29 25.13 -16.82
C ARG F 143 6.72 24.14 -17.84
N GLU F 144 6.43 24.59 -19.05
CA GLU F 144 5.83 23.73 -20.05
C GLU F 144 6.77 22.59 -20.44
N ALA F 145 6.30 21.36 -20.30
CA ALA F 145 7.07 20.17 -20.63
C ALA F 145 6.08 19.07 -21.00
N LYS F 146 6.50 18.17 -21.89
CA LYS F 146 5.69 17.04 -22.29
C LYS F 146 6.44 15.75 -21.99
N VAL F 147 5.78 14.85 -21.25
CA VAL F 147 6.29 13.51 -21.02
C VAL F 147 5.42 12.53 -21.82
N GLN F 148 6.05 11.77 -22.71
CA GLN F 148 5.38 10.74 -23.49
C GLN F 148 5.95 9.39 -23.10
N TRP F 149 5.14 8.55 -22.45
CA TRP F 149 5.55 7.19 -22.14
C TRP F 149 5.46 6.30 -23.38
N LYS F 150 6.49 5.48 -23.59
CA LYS F 150 6.50 4.49 -24.66
C LYS F 150 6.78 3.13 -24.04
N VAL F 151 5.96 2.14 -24.39
CA VAL F 151 6.13 0.76 -23.95
C VAL F 151 6.21 -0.12 -25.21
N ASP F 152 7.34 -0.81 -25.37
CA ASP F 152 7.71 -1.51 -26.59
C ASP F 152 7.35 -0.68 -27.82
N ASN F 153 7.62 0.63 -27.74
CA ASN F 153 7.40 1.62 -28.79
C ASN F 153 5.95 2.01 -29.00
N ALA F 154 5.03 1.55 -28.13
CA ALA F 154 3.64 2.01 -28.16
C ALA F 154 3.47 3.17 -27.18
N LEU F 155 2.83 4.25 -27.64
CA LEU F 155 2.64 5.44 -26.82
C LEU F 155 1.55 5.17 -25.79
N GLN F 156 1.92 5.15 -24.51
CA GLN F 156 0.95 4.95 -23.43
C GLN F 156 0.11 6.20 -23.22
N SER F 157 -1.13 5.98 -22.79
CA SER F 157 -2.06 7.06 -22.53
C SER F 157 -3.10 6.54 -21.55
N GLY F 158 -3.39 7.32 -20.52
CA GLY F 158 -4.44 7.00 -19.58
C GLY F 158 -4.00 6.32 -18.29
N ASN F 159 -2.72 5.97 -18.16
CA ASN F 159 -2.23 5.27 -16.98
C ASN F 159 -1.05 5.99 -16.34
N SER F 160 -0.97 7.31 -16.52
CA SER F 160 0.11 8.10 -15.96
C SER F 160 -0.44 9.33 -15.27
N GLN F 161 0.31 9.82 -14.28
CA GLN F 161 0.00 11.05 -13.56
C GLN F 161 1.30 11.79 -13.30
N GLU F 162 1.26 13.11 -13.40
CA GLU F 162 2.45 13.88 -13.15
C GLU F 162 2.19 14.94 -12.10
N SER F 163 3.28 15.51 -11.62
CA SER F 163 3.28 16.46 -10.52
C SER F 163 4.50 17.36 -10.70
N VAL F 164 4.34 18.64 -10.39
CA VAL F 164 5.38 19.65 -10.60
C VAL F 164 5.66 20.34 -9.28
N THR F 165 6.94 20.50 -8.97
CA THR F 165 7.29 21.25 -7.76
C THR F 165 6.95 22.72 -7.95
N GLU F 166 6.90 23.45 -6.83
CA GLU F 166 6.83 24.91 -6.90
C GLU F 166 8.13 25.46 -7.46
N GLN F 167 8.05 26.62 -8.06
CA GLN F 167 9.25 27.25 -8.60
C GLN F 167 10.25 27.49 -7.46
N ASP F 168 11.51 27.14 -7.71
CA ASP F 168 12.54 27.11 -6.68
C ASP F 168 12.94 28.52 -6.22
N SER F 169 13.29 28.63 -4.93
CA SER F 169 13.57 29.93 -4.31
C SER F 169 14.88 30.54 -4.79
N LYS F 170 15.88 29.74 -5.13
CA LYS F 170 17.19 30.26 -5.53
C LYS F 170 17.39 30.30 -7.04
N ASP F 171 17.24 29.16 -7.74
CA ASP F 171 17.54 29.13 -9.17
C ASP F 171 16.30 29.17 -10.06
N SER F 172 15.12 29.35 -9.47
CA SER F 172 13.87 29.60 -10.21
C SER F 172 13.51 28.50 -11.22
N THR F 173 13.97 27.26 -11.00
CA THR F 173 13.57 26.17 -11.87
C THR F 173 12.43 25.35 -11.27
N TYR F 174 11.82 24.53 -12.13
CA TYR F 174 10.79 23.56 -11.79
C TYR F 174 11.38 22.15 -11.91
N SER F 175 10.74 21.21 -11.22
CA SER F 175 10.99 19.80 -11.43
C SER F 175 9.66 19.05 -11.61
N LEU F 176 9.72 17.90 -12.26
CA LEU F 176 8.50 17.17 -12.58
C LEU F 176 8.72 15.68 -12.49
N SER F 177 7.76 14.98 -11.89
CA SER F 177 7.75 13.53 -11.87
C SER F 177 6.51 13.04 -12.62
N SER F 178 6.70 11.98 -13.41
CA SER F 178 5.61 11.30 -14.07
C SER F 178 5.64 9.84 -13.65
N THR F 179 4.45 9.28 -13.39
CA THR F 179 4.36 7.93 -12.83
C THR F 179 3.40 7.11 -13.68
N LEU F 180 3.95 6.12 -14.38
CA LEU F 180 3.20 5.13 -15.13
C LEU F 180 2.85 3.95 -14.23
N THR F 181 1.57 3.60 -14.18
CA THR F 181 1.10 2.55 -13.27
C THR F 181 0.52 1.39 -14.08
N LEU F 182 1.08 0.20 -13.88
CA LEU F 182 0.59 -1.03 -14.50
C LEU F 182 0.43 -2.12 -13.46
N SER F 183 -0.42 -3.10 -13.76
CA SER F 183 -0.42 -4.33 -12.98
C SER F 183 0.87 -5.10 -13.27
N LYS F 184 1.28 -5.93 -12.30
CA LYS F 184 2.49 -6.73 -12.49
C LYS F 184 2.38 -7.60 -13.73
N ALA F 185 1.19 -8.16 -13.98
CA ALA F 185 0.97 -8.98 -15.16
C ALA F 185 1.28 -8.20 -16.43
N ASP F 186 0.67 -7.03 -16.60
CA ASP F 186 0.94 -6.21 -17.78
C ASP F 186 2.41 -5.84 -17.86
N TYR F 187 3.02 -5.51 -16.73
CA TYR F 187 4.41 -5.07 -16.73
C TYR F 187 5.33 -6.12 -17.35
N GLU F 188 5.07 -7.39 -17.05
CA GLU F 188 5.96 -8.45 -17.50
C GLU F 188 5.70 -8.88 -18.94
N LYS F 189 4.60 -8.45 -19.56
CA LYS F 189 4.36 -8.78 -20.96
C LYS F 189 4.88 -7.69 -21.90
N HIS F 190 5.81 -6.84 -21.43
CA HIS F 190 6.50 -5.87 -22.26
C HIS F 190 7.96 -5.82 -21.81
N LYS F 191 8.82 -5.29 -22.67
CA LYS F 191 10.25 -5.29 -22.40
C LYS F 191 10.85 -3.89 -22.24
N VAL F 192 10.69 -3.01 -23.22
CA VAL F 192 11.35 -1.71 -23.24
C VAL F 192 10.40 -0.66 -22.68
N TYR F 193 10.80 -0.05 -21.55
CA TYR F 193 10.04 1.02 -20.92
C TYR F 193 10.80 2.32 -21.07
N ALA F 194 10.14 3.34 -21.58
CA ALA F 194 10.84 4.52 -22.06
C ALA F 194 10.05 5.77 -21.74
N CYS F 195 10.79 6.82 -21.47
CA CYS F 195 10.23 8.12 -21.12
C CYS F 195 10.79 9.12 -22.12
N GLU F 196 9.92 9.76 -22.90
CA GLU F 196 10.36 10.70 -23.92
C GLU F 196 9.92 12.11 -23.54
N VAL F 197 10.88 13.03 -23.47
CA VAL F 197 10.64 14.37 -22.93
C VAL F 197 10.85 15.41 -24.01
N THR F 198 9.90 16.32 -24.12
CA THR F 198 9.94 17.45 -25.05
C THR F 198 9.97 18.72 -24.24
N HIS F 199 10.80 19.68 -24.66
CA HIS F 199 10.96 20.88 -23.86
C HIS F 199 11.73 21.92 -24.66
N GLN F 200 11.39 23.19 -24.40
CA GLN F 200 12.03 24.29 -25.09
C GLN F 200 13.55 24.23 -25.03
N GLY F 201 14.11 23.72 -23.92
CA GLY F 201 15.56 23.63 -23.80
C GLY F 201 16.24 22.48 -24.53
N LEU F 202 15.49 21.49 -25.03
CA LEU F 202 16.06 20.33 -25.71
C LEU F 202 15.89 20.47 -27.21
N SER F 203 17.00 20.48 -27.96
CA SER F 203 16.89 20.68 -29.41
C SER F 203 15.97 19.65 -30.06
N SER F 204 16.07 18.39 -29.66
CA SER F 204 15.15 17.35 -30.06
C SER F 204 14.75 16.58 -28.81
N PRO F 205 13.65 15.83 -28.86
CA PRO F 205 13.23 15.11 -27.65
C PRO F 205 14.31 14.18 -27.13
N VAL F 206 14.33 14.03 -25.81
CA VAL F 206 15.29 13.18 -25.13
C VAL F 206 14.54 11.99 -24.59
N THR F 207 15.16 10.82 -24.68
CA THR F 207 14.51 9.57 -24.28
C THR F 207 15.40 8.82 -23.30
N LYS F 208 14.83 8.44 -22.16
CA LYS F 208 15.50 7.59 -21.20
C LYS F 208 14.69 6.30 -21.10
N SER F 209 15.39 5.18 -21.11
CA SER F 209 14.74 3.87 -21.20
C SER F 209 15.51 2.85 -20.40
N PHE F 210 14.85 1.72 -20.17
CA PHE F 210 15.49 0.53 -19.64
C PHE F 210 14.77 -0.68 -20.21
N ASN F 211 15.48 -1.81 -20.22
CA ASN F 211 14.91 -3.09 -20.61
C ASN F 211 14.50 -3.84 -19.34
N ARG F 212 13.28 -4.36 -19.31
CA ARG F 212 12.72 -4.90 -18.08
C ARG F 212 13.60 -6.03 -17.55
N GLY F 213 13.96 -5.94 -16.26
CA GLY F 213 14.80 -6.94 -15.64
C GLY F 213 16.18 -6.99 -16.24
N GLU F 214 16.99 -5.95 -16.03
CA GLU F 214 18.40 -5.94 -16.43
C GLU F 214 19.22 -5.03 -15.51
N ASN G 1 27.96 7.88 33.23
CA ASN G 1 27.74 6.46 32.96
C ASN G 1 27.67 6.17 31.45
N LEU G 2 28.85 6.09 30.84
CA LEU G 2 28.98 5.88 29.40
C LEU G 2 28.87 4.39 29.06
N CYS G 3 28.38 4.11 27.86
CA CYS G 3 28.22 2.73 27.44
C CYS G 3 29.59 2.10 27.20
N PRO G 4 29.81 0.87 27.62
CA PRO G 4 31.14 0.24 27.52
C PRO G 4 31.40 -0.33 26.14
N PHE G 5 31.43 0.55 25.13
CA PHE G 5 31.75 0.11 23.77
C PHE G 5 33.21 -0.31 23.65
N GLY G 6 34.11 0.31 24.44
CA GLY G 6 35.50 -0.09 24.42
C GLY G 6 35.71 -1.52 24.90
N GLU G 7 34.87 -1.96 25.82
CA GLU G 7 34.89 -3.35 26.28
C GLU G 7 34.63 -4.33 25.12
N VAL G 8 33.83 -3.92 24.13
CA VAL G 8 33.54 -4.75 22.96
C VAL G 8 34.60 -4.56 21.87
N PHE G 9 34.84 -3.31 21.48
CA PHE G 9 35.70 -3.04 20.33
C PHE G 9 37.17 -3.30 20.65
N ASN G 10 37.59 -3.01 21.88
CA ASN G 10 39.00 -3.07 22.23
C ASN G 10 39.36 -4.33 23.02
N ALA G 11 38.41 -5.26 23.18
CA ALA G 11 38.67 -6.52 23.86
C ALA G 11 39.91 -7.20 23.28
N THR G 12 40.63 -7.92 24.15
CA THR G 12 41.86 -8.57 23.71
C THR G 12 41.57 -9.84 22.94
N ARG G 13 40.51 -10.56 23.33
CA ARG G 13 40.12 -11.80 22.69
C ARG G 13 38.77 -11.63 21.99
N PHE G 14 38.70 -12.09 20.74
CA PHE G 14 37.46 -12.10 20.00
C PHE G 14 37.00 -13.54 19.82
N ALA G 15 35.68 -13.70 19.75
CA ALA G 15 35.11 -15.04 19.63
C ALA G 15 35.26 -15.58 18.21
N SER G 16 35.18 -16.91 18.10
CA SER G 16 34.99 -17.53 16.80
C SER G 16 33.56 -17.28 16.31
N VAL G 17 33.41 -17.22 14.98
CA VAL G 17 32.16 -16.68 14.43
C VAL G 17 30.97 -17.59 14.77
N TYR G 18 31.16 -18.90 14.75
CA TYR G 18 30.04 -19.78 15.07
C TYR G 18 29.61 -19.62 16.52
N ALA G 19 30.54 -19.26 17.39
CA ALA G 19 30.28 -18.99 18.81
C ALA G 19 30.24 -17.50 19.08
N TRP G 20 29.61 -16.72 18.19
CA TRP G 20 29.71 -15.27 18.26
C TRP G 20 29.25 -14.74 19.61
N ASN G 21 29.94 -13.70 20.08
CA ASN G 21 29.66 -13.06 21.37
C ASN G 21 28.61 -11.98 21.22
N ARG G 22 27.74 -11.85 22.22
CA ARG G 22 26.73 -10.80 22.24
C ARG G 22 26.75 -10.08 23.57
N LYS G 23 26.92 -8.76 23.51
CA LYS G 23 26.78 -7.88 24.66
C LYS G 23 25.46 -7.13 24.60
N ARG G 24 24.69 -7.21 25.68
CA ARG G 24 23.48 -6.41 25.83
C ARG G 24 23.85 -5.10 26.53
N ILE G 25 23.83 -4.00 25.78
CA ILE G 25 24.13 -2.68 26.33
C ILE G 25 22.83 -2.10 26.87
N SER G 26 22.88 -1.63 28.12
CA SER G 26 21.67 -1.23 28.81
C SER G 26 21.97 -0.10 29.78
N ASN G 27 21.08 0.88 29.86
CA ASN G 27 21.08 1.94 30.87
C ASN G 27 22.40 2.67 30.94
N CYS G 28 22.73 3.38 29.85
CA CYS G 28 23.92 4.21 29.83
C CYS G 28 23.73 5.27 28.75
N VAL G 29 24.77 6.08 28.54
CA VAL G 29 24.77 7.12 27.53
C VAL G 29 25.83 6.75 26.51
N ALA G 30 25.39 6.53 25.27
CA ALA G 30 26.27 6.04 24.22
C ALA G 30 26.68 7.20 23.34
N ASP G 31 27.99 7.38 23.17
CA ASP G 31 28.53 8.37 22.26
C ASP G 31 29.08 7.64 21.04
N TYR G 32 28.26 7.54 19.99
CA TYR G 32 28.64 6.84 18.77
C TYR G 32 29.64 7.61 17.93
N SER G 33 29.92 8.87 18.28
CA SER G 33 30.88 9.67 17.51
C SER G 33 32.29 9.09 17.59
N VAL G 34 32.62 8.41 18.70
CA VAL G 34 33.93 7.75 18.80
C VAL G 34 34.12 6.76 17.67
N LEU G 35 33.03 6.13 17.22
CA LEU G 35 33.16 5.08 16.23
C LEU G 35 33.20 5.64 14.81
N TYR G 36 32.24 6.51 14.44
CA TYR G 36 32.23 6.99 13.06
C TYR G 36 33.35 7.98 12.80
N ASN G 37 33.80 8.70 13.83
CA ASN G 37 35.06 9.45 13.76
C ASN G 37 36.20 8.57 14.26
N SER G 38 36.43 7.49 13.54
CA SER G 38 37.57 6.62 13.84
C SER G 38 38.54 6.46 12.68
N ALA G 39 38.04 6.28 11.46
CA ALA G 39 38.86 6.16 10.26
C ALA G 39 39.76 4.94 10.28
N SER G 40 39.78 4.20 11.39
CA SER G 40 40.56 2.96 11.51
C SER G 40 39.75 1.72 11.15
N PHE G 41 38.51 1.89 10.69
CA PHE G 41 37.62 0.80 10.30
C PHE G 41 37.60 0.68 8.78
N SER G 42 37.73 -0.55 8.27
CA SER G 42 37.64 -0.76 6.85
C SER G 42 36.21 -0.92 6.36
N THR G 43 35.27 -1.14 7.28
CA THR G 43 33.86 -1.23 6.94
C THR G 43 33.06 -0.55 8.03
N PHE G 44 32.17 0.36 7.63
CA PHE G 44 31.23 0.98 8.55
C PHE G 44 29.98 1.28 7.71
N LYS G 45 29.06 0.31 7.67
CA LYS G 45 27.86 0.42 6.86
C LYS G 45 26.67 0.29 7.78
N CYS G 46 25.79 1.29 7.78
CA CYS G 46 24.61 1.28 8.62
C CYS G 46 23.37 1.18 7.75
N TYR G 47 22.44 0.33 8.16
CA TYR G 47 21.42 -0.17 7.24
C TYR G 47 20.05 0.47 7.42
N GLY G 48 19.66 0.86 8.63
CA GLY G 48 18.34 1.44 8.79
C GLY G 48 18.38 2.75 9.53
N VAL G 49 19.53 3.02 10.11
CA VAL G 49 19.78 4.24 10.85
C VAL G 49 20.82 5.05 10.10
N SER G 50 20.90 6.31 10.44
CA SER G 50 21.92 7.14 9.85
C SER G 50 22.97 7.45 10.91
N PRO G 51 24.26 7.23 10.64
CA PRO G 51 25.27 7.57 11.63
C PRO G 51 25.33 9.07 11.85
N THR G 52 25.98 9.46 12.94
CA THR G 52 26.15 10.86 13.36
C THR G 52 24.83 11.45 13.83
N LYS G 53 23.73 10.79 13.50
CA LYS G 53 22.42 11.16 13.99
C LYS G 53 21.92 10.14 15.01
N LEU G 54 22.66 9.04 15.18
CA LEU G 54 22.43 8.14 16.30
C LEU G 54 22.58 8.86 17.62
N ASN G 55 23.50 9.83 17.69
CA ASN G 55 23.72 10.55 18.94
C ASN G 55 22.49 11.31 19.41
N ASP G 56 21.52 11.54 18.54
CA ASP G 56 20.26 12.18 18.91
C ASP G 56 19.13 11.17 19.10
N LEU G 57 19.45 9.90 19.36
CA LEU G 57 18.42 8.87 19.37
C LEU G 57 18.50 8.02 20.64
N CYS G 58 17.35 7.48 21.02
CA CYS G 58 17.22 6.65 22.22
C CYS G 58 16.60 5.31 21.87
N PHE G 59 17.08 4.26 22.52
CA PHE G 59 16.59 2.91 22.29
C PHE G 59 16.43 2.19 23.61
N THR G 60 15.54 1.19 23.60
CA THR G 60 15.36 0.30 24.74
C THR G 60 16.68 -0.40 25.10
N ASN G 61 17.26 -1.12 24.13
CA ASN G 61 18.54 -1.79 24.32
C ASN G 61 19.37 -1.68 23.06
N VAL G 62 20.69 -1.81 23.23
CA VAL G 62 21.62 -1.95 22.13
C VAL G 62 22.36 -3.26 22.31
N TYR G 63 22.41 -4.06 21.26
CA TYR G 63 23.20 -5.29 21.27
C TYR G 63 24.44 -5.09 20.42
N ALA G 64 25.58 -5.60 20.90
CA ALA G 64 26.82 -5.57 20.13
C ALA G 64 27.36 -6.98 20.00
N ASP G 65 27.27 -7.54 18.80
CA ASP G 65 27.80 -8.87 18.49
C ASP G 65 29.19 -8.73 17.90
N SER G 66 30.10 -9.62 18.26
CA SER G 66 31.49 -9.53 17.81
C SER G 66 32.08 -10.92 17.59
N PHE G 67 33.01 -11.01 16.63
CA PHE G 67 33.59 -12.27 16.17
C PHE G 67 34.68 -12.04 15.13
N VAL G 68 35.35 -13.10 14.68
CA VAL G 68 36.38 -13.02 13.63
C VAL G 68 35.99 -13.85 12.42
N ILE G 69 36.04 -13.25 11.24
CA ILE G 69 35.90 -13.96 9.96
C ILE G 69 37.04 -13.50 9.04
N ARG G 70 37.13 -14.11 7.87
CA ARG G 70 38.16 -13.66 6.96
C ARG G 70 37.63 -12.54 6.07
N GLY G 71 38.56 -11.72 5.58
CA GLY G 71 38.26 -10.51 4.83
C GLY G 71 37.14 -10.61 3.84
N ASP G 72 37.21 -11.59 2.94
CA ASP G 72 36.21 -11.67 1.88
C ASP G 72 34.86 -12.14 2.38
N GLU G 73 34.73 -12.44 3.66
CA GLU G 73 33.45 -12.81 4.21
C GLU G 73 32.70 -11.64 4.85
N VAL G 74 33.37 -10.49 5.07
CA VAL G 74 32.67 -9.34 5.63
C VAL G 74 31.44 -8.98 4.79
N ARG G 75 31.52 -9.14 3.46
CA ARG G 75 30.37 -8.86 2.61
C ARG G 75 29.16 -9.73 2.97
N GLN G 76 29.38 -10.88 3.58
CA GLN G 76 28.26 -11.71 4.00
C GLN G 76 27.58 -11.19 5.26
N ILE G 77 28.22 -10.28 6.02
CA ILE G 77 27.59 -9.73 7.23
C ILE G 77 26.79 -8.52 6.78
N ALA G 78 25.59 -8.81 6.28
CA ALA G 78 24.68 -7.81 5.72
C ALA G 78 23.35 -8.50 5.47
N PRO G 79 22.26 -7.73 5.43
CA PRO G 79 20.97 -8.34 5.10
C PRO G 79 20.95 -8.90 3.70
N GLY G 80 20.23 -10.00 3.52
CA GLY G 80 20.02 -10.57 2.20
C GLY G 80 21.21 -11.28 1.59
N GLN G 81 22.19 -11.71 2.39
CA GLN G 81 23.33 -12.42 1.85
C GLN G 81 23.16 -13.92 2.02
N THR G 82 23.99 -14.66 1.29
CA THR G 82 24.14 -16.10 1.40
C THR G 82 25.63 -16.40 1.38
N GLY G 83 25.96 -17.67 1.63
CA GLY G 83 27.34 -18.08 1.78
C GLY G 83 27.53 -18.84 3.08
N LYS G 84 28.75 -19.34 3.26
CA LYS G 84 29.04 -20.19 4.40
C LYS G 84 28.81 -19.46 5.73
N ILE G 85 29.12 -18.16 5.81
CA ILE G 85 28.95 -17.43 7.05
C ILE G 85 27.49 -17.05 7.28
N ALA G 86 26.86 -16.36 6.32
CA ALA G 86 25.45 -15.97 6.49
C ALA G 86 24.52 -17.17 6.65
N ASP G 87 24.83 -18.29 5.98
CA ASP G 87 23.95 -19.46 6.06
C ASP G 87 24.16 -20.26 7.35
N TYR G 88 25.41 -20.43 7.77
CA TYR G 88 25.72 -21.42 8.80
C TYR G 88 26.36 -20.85 10.06
N ASN G 89 26.76 -19.58 10.09
CA ASN G 89 27.46 -19.07 11.27
C ASN G 89 26.79 -17.85 11.92
N TYR G 90 26.45 -16.83 11.14
CA TYR G 90 25.89 -15.60 11.67
C TYR G 90 24.99 -14.99 10.60
N LYS G 91 23.70 -14.91 10.89
CA LYS G 91 22.70 -14.50 9.92
C LYS G 91 22.01 -13.24 10.41
N LEU G 92 22.10 -12.14 9.59
CA LEU G 92 21.33 -10.93 9.85
C LEU G 92 19.94 -11.03 9.22
N PRO G 93 18.92 -10.46 9.84
CA PRO G 93 17.59 -10.46 9.22
C PRO G 93 17.54 -9.50 8.05
N ASP G 94 16.54 -9.71 7.19
CA ASP G 94 16.41 -8.90 5.97
C ASP G 94 16.04 -7.45 6.28
N ASP G 95 15.28 -7.22 7.35
CA ASP G 95 14.88 -5.88 7.76
C ASP G 95 15.85 -5.25 8.75
N PHE G 96 17.12 -5.65 8.70
CA PHE G 96 18.09 -5.20 9.68
C PHE G 96 18.25 -3.68 9.67
N THR G 97 18.10 -3.08 10.84
CA THR G 97 18.47 -1.68 11.07
C THR G 97 19.56 -1.71 12.13
N GLY G 98 20.77 -1.36 11.73
CA GLY G 98 21.90 -1.45 12.62
C GLY G 98 23.16 -1.17 11.83
N CYS G 99 24.30 -1.43 12.47
CA CYS G 99 25.58 -1.14 11.85
C CYS G 99 26.49 -2.36 11.87
N VAL G 100 27.28 -2.52 10.81
CA VAL G 100 28.31 -3.53 10.72
C VAL G 100 29.65 -2.82 10.62
N ILE G 101 30.55 -3.11 11.53
CA ILE G 101 31.86 -2.49 11.59
C ILE G 101 32.89 -3.60 11.57
N ALA G 102 33.89 -3.47 10.70
CA ALA G 102 34.97 -4.44 10.66
C ALA G 102 36.30 -3.74 10.43
N TRP G 103 37.38 -4.39 10.90
CA TRP G 103 38.73 -3.91 10.63
C TRP G 103 39.67 -5.09 10.51
N ASN G 104 40.71 -4.90 9.68
CA ASN G 104 41.70 -5.95 9.49
C ASN G 104 42.54 -6.09 10.75
N SER G 105 42.65 -7.31 11.26
CA SER G 105 43.36 -7.57 12.51
C SER G 105 44.46 -8.59 12.31
N ASN G 106 45.07 -8.59 11.11
CA ASN G 106 46.14 -9.51 10.75
C ASN G 106 47.24 -9.55 11.83
N ASN G 107 47.65 -8.38 12.34
CA ASN G 107 48.77 -8.36 13.28
C ASN G 107 48.40 -8.94 14.65
N LEU G 108 47.11 -8.99 15.00
CA LEU G 108 46.68 -9.52 16.29
C LEU G 108 46.25 -10.99 16.23
N ASP G 109 45.55 -11.41 15.17
CA ASP G 109 44.91 -12.73 15.13
C ASP G 109 45.61 -13.69 14.16
N SER G 110 46.87 -13.44 13.86
CA SER G 110 47.61 -14.26 12.91
C SER G 110 48.97 -14.57 13.53
N LYS G 111 49.27 -15.85 13.69
CA LYS G 111 50.54 -16.32 14.25
C LYS G 111 51.48 -16.74 13.13
N VAL G 112 52.78 -16.81 13.46
CA VAL G 112 53.83 -17.00 12.46
C VAL G 112 53.72 -18.37 11.81
N GLY G 113 53.44 -19.41 12.61
CA GLY G 113 53.16 -20.72 12.06
C GLY G 113 51.72 -20.94 11.66
N GLY G 114 50.88 -19.94 11.87
CA GLY G 114 49.45 -20.03 11.61
C GLY G 114 48.68 -20.04 12.92
N ASN G 115 47.61 -19.26 12.96
CA ASN G 115 46.69 -19.27 14.11
C ASN G 115 45.46 -20.08 13.72
N TYR G 116 45.22 -21.15 14.47
CA TYR G 116 44.12 -22.06 14.21
C TYR G 116 43.05 -22.00 15.28
N ASN G 117 43.07 -20.97 16.15
CA ASN G 117 42.08 -20.89 17.22
C ASN G 117 40.72 -20.45 16.71
N TYR G 118 40.66 -19.60 15.69
CA TYR G 118 39.37 -19.16 15.14
C TYR G 118 38.78 -20.21 14.21
N ARG G 119 37.49 -20.51 14.39
CA ARG G 119 36.81 -21.57 13.65
C ARG G 119 35.48 -21.08 13.11
N TYR G 120 34.95 -21.85 12.16
CA TYR G 120 33.64 -21.61 11.57
C TYR G 120 32.94 -22.96 11.41
N ARG G 121 31.62 -22.93 11.37
CA ARG G 121 30.87 -24.14 11.05
C ARG G 121 30.90 -24.34 9.53
N LEU G 122 31.39 -25.50 9.08
CA LEU G 122 31.43 -25.84 7.67
C LEU G 122 30.21 -26.64 7.24
N PHE G 123 29.81 -27.64 8.02
CA PHE G 123 28.70 -28.52 7.68
C PHE G 123 27.50 -28.25 8.57
N ARG G 124 26.33 -28.17 7.96
CA ARG G 124 25.07 -28.01 8.67
C ARG G 124 23.96 -28.33 7.70
N LYS G 125 22.92 -29.03 8.16
CA LYS G 125 21.88 -29.40 7.19
C LYS G 125 21.10 -28.19 6.71
N SER G 126 20.92 -27.18 7.56
CA SER G 126 19.97 -26.12 7.26
C SER G 126 20.54 -24.76 7.63
N ASN G 127 19.95 -23.71 7.04
CA ASN G 127 20.41 -22.36 7.30
C ASN G 127 20.02 -21.87 8.70
N LEU G 128 20.89 -21.07 9.32
CA LEU G 128 20.54 -20.43 10.58
C LEU G 128 19.37 -19.46 10.41
N LYS G 129 18.50 -19.39 11.41
CA LYS G 129 17.55 -18.29 11.51
C LYS G 129 18.30 -17.01 11.88
N PRO G 130 17.70 -15.84 11.62
CA PRO G 130 18.36 -14.57 11.99
C PRO G 130 18.69 -14.50 13.48
N PHE G 131 19.92 -14.11 13.78
CA PHE G 131 20.45 -14.00 15.15
C PHE G 131 20.46 -15.33 15.89
N GLU G 132 20.56 -16.44 15.17
CA GLU G 132 20.71 -17.74 15.80
C GLU G 132 22.19 -18.06 15.96
N ARG G 133 22.51 -18.74 17.07
CA ARG G 133 23.87 -19.10 17.44
C ARG G 133 23.89 -20.61 17.64
N ASP G 134 24.60 -21.32 16.74
CA ASP G 134 24.69 -22.78 16.80
C ASP G 134 26.09 -23.15 17.27
N ILE G 135 26.18 -23.75 18.45
CA ILE G 135 27.47 -24.08 19.03
C ILE G 135 27.65 -25.59 19.15
N SER G 136 26.81 -26.37 18.49
CA SER G 136 26.90 -27.83 18.49
C SER G 136 28.23 -28.31 17.93
N THR G 137 28.78 -29.36 18.54
CA THR G 137 29.92 -30.08 17.98
C THR G 137 29.53 -31.50 17.58
N GLU G 138 28.24 -31.77 17.41
CA GLU G 138 27.80 -33.09 16.97
C GLU G 138 28.35 -33.42 15.58
N ILE G 139 28.89 -34.64 15.44
CA ILE G 139 29.43 -35.09 14.15
C ILE G 139 28.34 -35.06 13.08
N TYR G 140 28.69 -34.50 11.93
CA TYR G 140 27.71 -34.25 10.88
C TYR G 140 27.55 -35.48 10.00
N GLN G 141 26.31 -35.92 9.85
CA GLN G 141 26.00 -37.17 9.16
C GLN G 141 25.70 -36.85 7.70
N ALA G 142 26.62 -37.25 6.81
CA ALA G 142 26.51 -36.92 5.39
C ALA G 142 25.85 -38.01 4.57
N GLY G 143 25.48 -39.13 5.19
CA GLY G 143 24.80 -40.21 4.53
C GLY G 143 23.77 -40.89 5.42
N SER G 144 23.18 -41.99 4.94
CA SER G 144 22.14 -42.70 5.67
C SER G 144 22.65 -43.35 6.97
N LYS G 145 23.95 -43.60 7.08
CA LYS G 145 24.49 -44.40 8.16
C LYS G 145 24.89 -43.52 9.33
N PRO G 146 24.23 -43.62 10.50
CA PRO G 146 24.54 -42.73 11.63
C PRO G 146 25.95 -42.92 12.15
N CYS G 147 26.44 -41.88 12.83
CA CYS G 147 27.87 -41.74 13.13
C CYS G 147 28.26 -42.15 14.54
N ASN G 148 27.31 -42.21 15.49
CA ASN G 148 27.59 -42.66 16.85
C ASN G 148 28.79 -41.95 17.46
N GLY G 149 28.95 -40.66 17.11
CA GLY G 149 29.95 -39.81 17.70
C GLY G 149 31.35 -39.93 17.15
N VAL G 150 31.64 -40.90 16.32
CA VAL G 150 32.98 -41.06 15.78
C VAL G 150 33.04 -40.48 14.37
N GLU G 151 34.12 -39.75 14.08
CA GLU G 151 34.39 -39.22 12.75
C GLU G 151 34.91 -40.33 11.85
N GLY G 152 34.32 -40.46 10.68
CA GLY G 152 34.77 -41.37 9.67
C GLY G 152 34.24 -40.97 8.32
N PHE G 153 34.21 -41.91 7.40
CA PHE G 153 33.62 -41.63 6.11
C PHE G 153 32.16 -41.22 6.30
N ASN G 154 31.75 -40.16 5.60
CA ASN G 154 30.40 -39.59 5.71
C ASN G 154 30.08 -39.06 7.11
N CYS G 155 31.08 -38.83 7.94
CA CYS G 155 30.87 -38.44 9.34
C CYS G 155 31.95 -37.45 9.75
N TYR G 156 31.65 -36.16 9.62
CA TYR G 156 32.66 -35.11 9.71
C TYR G 156 32.41 -34.20 10.89
N PHE G 157 33.48 -33.89 11.61
CA PHE G 157 33.43 -32.81 12.57
C PHE G 157 32.97 -31.54 11.88
N PRO G 158 31.97 -30.84 12.42
CA PRO G 158 31.34 -29.76 11.66
C PRO G 158 32.06 -28.41 11.72
N LEU G 159 33.02 -28.22 12.62
CA LEU G 159 33.77 -26.98 12.69
C LEU G 159 35.13 -27.12 11.99
N GLN G 160 35.66 -26.00 11.53
CA GLN G 160 36.95 -25.97 10.84
C GLN G 160 37.72 -24.72 11.26
N SER G 161 39.04 -24.85 11.33
CA SER G 161 39.88 -23.71 11.66
C SER G 161 40.17 -22.89 10.40
N TYR G 162 40.41 -21.59 10.60
CA TYR G 162 40.64 -20.68 9.48
C TYR G 162 42.06 -20.80 8.92
N GLY G 163 43.05 -21.01 9.78
CA GLY G 163 44.41 -21.02 9.31
C GLY G 163 44.89 -19.64 8.88
N PHE G 164 45.05 -18.75 9.85
CA PHE G 164 45.41 -17.37 9.60
C PHE G 164 46.93 -17.24 9.63
N GLN G 165 47.52 -16.91 8.49
CA GLN G 165 48.95 -16.70 8.42
C GLN G 165 49.24 -15.30 7.90
N PRO G 166 50.32 -14.66 8.38
CA PRO G 166 50.61 -13.28 7.94
C PRO G 166 50.87 -13.19 6.44
N THR G 167 51.22 -14.29 5.80
CA THR G 167 51.45 -14.35 4.36
C THR G 167 50.15 -14.53 3.56
N ASN G 168 48.99 -14.64 4.21
CA ASN G 168 47.73 -14.83 3.50
C ASN G 168 47.43 -13.63 2.63
N GLY G 169 46.75 -13.89 1.50
CA GLY G 169 46.13 -12.82 0.73
C GLY G 169 45.27 -11.96 1.64
N VAL G 170 45.12 -10.67 1.31
CA VAL G 170 44.39 -9.76 2.21
C VAL G 170 42.94 -10.18 2.37
N GLY G 171 42.33 -10.74 1.33
CA GLY G 171 40.99 -11.27 1.42
C GLY G 171 40.87 -12.48 2.31
N TYR G 172 41.97 -13.13 2.64
CA TYR G 172 41.99 -14.28 3.53
C TYR G 172 42.62 -13.99 4.88
N GLN G 173 42.85 -12.72 5.21
CA GLN G 173 43.37 -12.38 6.52
C GLN G 173 42.24 -12.17 7.51
N PRO G 174 42.52 -12.26 8.82
CA PRO G 174 41.43 -12.13 9.80
C PRO G 174 40.93 -10.70 9.87
N TYR G 175 39.61 -10.57 10.04
CA TYR G 175 38.96 -9.30 10.27
C TYR G 175 38.10 -9.42 11.50
N ARG G 176 38.25 -8.47 12.43
CA ARG G 176 37.35 -8.37 13.56
C ARG G 176 36.09 -7.63 13.15
N VAL G 177 34.94 -8.13 13.60
CA VAL G 177 33.64 -7.59 13.25
C VAL G 177 32.90 -7.27 14.52
N VAL G 178 32.16 -6.16 14.50
CA VAL G 178 31.19 -5.83 15.53
C VAL G 178 29.91 -5.41 14.83
N VAL G 179 28.78 -5.94 15.28
CA VAL G 179 27.47 -5.59 14.76
C VAL G 179 26.64 -4.98 15.87
N LEU G 180 26.09 -3.79 15.61
CA LEU G 180 25.25 -3.09 16.56
C LEU G 180 23.79 -3.19 16.11
N SER G 181 22.91 -3.58 17.02
CA SER G 181 21.47 -3.64 16.77
C SER G 181 20.75 -2.68 17.70
N PHE G 182 19.72 -2.01 17.18
CA PHE G 182 19.04 -0.97 17.94
C PHE G 182 17.59 -1.38 18.18
N GLU G 183 17.32 -1.83 19.41
CA GLU G 183 16.03 -2.38 19.81
C GLU G 183 15.09 -1.28 20.27
N LEU G 184 13.84 -1.33 19.79
CA LEU G 184 12.75 -0.43 20.20
C LEU G 184 11.55 -1.28 20.61
N LEU G 185 11.30 -1.37 21.90
CA LEU G 185 10.14 -2.07 22.43
C LEU G 185 9.13 -1.06 22.98
N HIS G 186 7.91 -1.53 23.22
CA HIS G 186 6.90 -0.70 23.88
C HIS G 186 7.28 -0.60 25.37
N ALA G 187 8.35 0.15 25.61
CA ALA G 187 8.98 0.21 26.92
C ALA G 187 9.92 1.40 26.97
N PRO G 188 10.27 1.89 28.16
CA PRO G 188 11.06 3.13 28.24
C PRO G 188 12.44 2.97 27.65
N ALA G 189 12.84 3.96 26.85
CA ALA G 189 14.20 4.02 26.35
C ALA G 189 15.18 4.03 27.52
N THR G 190 16.30 3.33 27.36
CA THR G 190 17.33 3.31 28.39
C THR G 190 18.75 3.49 27.86
N VAL G 191 18.96 3.48 26.54
CA VAL G 191 20.26 3.77 25.95
C VAL G 191 20.09 4.99 25.08
N CYS G 192 20.79 6.07 25.42
CA CYS G 192 20.59 7.36 24.76
C CYS G 192 21.93 7.97 24.40
N GLY G 193 21.85 9.05 23.61
CA GLY G 193 23.02 9.83 23.25
C GLY G 193 23.06 11.14 24.00
N PRO G 194 24.24 11.79 24.01
CA PRO G 194 24.46 13.00 24.81
C PRO G 194 23.52 14.15 24.43
N GLU H 1 30.91 -48.63 -2.90
CA GLU H 1 29.48 -48.53 -2.60
C GLU H 1 28.97 -47.10 -2.81
N VAL H 2 29.85 -46.24 -3.32
CA VAL H 2 29.50 -44.87 -3.66
C VAL H 2 29.60 -44.75 -5.17
N GLN H 3 28.56 -44.21 -5.79
CA GLN H 3 28.67 -43.92 -7.21
C GLN H 3 27.80 -42.73 -7.54
N LEU H 4 28.21 -42.04 -8.60
CA LEU H 4 27.50 -40.92 -9.18
C LEU H 4 27.30 -41.24 -10.65
N VAL H 5 26.05 -41.33 -11.09
CA VAL H 5 25.75 -41.71 -12.47
C VAL H 5 25.11 -40.52 -13.16
N GLU H 6 25.78 -40.02 -14.18
CA GLU H 6 25.34 -38.85 -14.92
C GLU H 6 24.64 -39.25 -16.21
N SER H 7 23.72 -38.40 -16.66
CA SER H 7 23.02 -38.63 -17.91
C SER H 7 22.51 -37.30 -18.43
N GLY H 8 22.03 -37.33 -19.67
CA GLY H 8 21.42 -36.18 -20.28
C GLY H 8 22.28 -35.47 -21.29
N GLY H 9 23.53 -35.88 -21.46
CA GLY H 9 24.36 -35.27 -22.47
C GLY H 9 23.85 -35.57 -23.87
N GLY H 10 24.54 -35.00 -24.85
CA GLY H 10 24.21 -35.26 -26.23
C GLY H 10 24.49 -34.04 -27.08
N LEU H 11 24.08 -34.16 -28.34
CA LEU H 11 24.29 -33.10 -29.31
C LEU H 11 23.07 -32.18 -29.33
N ILE H 12 23.33 -30.87 -29.38
CA ILE H 12 22.25 -29.89 -29.37
C ILE H 12 22.75 -28.65 -30.09
N GLN H 13 21.81 -27.84 -30.55
CA GLN H 13 22.18 -26.69 -31.36
C GLN H 13 22.39 -25.47 -30.49
N PRO H 14 23.16 -24.49 -30.98
CA PRO H 14 23.32 -23.25 -30.22
C PRO H 14 21.95 -22.62 -29.94
N GLY H 15 21.79 -22.11 -28.72
CA GLY H 15 20.53 -21.55 -28.30
C GLY H 15 19.60 -22.54 -27.61
N GLY H 16 19.83 -23.83 -27.77
CA GLY H 16 18.99 -24.84 -27.16
C GLY H 16 19.17 -24.95 -25.66
N SER H 17 18.51 -25.97 -25.10
CA SER H 17 18.44 -26.18 -23.67
C SER H 17 18.62 -27.67 -23.38
N LEU H 18 19.24 -27.95 -22.24
CA LEU H 18 19.59 -29.31 -21.89
C LEU H 18 19.53 -29.43 -20.37
N ARG H 19 19.09 -30.57 -19.86
CA ARG H 19 19.09 -30.83 -18.43
C ARG H 19 19.90 -32.08 -18.14
N LEU H 20 20.97 -31.94 -17.38
CA LEU H 20 21.80 -33.04 -16.94
C LEU H 20 21.33 -33.58 -15.60
N SER H 21 21.54 -34.87 -15.41
CA SER H 21 21.11 -35.56 -14.20
C SER H 21 22.31 -36.30 -13.63
N CYS H 22 22.30 -36.46 -12.31
CA CYS H 22 23.39 -37.13 -11.61
C CYS H 22 22.72 -37.90 -10.48
N ALA H 23 22.54 -39.21 -10.67
CA ALA H 23 21.93 -40.07 -9.67
C ALA H 23 23.01 -40.53 -8.71
N ALA H 24 22.84 -40.23 -7.45
CA ALA H 24 23.84 -40.52 -6.45
C ALA H 24 23.46 -41.77 -5.65
N SER H 25 24.48 -42.38 -5.07
CA SER H 25 24.29 -43.58 -4.28
C SER H 25 25.44 -43.64 -3.31
N GLY H 26 25.14 -43.83 -2.03
CA GLY H 26 26.18 -43.88 -1.02
C GLY H 26 26.31 -42.64 -0.18
N PHE H 27 25.49 -41.62 -0.43
CA PHE H 27 25.38 -40.46 0.44
C PHE H 27 24.08 -39.74 0.06
N ILE H 28 23.68 -38.79 0.91
CA ILE H 28 22.47 -38.03 0.69
C ILE H 28 22.85 -36.71 0.03
N VAL H 29 22.34 -36.46 -1.18
CA VAL H 29 22.80 -35.28 -1.88
C VAL H 29 22.23 -34.02 -1.23
N SER H 30 21.01 -34.07 -0.69
CA SER H 30 20.46 -32.87 -0.05
C SER H 30 21.22 -32.49 1.21
N ARG H 31 22.06 -33.38 1.75
CA ARG H 31 22.83 -33.10 2.96
C ARG H 31 24.27 -32.71 2.66
N ASN H 32 24.62 -32.48 1.38
CA ASN H 32 26.01 -32.28 0.99
C ASN H 32 26.18 -31.04 0.13
N TYR H 33 27.39 -30.48 0.16
CA TYR H 33 27.84 -29.62 -0.92
C TYR H 33 28.03 -30.45 -2.18
N MET H 34 27.53 -29.97 -3.33
CA MET H 34 27.66 -30.67 -4.60
C MET H 34 28.04 -29.70 -5.70
N ASN H 35 28.84 -30.19 -6.66
CA ASN H 35 29.40 -29.36 -7.73
C ASN H 35 29.16 -29.96 -9.10
N TRP H 36 29.03 -29.09 -10.09
CA TRP H 36 29.28 -29.42 -11.47
C TRP H 36 30.60 -28.79 -11.92
N VAL H 37 31.46 -29.60 -12.54
CA VAL H 37 32.74 -29.19 -13.11
C VAL H 37 32.79 -29.69 -14.54
N ARG H 38 33.26 -28.85 -15.46
CA ARG H 38 33.31 -29.25 -16.86
C ARG H 38 34.73 -29.18 -17.39
N GLN H 39 34.96 -29.90 -18.48
CA GLN H 39 36.26 -30.04 -19.13
C GLN H 39 36.03 -29.98 -20.64
N ALA H 40 36.34 -28.84 -21.27
CA ALA H 40 36.26 -28.77 -22.73
C ALA H 40 37.31 -29.70 -23.34
N PRO H 41 37.05 -30.23 -24.55
CA PRO H 41 37.95 -31.25 -25.09
C PRO H 41 39.35 -30.70 -25.29
N GLY H 42 40.33 -31.48 -24.82
CA GLY H 42 41.71 -31.04 -24.81
C GLY H 42 42.08 -30.03 -23.74
N LYS H 43 41.18 -29.65 -22.83
CA LYS H 43 41.47 -28.55 -21.91
C LYS H 43 41.43 -29.00 -20.44
N GLY H 44 41.56 -28.04 -19.53
CA GLY H 44 41.59 -28.32 -18.11
C GLY H 44 40.21 -28.22 -17.46
N LEU H 45 40.22 -28.27 -16.14
CA LEU H 45 38.98 -28.35 -15.36
C LEU H 45 38.46 -26.96 -15.04
N GLU H 46 37.15 -26.76 -15.23
CA GLU H 46 36.47 -25.48 -14.97
C GLU H 46 35.31 -25.71 -14.00
N TRP H 47 35.36 -25.06 -12.83
CA TRP H 47 34.19 -25.12 -11.94
C TRP H 47 33.00 -24.39 -12.57
N VAL H 48 31.81 -24.97 -12.42
CA VAL H 48 30.59 -24.47 -13.06
C VAL H 48 29.58 -23.95 -12.05
N ALA H 49 29.20 -24.79 -11.10
CA ALA H 49 28.12 -24.44 -10.17
C ALA H 49 28.24 -25.27 -8.90
N LEU H 50 27.69 -24.71 -7.82
CA LEU H 50 27.75 -25.29 -6.48
C LEU H 50 26.42 -25.06 -5.78
N ILE H 51 25.94 -26.08 -5.08
CA ILE H 51 24.74 -25.98 -4.27
C ILE H 51 25.08 -26.39 -2.84
N TYR H 52 24.59 -25.61 -1.88
CA TYR H 52 24.82 -25.91 -0.47
C TYR H 52 23.73 -26.84 0.05
N SER H 53 24.09 -27.63 1.04
CA SER H 53 23.14 -28.44 1.80
C SER H 53 21.87 -27.64 2.12
N GLY H 54 22.04 -26.40 2.59
CA GLY H 54 20.95 -25.54 2.98
C GLY H 54 20.22 -24.83 1.88
N GLY H 55 20.62 -24.99 0.63
CA GLY H 55 19.86 -24.45 -0.49
C GLY H 55 20.56 -23.35 -1.27
N SER H 56 21.62 -22.73 -0.74
CA SER H 56 22.31 -21.68 -1.48
C SER H 56 22.99 -22.24 -2.74
N THR H 57 22.98 -21.43 -3.81
CA THR H 57 23.56 -21.82 -5.09
C THR H 57 24.54 -20.74 -5.55
N PHE H 58 25.62 -21.16 -6.21
CA PHE H 58 26.62 -20.25 -6.75
C PHE H 58 27.09 -20.74 -8.11
N TYR H 59 27.57 -19.81 -8.92
CA TYR H 59 27.81 -20.05 -10.34
C TYR H 59 29.08 -19.36 -10.79
N ALA H 60 29.75 -19.98 -11.75
CA ALA H 60 30.85 -19.29 -12.43
C ALA H 60 30.27 -18.15 -13.27
N ASP H 61 31.08 -17.11 -13.48
CA ASP H 61 30.66 -16.00 -14.33
C ASP H 61 30.29 -16.45 -15.74
N SER H 62 31.06 -17.41 -16.29
CA SER H 62 30.83 -17.83 -17.67
C SER H 62 29.45 -18.44 -17.90
N VAL H 63 28.76 -18.89 -16.86
CA VAL H 63 27.45 -19.51 -17.05
C VAL H 63 26.35 -18.83 -16.25
N LYS H 64 26.65 -17.76 -15.52
CA LYS H 64 25.63 -17.14 -14.69
C LYS H 64 24.49 -16.61 -15.55
N GLY H 65 23.25 -16.82 -15.10
CA GLY H 65 22.09 -16.43 -15.86
C GLY H 65 21.57 -17.48 -16.82
N ARG H 66 22.38 -18.47 -17.17
CA ARG H 66 21.97 -19.49 -18.14
C ARG H 66 21.82 -20.88 -17.52
N PHE H 67 22.57 -21.18 -16.46
CA PHE H 67 22.57 -22.51 -15.85
C PHE H 67 21.88 -22.45 -14.50
N THR H 68 21.25 -23.55 -14.11
CA THR H 68 20.63 -23.65 -12.80
C THR H 68 20.96 -25.01 -12.21
N ILE H 69 21.56 -25.00 -11.02
CA ILE H 69 21.82 -26.23 -10.28
C ILE H 69 20.67 -26.42 -9.28
N SER H 70 20.17 -27.65 -9.20
CA SER H 70 19.08 -27.97 -8.28
C SER H 70 19.20 -29.44 -7.92
N ARG H 71 18.34 -29.89 -7.02
CA ARG H 71 18.30 -31.30 -6.63
C ARG H 71 16.86 -31.74 -6.46
N ASP H 72 16.70 -33.03 -6.18
CA ASP H 72 15.43 -33.64 -5.82
C ASP H 72 15.73 -34.67 -4.74
N ASN H 73 15.19 -34.44 -3.54
CA ASN H 73 15.59 -35.28 -2.42
C ASN H 73 14.97 -36.67 -2.53
N SER H 74 13.72 -36.77 -3.00
CA SER H 74 13.09 -38.08 -3.12
C SER H 74 13.88 -39.00 -4.05
N LYS H 75 14.44 -38.46 -5.14
CA LYS H 75 15.21 -39.26 -6.08
C LYS H 75 16.71 -39.27 -5.79
N ASN H 76 17.19 -38.44 -4.86
CA ASN H 76 18.62 -38.40 -4.52
C ASN H 76 19.46 -38.10 -5.77
N THR H 77 19.08 -37.03 -6.46
CA THR H 77 19.61 -36.70 -7.78
C THR H 77 19.91 -35.21 -7.86
N LEU H 78 21.05 -34.89 -8.46
CA LEU H 78 21.46 -33.52 -8.75
C LEU H 78 21.16 -33.20 -10.22
N TYR H 79 20.76 -31.95 -10.49
CA TYR H 79 20.45 -31.54 -11.85
C TYR H 79 21.26 -30.31 -12.23
N LEU H 80 21.44 -30.14 -13.53
CA LEU H 80 21.99 -28.92 -14.10
C LEU H 80 21.16 -28.55 -15.32
N GLN H 81 20.29 -27.55 -15.17
CA GLN H 81 19.51 -27.03 -16.28
C GLN H 81 20.36 -26.02 -17.04
N MET H 82 20.56 -26.25 -18.34
CA MET H 82 21.46 -25.44 -19.16
C MET H 82 20.67 -24.75 -20.26
N ASN H 83 20.64 -23.42 -20.25
CA ASN H 83 19.87 -22.65 -21.21
C ASN H 83 20.78 -21.79 -22.08
N SER H 84 20.26 -21.44 -23.27
CA SER H 84 20.97 -20.58 -24.22
C SER H 84 22.39 -21.07 -24.48
N LEU H 85 22.51 -22.38 -24.68
CA LEU H 85 23.81 -22.99 -24.88
C LEU H 85 24.56 -22.33 -26.04
N ARG H 86 25.87 -22.15 -25.85
CA ARG H 86 26.77 -21.63 -26.86
C ARG H 86 27.81 -22.68 -27.19
N ALA H 87 28.53 -22.48 -28.29
CA ALA H 87 29.47 -23.50 -28.74
C ALA H 87 30.57 -23.75 -27.70
N GLU H 88 31.05 -22.71 -27.02
CA GLU H 88 32.08 -22.89 -26.01
C GLU H 88 31.59 -23.57 -24.73
N ASP H 89 30.29 -23.87 -24.58
CA ASP H 89 29.81 -24.74 -23.52
C ASP H 89 30.08 -26.22 -23.81
N THR H 90 30.68 -26.53 -24.95
CA THR H 90 30.98 -27.92 -25.29
C THR H 90 32.01 -28.48 -24.30
N ALA H 91 31.65 -29.57 -23.62
CA ALA H 91 32.55 -30.14 -22.63
C ALA H 91 31.98 -31.46 -22.15
N VAL H 92 32.82 -32.21 -21.45
CA VAL H 92 32.37 -33.27 -20.56
C VAL H 92 31.99 -32.63 -19.22
N TYR H 93 30.80 -32.92 -18.73
CA TYR H 93 30.30 -32.32 -17.49
C TYR H 93 30.32 -33.38 -16.39
N TYR H 94 30.98 -33.06 -15.28
CA TYR H 94 31.07 -33.95 -14.13
C TYR H 94 30.25 -33.40 -12.98
N CYS H 95 29.58 -34.28 -12.24
CA CYS H 95 29.10 -33.93 -10.92
C CYS H 95 30.05 -34.52 -9.90
N ALA H 96 30.12 -33.90 -8.73
CA ALA H 96 31.08 -34.32 -7.72
C ALA H 96 30.58 -33.91 -6.34
N ARG H 97 30.82 -34.78 -5.36
CA ARG H 97 30.55 -34.46 -3.97
C ARG H 97 31.70 -33.66 -3.38
N ASP H 98 31.37 -32.58 -2.67
CA ASP H 98 32.32 -31.56 -2.22
C ASP H 98 32.42 -31.60 -0.70
N LEU H 99 33.58 -31.96 -0.16
CA LEU H 99 33.87 -31.83 1.28
C LEU H 99 34.71 -30.60 1.59
N VAL H 100 34.22 -29.44 1.21
CA VAL H 100 34.99 -28.28 0.77
C VAL H 100 36.46 -28.19 1.23
N VAL H 101 36.76 -28.43 2.51
CA VAL H 101 38.18 -28.39 2.89
C VAL H 101 38.89 -29.70 2.60
N TYR H 102 38.16 -30.81 2.47
CA TYR H 102 38.77 -32.08 2.13
C TYR H 102 38.65 -32.43 0.65
N GLY H 103 38.22 -31.50 -0.19
CA GLY H 103 38.27 -31.71 -1.63
C GLY H 103 37.02 -32.29 -2.21
N LEU H 104 37.11 -32.61 -3.50
CA LEU H 104 36.02 -33.27 -4.25
C LEU H 104 36.34 -34.76 -4.27
N ASP H 105 35.77 -35.51 -3.32
CA ASP H 105 36.27 -36.86 -3.13
C ASP H 105 35.62 -37.88 -4.08
N TYR H 106 34.42 -37.62 -4.61
CA TYR H 106 33.76 -38.54 -5.54
C TYR H 106 33.21 -37.77 -6.74
N TRP H 107 33.53 -38.25 -7.93
CA TRP H 107 33.04 -37.68 -9.19
C TRP H 107 32.21 -38.71 -9.96
N GLY H 108 31.27 -38.23 -10.75
CA GLY H 108 30.61 -39.08 -11.72
C GLY H 108 31.50 -39.39 -12.90
N GLN H 109 31.00 -40.25 -13.80
CA GLN H 109 31.82 -40.66 -14.93
C GLN H 109 31.89 -39.59 -16.02
N GLY H 110 31.00 -38.60 -15.98
CA GLY H 110 31.00 -37.55 -16.98
C GLY H 110 29.99 -37.76 -18.11
N THR H 111 29.42 -36.68 -18.61
CA THR H 111 28.55 -36.78 -19.77
C THR H 111 28.88 -35.65 -20.74
N LEU H 112 28.95 -35.99 -22.03
CA LEU H 112 29.46 -35.06 -23.02
C LEU H 112 28.33 -34.21 -23.59
N VAL H 113 28.53 -32.90 -23.61
CA VAL H 113 27.60 -31.98 -24.26
C VAL H 113 28.33 -31.34 -25.42
N THR H 114 27.80 -31.53 -26.63
CA THR H 114 28.36 -30.95 -27.84
C THR H 114 27.36 -29.93 -28.37
N VAL H 115 27.79 -28.68 -28.48
CA VAL H 115 26.93 -27.61 -28.96
C VAL H 115 27.47 -27.20 -30.33
N SER H 116 26.73 -27.53 -31.37
CA SER H 116 27.15 -27.24 -32.73
C SER H 116 25.92 -27.13 -33.59
N SER H 117 25.97 -26.28 -34.60
CA SER H 117 24.89 -26.20 -35.55
C SER H 117 25.09 -27.09 -36.78
N ALA H 118 26.27 -27.72 -36.91
CA ALA H 118 26.57 -28.56 -38.06
C ALA H 118 25.64 -29.76 -38.15
N SER H 119 25.22 -30.08 -39.36
CA SER H 119 24.28 -31.18 -39.57
C SER H 119 25.02 -32.51 -39.65
N THR H 120 24.30 -33.59 -39.33
CA THR H 120 24.90 -34.92 -39.40
C THR H 120 25.26 -35.27 -40.86
N LYS H 121 26.39 -35.94 -41.05
CA LYS H 121 26.94 -36.18 -42.39
C LYS H 121 28.04 -37.22 -42.38
N GLY H 122 27.96 -38.23 -43.24
CA GLY H 122 28.99 -39.23 -43.34
C GLY H 122 30.25 -38.72 -44.02
N PRO H 123 31.36 -39.41 -43.82
CA PRO H 123 32.65 -38.94 -44.35
C PRO H 123 32.86 -39.30 -45.82
N SER H 124 33.64 -38.45 -46.49
CA SER H 124 34.36 -38.87 -47.69
C SER H 124 35.64 -39.57 -47.27
N VAL H 125 36.01 -40.60 -48.00
CA VAL H 125 37.22 -41.36 -47.73
C VAL H 125 38.12 -41.31 -48.96
N PHE H 126 39.38 -40.90 -48.77
CA PHE H 126 40.31 -40.70 -49.86
C PHE H 126 41.61 -41.41 -49.56
N PRO H 127 42.22 -42.04 -50.56
CA PRO H 127 43.43 -42.81 -50.29
C PRO H 127 44.64 -41.92 -50.19
N LEU H 128 45.55 -42.32 -49.30
CA LEU H 128 46.86 -41.70 -49.17
C LEU H 128 47.81 -42.71 -49.81
N ALA H 129 48.20 -42.44 -51.04
CA ALA H 129 48.82 -43.53 -51.77
C ALA H 129 50.31 -43.60 -51.48
N PRO H 130 50.81 -44.82 -51.29
CA PRO H 130 52.23 -45.00 -50.97
C PRO H 130 53.14 -44.53 -52.10
N SER H 131 54.33 -44.09 -51.70
CA SER H 131 55.35 -43.48 -52.56
C SER H 131 56.09 -44.53 -53.38
N SER H 132 57.24 -44.15 -53.93
CA SER H 132 58.16 -45.12 -54.52
C SER H 132 59.59 -44.89 -53.99
N THR H 139 60.44 -50.14 -46.00
CA THR H 139 59.27 -49.61 -45.29
C THR H 139 58.57 -48.43 -45.98
N ALA H 140 57.27 -48.60 -46.17
CA ALA H 140 56.42 -47.65 -46.85
C ALA H 140 55.24 -47.31 -45.96
N ALA H 141 54.61 -46.18 -46.24
CA ALA H 141 53.44 -45.73 -45.52
C ALA H 141 52.29 -45.49 -46.47
N LEU H 142 51.09 -45.88 -46.05
CA LEU H 142 49.89 -45.55 -46.79
C LEU H 142 48.76 -45.32 -45.80
N GLY H 143 47.67 -44.73 -46.28
CA GLY H 143 46.53 -44.57 -45.42
C GLY H 143 45.30 -44.08 -46.14
N CYS H 144 44.33 -43.64 -45.32
CA CYS H 144 43.03 -43.14 -45.73
C CYS H 144 42.77 -41.80 -45.06
N LEU H 145 42.32 -40.82 -45.84
CA LEU H 145 41.90 -39.54 -45.31
C LEU H 145 40.37 -39.54 -45.19
N VAL H 146 39.89 -39.56 -43.97
CA VAL H 146 38.47 -39.62 -43.64
C VAL H 146 38.03 -38.20 -43.30
N LYS H 147 37.32 -37.55 -44.21
CA LYS H 147 37.17 -36.11 -44.12
C LYS H 147 35.73 -35.67 -44.20
N ASP H 148 35.43 -34.58 -43.48
CA ASP H 148 34.16 -33.84 -43.54
C ASP H 148 32.98 -34.66 -43.02
N TYR H 149 33.10 -35.19 -41.80
CA TYR H 149 32.00 -35.89 -41.18
C TYR H 149 31.58 -35.22 -39.88
N PHE H 150 30.38 -35.58 -39.42
CA PHE H 150 29.84 -35.06 -38.17
C PHE H 150 28.64 -35.88 -37.75
N PRO H 151 28.50 -36.20 -36.46
CA PRO H 151 29.44 -35.90 -35.38
C PRO H 151 30.45 -37.01 -35.17
N GLU H 152 31.34 -36.88 -34.19
CA GLU H 152 32.15 -38.00 -33.75
C GLU H 152 31.23 -39.13 -33.29
N PRO H 153 31.67 -40.40 -33.38
CA PRO H 153 32.93 -40.90 -33.93
C PRO H 153 32.79 -41.67 -35.25
N VAL H 154 33.93 -41.98 -35.86
CA VAL H 154 34.03 -43.00 -36.88
C VAL H 154 34.91 -44.10 -36.33
N THR H 155 34.76 -45.29 -36.89
CA THR H 155 35.68 -46.38 -36.66
C THR H 155 36.35 -46.71 -37.98
N VAL H 156 37.63 -47.03 -37.95
CA VAL H 156 38.31 -47.47 -39.15
C VAL H 156 39.05 -48.76 -38.85
N SER H 157 39.02 -49.67 -39.81
CA SER H 157 39.77 -50.91 -39.73
C SER H 157 40.54 -51.05 -41.04
N TRP H 158 41.55 -51.91 -41.02
CA TRP H 158 42.26 -52.22 -42.24
C TRP H 158 42.07 -53.68 -42.59
N ASN H 159 41.69 -53.93 -43.84
CA ASN H 159 41.43 -55.27 -44.36
C ASN H 159 40.53 -56.02 -43.41
N SER H 160 39.41 -55.37 -43.09
CA SER H 160 38.34 -55.92 -42.26
C SER H 160 38.87 -56.47 -40.93
N GLY H 161 39.93 -55.85 -40.41
CA GLY H 161 40.47 -56.20 -39.12
C GLY H 161 41.70 -57.08 -39.16
N ALA H 162 42.02 -57.65 -40.32
CA ALA H 162 43.17 -58.51 -40.46
C ALA H 162 44.48 -57.75 -40.35
N LEU H 163 44.46 -56.44 -40.61
CA LEU H 163 45.66 -55.60 -40.53
C LEU H 163 45.49 -54.67 -39.33
N THR H 164 46.35 -54.87 -38.31
CA THR H 164 46.28 -54.00 -37.13
C THR H 164 47.66 -53.49 -36.73
N SER H 165 48.71 -54.23 -37.05
CA SER H 165 50.04 -53.82 -36.64
C SER H 165 50.53 -52.66 -37.50
N GLY H 166 51.25 -51.73 -36.87
CA GLY H 166 51.68 -50.53 -37.54
C GLY H 166 50.57 -49.56 -37.91
N VAL H 167 49.37 -49.71 -37.36
CA VAL H 167 48.30 -48.77 -37.63
C VAL H 167 48.34 -47.64 -36.61
N HIS H 168 48.19 -46.41 -37.11
CA HIS H 168 47.89 -45.25 -36.30
C HIS H 168 46.65 -44.62 -36.90
N THR H 169 45.56 -44.56 -36.13
CA THR H 169 44.39 -43.77 -36.49
C THR H 169 44.39 -42.52 -35.62
N PHE H 170 44.50 -41.36 -36.26
CA PHE H 170 44.74 -40.11 -35.55
C PHE H 170 43.46 -39.59 -34.91
N PRO H 171 43.60 -38.83 -33.80
CA PRO H 171 42.46 -38.10 -33.26
C PRO H 171 41.89 -37.14 -34.29
N ALA H 172 40.58 -37.02 -34.31
CA ALA H 172 39.93 -36.11 -35.25
C ALA H 172 40.20 -34.66 -34.88
N VAL H 173 40.44 -33.83 -35.88
CA VAL H 173 40.49 -32.39 -35.70
C VAL H 173 39.18 -31.80 -36.18
N LEU H 174 38.55 -31.00 -35.35
CA LEU H 174 37.36 -30.27 -35.75
C LEU H 174 37.77 -29.21 -36.76
N GLN H 175 37.18 -29.21 -37.95
CA GLN H 175 37.86 -28.30 -38.86
C GLN H 175 37.44 -26.85 -38.70
N SER H 176 36.55 -26.39 -39.56
CA SER H 176 36.37 -24.96 -39.68
C SER H 176 34.93 -24.74 -40.09
N SER H 177 34.51 -25.56 -41.04
CA SER H 177 33.15 -25.89 -41.42
C SER H 177 32.33 -26.41 -40.25
N GLY H 178 33.01 -26.81 -39.18
CA GLY H 178 32.36 -27.52 -38.11
C GLY H 178 32.40 -29.02 -38.26
N LEU H 179 33.05 -29.52 -39.30
CA LEU H 179 33.09 -30.94 -39.58
C LEU H 179 34.45 -31.51 -39.19
N TYR H 180 34.47 -32.81 -38.91
CA TYR H 180 35.66 -33.46 -38.41
C TYR H 180 36.46 -34.08 -39.54
N SER H 181 37.72 -34.33 -39.27
CA SER H 181 38.56 -34.95 -40.27
C SER H 181 39.73 -35.61 -39.56
N LEU H 182 40.07 -36.81 -40.02
CA LEU H 182 41.20 -37.54 -39.50
C LEU H 182 41.88 -38.27 -40.65
N SER H 183 43.05 -38.81 -40.34
CA SER H 183 43.75 -39.76 -41.18
C SER H 183 43.99 -41.04 -40.40
N SER H 184 43.90 -42.17 -41.09
CA SER H 184 44.38 -43.44 -40.57
C SER H 184 45.48 -43.93 -41.51
N VAL H 185 46.60 -44.35 -40.94
CA VAL H 185 47.79 -44.69 -41.71
C VAL H 185 48.33 -46.01 -41.19
N VAL H 186 49.13 -46.65 -42.03
CA VAL H 186 49.76 -47.92 -41.69
C VAL H 186 51.12 -47.93 -42.37
N THR H 187 52.14 -48.43 -41.67
CA THR H 187 53.44 -48.65 -42.27
C THR H 187 53.60 -50.13 -42.51
N VAL H 188 54.16 -50.48 -43.66
CA VAL H 188 54.15 -51.86 -44.17
C VAL H 188 55.46 -52.07 -44.92
N PRO H 189 55.93 -53.31 -45.09
CA PRO H 189 57.17 -53.52 -45.84
C PRO H 189 57.00 -53.06 -47.27
N SER H 190 57.98 -52.30 -47.77
CA SER H 190 57.82 -51.73 -49.10
C SER H 190 57.76 -52.80 -50.19
N SER H 191 58.20 -54.03 -49.89
CA SER H 191 58.09 -55.11 -50.86
C SER H 191 56.66 -55.61 -51.01
N SER H 192 55.80 -55.41 -50.00
CA SER H 192 54.41 -55.85 -50.08
C SER H 192 53.58 -55.01 -51.04
N LEU H 193 54.06 -53.85 -51.46
CA LEU H 193 53.22 -52.94 -52.24
C LEU H 193 52.80 -53.54 -53.59
N GLY H 194 53.48 -54.59 -54.06
CA GLY H 194 53.09 -55.27 -55.28
C GLY H 194 52.03 -56.33 -55.07
N THR H 195 52.30 -57.27 -54.17
CA THR H 195 51.37 -58.38 -53.94
C THR H 195 50.21 -57.99 -53.01
N GLN H 196 50.52 -57.36 -51.86
CA GLN H 196 49.55 -57.22 -50.78
C GLN H 196 48.52 -56.11 -51.03
N THR H 197 47.27 -56.42 -50.74
CA THR H 197 46.14 -55.54 -50.96
C THR H 197 45.85 -54.76 -49.68
N TYR H 198 45.38 -53.52 -49.83
CA TYR H 198 45.13 -52.65 -48.68
C TYR H 198 43.82 -51.91 -48.85
N ILE H 199 42.86 -52.20 -47.96
CA ILE H 199 41.53 -51.59 -48.00
C ILE H 199 41.21 -51.07 -46.61
N CYS H 200 40.76 -49.84 -46.51
CA CYS H 200 40.35 -49.32 -45.22
C CYS H 200 38.83 -49.28 -45.17
N ASN H 201 38.31 -49.59 -43.99
CA ASN H 201 36.88 -49.73 -43.76
C ASN H 201 36.47 -48.67 -42.75
N VAL H 202 35.65 -47.73 -43.19
CA VAL H 202 35.23 -46.60 -42.39
C VAL H 202 33.75 -46.77 -42.08
N ASN H 203 33.44 -46.91 -40.80
CA ASN H 203 32.07 -46.99 -40.32
C ASN H 203 31.73 -45.70 -39.58
N HIS H 204 30.63 -45.07 -39.97
CA HIS H 204 30.13 -43.86 -39.32
C HIS H 204 28.67 -44.14 -38.95
N LYS H 205 28.47 -44.66 -37.76
CA LYS H 205 27.12 -45.04 -37.31
C LYS H 205 26.13 -43.88 -37.31
N PRO H 206 26.46 -42.66 -36.81
CA PRO H 206 25.47 -41.57 -36.79
C PRO H 206 24.83 -41.23 -38.14
N SER H 207 25.48 -41.60 -39.25
CA SER H 207 24.89 -41.41 -40.57
C SER H 207 24.66 -42.75 -41.27
N ASN H 208 24.81 -43.85 -40.54
CA ASN H 208 24.62 -45.19 -41.09
C ASN H 208 25.42 -45.38 -42.38
N THR H 209 26.67 -44.97 -42.32
CA THR H 209 27.55 -44.91 -43.48
C THR H 209 28.67 -45.91 -43.27
N LYS H 210 28.81 -46.84 -44.21
CA LYS H 210 29.99 -47.69 -44.32
C LYS H 210 30.62 -47.39 -45.66
N VAL H 211 31.94 -47.26 -45.68
CA VAL H 211 32.67 -46.97 -46.91
C VAL H 211 33.91 -47.86 -46.91
N ASP H 212 34.22 -48.40 -48.08
CA ASP H 212 35.48 -49.09 -48.30
C ASP H 212 36.26 -48.34 -49.37
N LYS H 213 37.58 -48.39 -49.25
CA LYS H 213 38.44 -47.68 -50.19
C LYS H 213 39.73 -48.47 -50.32
N ARG H 214 40.08 -48.84 -51.55
CA ARG H 214 41.33 -49.56 -51.81
C ARG H 214 42.45 -48.54 -51.95
N VAL H 215 43.62 -48.89 -51.45
CA VAL H 215 44.76 -47.97 -51.48
C VAL H 215 45.88 -48.62 -52.25
N GLU H 216 46.29 -48.00 -53.34
CA GLU H 216 47.17 -48.62 -54.31
C GLU H 216 48.33 -47.70 -54.64
N PRO H 217 49.46 -48.26 -55.09
CA PRO H 217 50.47 -47.42 -55.72
C PRO H 217 49.97 -46.85 -57.06
N ALA I 1 40.56 -14.01 -8.33
CA ALA I 1 41.45 -13.52 -7.29
C ALA I 1 42.69 -14.40 -7.16
N ILE I 2 42.51 -15.71 -7.36
CA ILE I 2 43.58 -16.66 -7.14
C ILE I 2 43.85 -17.38 -8.46
N GLN I 3 45.08 -17.25 -8.96
CA GLN I 3 45.54 -18.03 -10.09
C GLN I 3 46.54 -19.07 -9.58
N LEU I 4 46.32 -20.32 -9.99
CA LEU I 4 47.23 -21.42 -9.72
C LEU I 4 48.01 -21.72 -11.00
N THR I 5 49.33 -21.69 -10.91
CA THR I 5 50.22 -22.00 -12.03
C THR I 5 51.00 -23.26 -11.70
N GLN I 6 50.87 -24.26 -12.55
CA GLN I 6 51.55 -25.53 -12.37
C GLN I 6 52.82 -25.58 -13.22
N SER I 7 53.80 -26.38 -12.77
CA SER I 7 55.02 -26.53 -13.54
C SER I 7 55.66 -27.87 -13.21
N PRO I 8 56.34 -28.50 -14.16
CA PRO I 8 56.40 -28.08 -15.56
C PRO I 8 55.09 -28.47 -16.30
N SER I 9 54.90 -28.00 -17.53
CA SER I 9 53.71 -28.38 -18.28
C SER I 9 53.67 -29.89 -18.50
N SER I 10 54.83 -30.46 -18.82
CA SER I 10 54.96 -31.84 -19.20
C SER I 10 56.25 -32.41 -18.60
N LEU I 11 56.18 -33.65 -18.14
CA LEU I 11 57.28 -34.28 -17.43
C LEU I 11 57.44 -35.71 -17.93
N SER I 12 58.66 -36.10 -18.29
CA SER I 12 58.99 -37.45 -18.73
C SER I 12 59.78 -38.19 -17.66
N ALA I 13 59.35 -39.41 -17.34
CA ALA I 13 60.02 -40.17 -16.31
C ALA I 13 59.90 -41.66 -16.63
N SER I 14 60.67 -42.48 -15.93
CA SER I 14 60.59 -43.94 -16.02
C SER I 14 59.97 -44.50 -14.75
N VAL I 15 59.44 -45.72 -14.86
CA VAL I 15 59.01 -46.45 -13.68
C VAL I 15 60.14 -46.46 -12.66
N GLY I 16 59.80 -46.22 -11.38
CA GLY I 16 60.78 -46.20 -10.32
C GLY I 16 61.45 -44.86 -10.06
N ASP I 17 61.30 -43.88 -10.94
CA ASP I 17 61.80 -42.53 -10.70
C ASP I 17 61.05 -41.87 -9.55
N ARG I 18 61.70 -40.86 -8.96
CA ARG I 18 61.06 -39.91 -8.06
C ARG I 18 60.84 -38.62 -8.83
N VAL I 19 59.64 -38.04 -8.66
CA VAL I 19 59.13 -36.96 -9.50
C VAL I 19 58.44 -35.95 -8.59
N THR I 20 58.53 -34.66 -8.94
CA THR I 20 57.92 -33.59 -8.14
C THR I 20 57.37 -32.50 -9.04
N ILE I 21 56.11 -32.08 -8.84
CA ILE I 21 55.47 -31.26 -9.87
C ILE I 21 54.78 -29.94 -9.48
N THR I 22 55.02 -29.37 -8.32
CA THR I 22 54.98 -27.89 -8.18
C THR I 22 53.76 -27.08 -8.68
N CYS I 23 52.81 -26.78 -7.79
CA CYS I 23 51.77 -25.76 -7.99
C CYS I 23 52.12 -24.46 -7.25
N ARG I 24 51.96 -23.31 -7.91
CA ARG I 24 52.25 -22.00 -7.33
C ARG I 24 51.01 -21.09 -7.36
N ALA I 25 50.65 -20.53 -6.21
CA ALA I 25 49.48 -19.65 -6.09
C ALA I 25 49.87 -18.19 -6.15
N SER I 26 48.97 -17.37 -6.68
CA SER I 26 49.24 -15.95 -6.85
C SER I 26 49.18 -15.18 -5.53
N GLN I 27 48.54 -15.71 -4.49
CA GLN I 27 48.54 -15.15 -3.15
C GLN I 27 48.58 -16.29 -2.14
N GLY I 28 48.99 -15.98 -0.92
CA GLY I 28 48.99 -17.01 0.10
C GLY I 28 47.63 -17.63 0.36
N ILE I 29 47.50 -18.95 0.22
CA ILE I 29 46.24 -19.63 0.52
C ILE I 29 46.50 -20.76 1.52
N SER I 30 46.75 -20.42 2.77
CA SER I 30 47.79 -21.13 3.50
C SER I 30 47.98 -22.60 3.13
N SER I 31 47.06 -23.50 3.46
CA SER I 31 47.29 -24.89 3.10
C SER I 31 46.10 -25.51 2.34
N HIS I 32 45.24 -24.66 1.79
CA HIS I 32 44.00 -25.08 1.14
C HIS I 32 44.26 -25.44 -0.33
N LEU I 33 44.98 -26.55 -0.51
CA LEU I 33 45.33 -27.05 -1.82
C LEU I 33 45.07 -28.54 -1.88
N ALA I 34 44.51 -28.98 -3.02
CA ALA I 34 44.26 -30.38 -3.30
C ALA I 34 44.94 -30.78 -4.61
N TRP I 35 45.25 -32.07 -4.73
CA TRP I 35 45.82 -32.62 -5.95
C TRP I 35 44.93 -33.74 -6.48
N TYR I 36 44.73 -33.75 -7.80
CA TYR I 36 43.93 -34.75 -8.49
C TYR I 36 44.75 -35.41 -9.60
N GLN I 37 44.51 -36.71 -9.78
CA GLN I 37 45.03 -37.47 -10.90
C GLN I 37 43.89 -37.72 -11.89
N GLN I 38 44.17 -37.53 -13.19
CA GLN I 38 43.17 -37.83 -14.21
C GLN I 38 43.80 -38.56 -15.38
N LYS I 39 43.21 -39.70 -15.73
CA LYS I 39 43.58 -40.49 -16.90
C LYS I 39 42.64 -40.21 -18.05
N PRO I 40 43.06 -40.47 -19.29
CA PRO I 40 42.24 -40.03 -20.45
C PRO I 40 40.91 -40.76 -20.52
N GLY I 41 39.86 -40.02 -20.87
CA GLY I 41 38.51 -40.55 -20.82
C GLY I 41 37.93 -40.78 -19.42
N LYS I 42 38.70 -40.52 -18.36
CA LYS I 42 38.27 -40.84 -17.00
C LYS I 42 38.05 -39.58 -16.17
N ALA I 43 37.21 -39.71 -15.14
CA ALA I 43 37.01 -38.62 -14.19
C ALA I 43 38.25 -38.41 -13.32
N PRO I 44 38.50 -37.16 -12.90
CA PRO I 44 39.61 -36.91 -11.95
C PRO I 44 39.41 -37.69 -10.66
N LYS I 45 40.51 -37.97 -9.99
CA LYS I 45 40.50 -38.74 -8.76
C LYS I 45 41.34 -38.00 -7.72
N LEU I 46 40.75 -37.75 -6.55
CA LEU I 46 41.42 -37.00 -5.49
C LEU I 46 42.56 -37.79 -4.86
N LEU I 47 43.73 -37.17 -4.70
CA LEU I 47 44.90 -37.79 -4.09
C LEU I 47 45.28 -37.17 -2.75
N ILE I 48 45.41 -35.85 -2.68
CA ILE I 48 45.86 -35.12 -1.51
C ILE I 48 44.90 -33.96 -1.26
N PHE I 49 44.58 -33.70 0.01
CA PHE I 49 43.90 -32.47 0.38
C PHE I 49 44.61 -31.81 1.55
N ALA I 50 44.30 -30.54 1.80
CA ALA I 50 45.00 -29.72 2.81
C ALA I 50 46.51 -29.77 2.59
N ALA I 51 46.89 -29.89 1.32
CA ALA I 51 48.26 -29.80 0.82
C ALA I 51 49.15 -31.00 1.17
N SER I 52 48.80 -31.79 2.20
CA SER I 52 49.65 -32.92 2.56
C SER I 52 48.91 -34.13 3.12
N THR I 53 47.59 -34.09 3.28
CA THR I 53 46.87 -35.25 3.79
C THR I 53 46.48 -36.16 2.63
N LEU I 54 46.90 -37.44 2.72
CA LEU I 54 46.52 -38.44 1.74
C LEU I 54 45.04 -38.79 1.85
N GLN I 55 44.34 -38.74 0.71
CA GLN I 55 43.00 -39.27 0.65
C GLN I 55 43.04 -40.78 0.90
N SER I 56 42.00 -41.28 1.56
CA SER I 56 41.91 -42.70 1.90
C SER I 56 41.96 -43.58 0.65
N GLY I 57 42.68 -44.69 0.74
CA GLY I 57 42.82 -45.59 -0.37
C GLY I 57 43.90 -45.22 -1.36
N VAL I 58 44.62 -44.13 -1.15
CA VAL I 58 45.61 -43.64 -2.09
C VAL I 58 46.98 -44.14 -1.66
N PRO I 59 47.80 -44.67 -2.57
CA PRO I 59 49.07 -45.28 -2.15
C PRO I 59 50.03 -44.26 -1.55
N SER I 60 50.86 -44.73 -0.62
CA SER I 60 51.69 -43.82 0.14
C SER I 60 52.92 -43.34 -0.61
N ARG I 61 53.19 -43.87 -1.81
CA ARG I 61 54.24 -43.26 -2.63
C ARG I 61 53.90 -41.83 -3.05
N PHE I 62 52.63 -41.41 -2.88
CA PHE I 62 52.23 -40.02 -3.08
C PHE I 62 52.40 -39.23 -1.79
N SER I 63 52.88 -37.99 -1.90
CA SER I 63 52.95 -37.09 -0.77
C SER I 63 52.85 -35.67 -1.27
N GLY I 64 52.37 -34.79 -0.42
CA GLY I 64 52.31 -33.38 -0.74
C GLY I 64 52.92 -32.56 0.37
N SER I 65 53.40 -31.37 0.01
CA SER I 65 53.89 -30.45 1.02
C SER I 65 53.73 -29.03 0.48
N GLY I 66 53.91 -28.07 1.38
CA GLY I 66 53.81 -26.68 1.03
C GLY I 66 52.77 -25.94 1.83
N SER I 67 52.95 -24.62 1.91
CA SER I 67 52.06 -23.75 2.66
C SER I 67 52.23 -22.35 2.12
N GLY I 68 51.12 -21.66 1.83
CA GLY I 68 51.22 -20.31 1.34
C GLY I 68 51.01 -20.18 -0.15
N THR I 69 52.10 -20.07 -0.91
CA THR I 69 52.00 -19.92 -2.36
C THR I 69 52.70 -21.01 -3.14
N ASP I 70 53.47 -21.88 -2.51
CA ASP I 70 54.36 -22.82 -3.21
C ASP I 70 54.06 -24.23 -2.72
N PHE I 71 53.62 -25.09 -3.61
CA PHE I 71 53.19 -26.43 -3.23
C PHE I 71 53.84 -27.46 -4.14
N THR I 72 54.02 -28.66 -3.61
CA THR I 72 54.60 -29.73 -4.39
C THR I 72 53.82 -31.01 -4.17
N LEU I 73 53.82 -31.84 -5.21
CA LEU I 73 53.36 -33.21 -5.16
C LEU I 73 54.54 -34.08 -5.54
N THR I 74 54.78 -35.12 -4.77
CA THR I 74 55.90 -36.01 -5.04
C THR I 74 55.38 -37.42 -5.13
N ILE I 75 55.86 -38.16 -6.12
CA ILE I 75 55.66 -39.59 -6.21
C ILE I 75 57.04 -40.20 -5.98
N SER I 76 57.14 -41.10 -5.01
CA SER I 76 58.49 -41.54 -4.59
C SER I 76 59.06 -42.69 -5.42
N SER I 77 58.23 -43.52 -6.08
CA SER I 77 58.73 -44.50 -7.05
C SER I 77 57.60 -44.78 -8.05
N LEU I 78 57.69 -44.18 -9.24
CA LEU I 78 56.59 -44.26 -10.19
C LEU I 78 56.25 -45.70 -10.51
N GLN I 79 54.97 -46.00 -10.57
CA GLN I 79 54.47 -47.23 -11.14
C GLN I 79 53.70 -46.92 -12.43
N PRO I 80 53.51 -47.92 -13.31
CA PRO I 80 52.91 -47.62 -14.62
C PRO I 80 51.57 -46.90 -14.56
N GLU I 81 50.75 -47.19 -13.55
CA GLU I 81 49.43 -46.55 -13.48
C GLU I 81 49.50 -45.10 -13.01
N ASP I 82 50.69 -44.54 -12.76
CA ASP I 82 50.82 -43.14 -12.34
C ASP I 82 51.01 -42.17 -13.51
N PHE I 83 51.27 -42.67 -14.73
CA PHE I 83 51.34 -41.77 -15.89
C PHE I 83 49.93 -41.28 -16.24
N ALA I 84 49.75 -39.96 -16.14
CA ALA I 84 48.45 -39.33 -16.19
C ALA I 84 48.65 -37.82 -16.18
N THR I 85 47.57 -37.05 -16.13
CA THR I 85 47.62 -35.61 -15.92
C THR I 85 47.28 -35.30 -14.46
N TYR I 86 48.01 -34.34 -13.87
CA TYR I 86 47.79 -33.98 -12.47
C TYR I 86 47.34 -32.54 -12.40
N TYR I 87 46.38 -32.28 -11.50
CA TYR I 87 45.79 -30.96 -11.32
C TYR I 87 45.79 -30.58 -9.85
N CYS I 88 46.18 -29.35 -9.57
CA CYS I 88 45.97 -28.82 -8.24
C CYS I 88 44.67 -28.05 -8.20
N GLN I 89 44.09 -27.94 -7.00
CA GLN I 89 42.86 -27.18 -6.79
C GLN I 89 42.99 -26.32 -5.55
N HIS I 90 42.43 -25.12 -5.61
CA HIS I 90 42.38 -24.25 -4.44
C HIS I 90 41.13 -24.60 -3.62
N LEU I 91 41.34 -25.15 -2.41
CA LEU I 91 40.24 -25.56 -1.52
C LEU I 91 39.68 -24.34 -0.81
N ASN I 92 39.04 -23.49 -1.61
CA ASN I 92 38.44 -22.26 -1.12
C ASN I 92 37.17 -22.56 -0.33
N SER I 93 37.09 -22.10 0.92
CA SER I 93 35.91 -22.39 1.73
C SER I 93 34.70 -21.54 1.33
N ASN I 94 34.85 -20.59 0.43
CA ASN I 94 33.74 -19.95 -0.26
C ASN I 94 34.00 -20.06 -1.75
N PRO I 95 32.97 -20.01 -2.58
CA PRO I 95 33.21 -20.01 -4.03
C PRO I 95 33.96 -18.76 -4.42
N PRO I 96 34.69 -18.77 -5.54
CA PRO I 96 34.86 -19.93 -6.42
C PRO I 96 36.13 -20.73 -6.13
N ILE I 97 36.12 -22.00 -6.45
CA ILE I 97 37.36 -22.76 -6.47
C ILE I 97 38.04 -22.53 -7.81
N THR I 98 39.35 -22.80 -7.85
CA THR I 98 40.06 -22.72 -9.12
C THR I 98 40.99 -23.91 -9.24
N PHE I 99 41.35 -24.25 -10.47
CA PHE I 99 42.23 -25.36 -10.76
C PHE I 99 43.48 -24.87 -11.49
N GLY I 100 44.60 -25.54 -11.27
CA GLY I 100 45.74 -25.36 -12.14
C GLY I 100 45.46 -25.90 -13.53
N GLN I 101 46.31 -25.50 -14.50
CA GLN I 101 46.12 -25.92 -15.88
C GLN I 101 46.63 -27.33 -16.17
N GLY I 102 47.23 -28.01 -15.21
CA GLY I 102 47.53 -29.43 -15.31
C GLY I 102 48.99 -29.70 -15.67
N THR I 103 49.49 -30.85 -15.22
CA THR I 103 50.84 -31.31 -15.54
C THR I 103 50.71 -32.72 -16.06
N ARG I 104 51.19 -32.95 -17.29
CA ARG I 104 51.13 -34.28 -17.87
C ARG I 104 52.41 -35.03 -17.55
N LEU I 105 52.26 -36.22 -17.00
CA LEU I 105 53.41 -37.06 -16.68
C LEU I 105 53.44 -38.23 -17.67
N GLU I 106 54.38 -38.21 -18.59
CA GLU I 106 54.50 -39.19 -19.66
C GLU I 106 55.77 -40.04 -19.54
N ILE I 107 55.76 -41.17 -20.24
CA ILE I 107 56.85 -42.14 -20.17
C ILE I 107 58.07 -41.65 -20.94
N LYS I 108 59.25 -41.83 -20.33
CA LYS I 108 60.51 -41.48 -20.95
C LYS I 108 61.05 -42.67 -21.74
N ARG I 109 61.74 -42.36 -22.84
CA ARG I 109 62.41 -43.38 -23.64
C ARG I 109 63.54 -42.70 -24.38
N THR I 110 64.29 -43.48 -25.15
CA THR I 110 65.41 -42.93 -25.89
C THR I 110 64.90 -42.18 -27.13
N VAL I 111 65.64 -41.15 -27.51
CA VAL I 111 65.31 -40.31 -28.65
C VAL I 111 65.09 -41.19 -29.88
N ALA I 112 64.22 -40.74 -30.78
CA ALA I 112 63.89 -41.53 -31.97
C ALA I 112 63.42 -40.58 -33.06
N ALA I 113 64.13 -40.55 -34.17
CA ALA I 113 63.76 -39.64 -35.24
C ALA I 113 62.48 -40.11 -35.92
N PRO I 114 61.66 -39.19 -36.39
CA PRO I 114 60.47 -39.58 -37.14
C PRO I 114 60.82 -40.11 -38.52
N SER I 115 60.02 -41.05 -39.01
CA SER I 115 59.96 -41.40 -40.43
C SER I 115 59.00 -40.43 -41.09
N VAL I 116 59.44 -39.72 -42.12
CA VAL I 116 58.62 -38.69 -42.74
C VAL I 116 58.16 -39.12 -44.13
N PHE I 117 56.86 -38.95 -44.37
CA PHE I 117 56.20 -39.26 -45.63
C PHE I 117 55.32 -38.10 -46.02
N ILE I 118 55.27 -37.80 -47.32
CA ILE I 118 54.33 -36.82 -47.84
C ILE I 118 53.40 -37.53 -48.82
N PHE I 119 52.15 -37.06 -48.87
CA PHE I 119 51.09 -37.67 -49.68
C PHE I 119 50.37 -36.60 -50.48
N PRO I 120 50.44 -36.63 -51.81
CA PRO I 120 49.64 -35.71 -52.63
C PRO I 120 48.16 -35.96 -52.46
N PRO I 121 47.32 -34.98 -52.79
CA PRO I 121 45.88 -35.24 -52.78
C PRO I 121 45.53 -36.23 -53.87
N SER I 122 44.45 -36.97 -53.65
CA SER I 122 44.02 -37.95 -54.62
C SER I 122 43.24 -37.29 -55.76
N ASP I 123 43.22 -37.97 -56.91
CA ASP I 123 42.40 -37.49 -58.03
C ASP I 123 40.92 -37.43 -57.65
N GLU I 124 40.46 -38.43 -56.90
CA GLU I 124 39.07 -38.41 -56.45
C GLU I 124 38.77 -37.12 -55.70
N GLN I 125 39.62 -36.76 -54.72
CA GLN I 125 39.40 -35.52 -53.96
C GLN I 125 39.43 -34.30 -54.87
N LEU I 126 40.41 -34.24 -55.77
CA LEU I 126 40.53 -33.07 -56.64
C LEU I 126 39.26 -32.84 -57.47
N LYS I 127 38.64 -33.92 -57.97
CA LYS I 127 37.40 -33.75 -58.72
C LYS I 127 36.33 -33.04 -57.89
N SER I 128 36.33 -33.24 -56.59
CA SER I 128 35.32 -32.65 -55.73
C SER I 128 35.57 -31.18 -55.39
N GLY I 129 36.71 -30.61 -55.82
CA GLY I 129 36.95 -29.18 -55.65
C GLY I 129 37.90 -28.77 -54.54
N THR I 130 38.48 -29.71 -53.81
CA THR I 130 39.42 -29.36 -52.74
C THR I 130 40.61 -30.31 -52.79
N ALA I 131 41.71 -29.88 -52.17
CA ALA I 131 42.93 -30.67 -52.15
C ALA I 131 43.50 -30.68 -50.75
N SER I 132 43.82 -31.87 -50.24
CA SER I 132 44.47 -32.04 -48.95
C SER I 132 45.83 -32.67 -49.18
N VAL I 133 46.88 -32.01 -48.68
CA VAL I 133 48.23 -32.57 -48.69
C VAL I 133 48.58 -32.99 -47.28
N VAL I 134 49.06 -34.21 -47.12
CA VAL I 134 49.24 -34.79 -45.79
C VAL I 134 50.71 -35.08 -45.58
N CYS I 135 51.19 -34.73 -44.39
CA CYS I 135 52.58 -35.00 -43.99
C CYS I 135 52.56 -35.83 -42.71
N LEU I 136 53.25 -36.94 -42.73
CA LEU I 136 53.18 -37.92 -41.67
C LEU I 136 54.54 -38.07 -41.02
N LEU I 137 54.59 -37.86 -39.70
CA LEU I 137 55.76 -38.13 -38.87
C LEU I 137 55.44 -39.36 -38.04
N ASN I 138 56.21 -40.43 -38.24
CA ASN I 138 55.88 -41.73 -37.69
C ASN I 138 56.85 -42.14 -36.58
N ASN I 139 56.29 -42.51 -35.43
CA ASN I 139 57.00 -43.18 -34.33
C ASN I 139 58.26 -42.43 -33.90
N PHE I 140 58.06 -41.23 -33.37
CA PHE I 140 59.17 -40.44 -32.91
C PHE I 140 59.09 -40.18 -31.41
N TYR I 141 60.21 -39.73 -30.85
CA TYR I 141 60.28 -39.35 -29.45
C TYR I 141 61.46 -38.42 -29.29
N PRO I 142 61.32 -37.31 -28.55
CA PRO I 142 60.14 -36.89 -27.79
C PRO I 142 59.11 -36.17 -28.63
N ARG I 143 58.00 -35.78 -27.98
CA ARG I 143 56.81 -35.31 -28.66
C ARG I 143 57.03 -34.03 -29.45
N GLU I 144 58.04 -33.26 -29.12
CA GLU I 144 58.20 -31.94 -29.72
C GLU I 144 58.76 -32.05 -31.13
N ALA I 145 58.12 -31.36 -32.06
CA ALA I 145 58.53 -31.44 -33.46
C ALA I 145 57.96 -30.25 -34.20
N LYS I 146 58.76 -29.66 -35.08
CA LYS I 146 58.27 -28.57 -35.91
C LYS I 146 57.99 -29.08 -37.33
N VAL I 147 56.80 -28.78 -37.85
CA VAL I 147 56.38 -29.19 -39.18
C VAL I 147 56.05 -27.95 -39.98
N GLN I 148 56.75 -27.77 -41.10
CA GLN I 148 56.68 -26.54 -41.85
C GLN I 148 56.35 -26.83 -43.32
N TRP I 149 55.34 -26.16 -43.85
CA TRP I 149 54.88 -26.36 -45.21
C TRP I 149 55.45 -25.28 -46.12
N LYS I 150 56.04 -25.69 -47.24
CA LYS I 150 56.54 -24.77 -48.25
C LYS I 150 55.83 -25.09 -49.56
N VAL I 151 55.19 -24.09 -50.15
CA VAL I 151 54.58 -24.19 -51.45
C VAL I 151 55.37 -23.29 -52.38
N ASP I 152 55.94 -23.87 -53.45
CA ASP I 152 56.87 -23.21 -54.35
C ASP I 152 57.87 -22.35 -53.57
N ASN I 153 58.38 -22.90 -52.48
CA ASN I 153 59.37 -22.30 -51.61
C ASN I 153 58.82 -21.16 -50.75
N ALA I 154 57.53 -20.86 -50.82
CA ALA I 154 56.90 -19.92 -49.88
C ALA I 154 56.39 -20.68 -48.66
N LEU I 155 56.94 -20.38 -47.50
CA LEU I 155 56.46 -20.96 -46.25
C LEU I 155 55.00 -20.61 -46.02
N GLN I 156 54.19 -21.64 -45.74
CA GLN I 156 52.73 -21.51 -45.62
C GLN I 156 52.30 -21.56 -44.17
N SER I 157 51.52 -20.57 -43.75
CA SER I 157 51.02 -20.47 -42.40
C SER I 157 49.52 -20.18 -42.44
N GLY I 158 48.76 -20.88 -41.60
CA GLY I 158 47.36 -20.61 -41.45
C GLY I 158 46.39 -21.49 -42.23
N ASN I 159 46.86 -22.49 -42.95
CA ASN I 159 45.95 -23.34 -43.68
C ASN I 159 46.32 -24.80 -43.49
N SER I 160 46.76 -25.14 -42.28
CA SER I 160 47.19 -26.49 -41.95
C SER I 160 46.80 -26.79 -40.51
N GLN I 161 46.31 -28.00 -40.28
CA GLN I 161 46.03 -28.50 -38.94
C GLN I 161 46.88 -29.73 -38.69
N GLU I 162 47.19 -29.98 -37.41
CA GLU I 162 47.95 -31.17 -37.10
C GLU I 162 47.28 -31.90 -35.94
N SER I 163 47.65 -33.16 -35.78
CA SER I 163 47.01 -34.05 -34.82
C SER I 163 48.08 -35.04 -34.38
N VAL I 164 48.10 -35.40 -33.09
CA VAL I 164 49.12 -36.28 -32.54
C VAL I 164 48.44 -37.46 -31.84
N THR I 165 49.06 -38.61 -31.92
CA THR I 165 48.55 -39.78 -31.23
C THR I 165 48.89 -39.71 -29.73
N GLU I 166 48.11 -40.44 -28.94
CA GLU I 166 48.57 -40.78 -27.59
C GLU I 166 49.87 -41.55 -27.68
N GLN I 167 50.68 -41.44 -26.62
CA GLN I 167 51.95 -42.14 -26.58
C GLN I 167 51.71 -43.64 -26.76
N ASP I 168 52.48 -44.27 -27.62
CA ASP I 168 52.21 -45.65 -27.99
C ASP I 168 52.43 -46.61 -26.83
N SER I 169 51.43 -47.46 -26.57
CA SER I 169 51.46 -48.41 -25.46
C SER I 169 52.58 -49.44 -25.56
N LYS I 170 53.16 -49.65 -26.75
CA LYS I 170 54.18 -50.69 -26.93
C LYS I 170 55.60 -50.14 -26.97
N ASP I 171 55.83 -48.97 -27.55
CA ASP I 171 57.19 -48.43 -27.59
C ASP I 171 57.28 -46.96 -27.18
N SER I 172 56.21 -46.36 -26.69
CA SER I 172 56.25 -45.01 -26.10
C SER I 172 56.58 -43.93 -27.10
N THR I 173 56.41 -44.19 -28.39
CA THR I 173 56.62 -43.12 -29.35
C THR I 173 55.31 -42.41 -29.62
N TYR I 174 55.42 -41.28 -30.30
CA TYR I 174 54.31 -40.48 -30.81
C TYR I 174 54.29 -40.56 -32.33
N SER I 175 53.12 -40.24 -32.90
CA SER I 175 52.99 -40.04 -34.33
C SER I 175 52.16 -38.79 -34.57
N LEU I 176 52.42 -38.13 -35.69
CA LEU I 176 51.86 -36.82 -35.98
C LEU I 176 51.52 -36.71 -37.46
N SER I 177 50.34 -36.15 -37.75
CA SER I 177 49.94 -35.82 -39.11
C SER I 177 49.74 -34.32 -39.22
N SER I 178 50.14 -33.75 -40.36
CA SER I 178 49.88 -32.36 -40.67
C SER I 178 49.19 -32.28 -42.02
N THR I 179 48.05 -31.62 -42.07
CA THR I 179 47.18 -31.61 -43.23
C THR I 179 47.02 -30.19 -43.73
N LEU I 180 47.46 -29.95 -44.96
CA LEU I 180 47.36 -28.66 -45.64
C LEU I 180 46.17 -28.70 -46.57
N THR I 181 45.30 -27.69 -46.51
CA THR I 181 44.06 -27.74 -47.28
C THR I 181 43.95 -26.52 -48.18
N LEU I 182 43.79 -26.78 -49.48
CA LEU I 182 43.63 -25.75 -50.50
C LEU I 182 42.41 -26.09 -51.35
N SER I 183 41.86 -25.06 -51.99
CA SER I 183 40.92 -25.30 -53.08
C SER I 183 41.66 -25.91 -54.27
N LYS I 184 40.90 -26.55 -55.16
CA LYS I 184 41.50 -27.12 -56.36
C LYS I 184 42.18 -26.05 -57.20
N ALA I 185 41.52 -24.91 -57.37
CA ALA I 185 42.12 -23.81 -58.13
C ALA I 185 43.44 -23.34 -57.51
N ASP I 186 43.48 -23.13 -56.19
CA ASP I 186 44.74 -22.74 -55.54
C ASP I 186 45.79 -23.83 -55.67
N TYR I 187 45.40 -25.10 -55.56
CA TYR I 187 46.37 -26.19 -55.61
C TYR I 187 47.01 -26.26 -56.98
N GLU I 188 46.25 -25.97 -58.04
CA GLU I 188 46.83 -26.10 -59.37
C GLU I 188 47.69 -24.91 -59.75
N LYS I 189 47.71 -23.85 -58.96
CA LYS I 189 48.55 -22.70 -59.26
C LYS I 189 50.01 -22.89 -58.87
N HIS I 190 50.41 -24.00 -58.26
CA HIS I 190 51.77 -24.14 -57.76
C HIS I 190 52.35 -25.50 -58.11
N LYS I 191 53.69 -25.56 -58.19
CA LYS I 191 54.39 -26.80 -58.55
C LYS I 191 54.86 -27.59 -57.34
N VAL I 192 55.75 -27.01 -56.52
CA VAL I 192 56.52 -27.78 -55.54
C VAL I 192 55.79 -27.75 -54.20
N TYR I 193 55.52 -28.92 -53.65
CA TYR I 193 54.88 -29.06 -52.34
C TYR I 193 55.84 -29.80 -51.42
N ALA I 194 56.20 -29.16 -50.30
CA ALA I 194 57.23 -29.69 -49.43
C ALA I 194 56.82 -29.62 -47.97
N CYS I 195 57.19 -30.67 -47.26
CA CYS I 195 57.02 -30.82 -45.84
C CYS I 195 58.41 -30.84 -45.23
N GLU I 196 58.69 -29.92 -44.30
CA GLU I 196 60.01 -29.77 -43.69
C GLU I 196 59.91 -29.99 -42.18
N VAL I 197 60.67 -30.94 -41.67
CA VAL I 197 60.49 -31.45 -40.31
C VAL I 197 61.76 -31.23 -39.49
N THR I 198 61.59 -30.68 -38.28
CA THR I 198 62.69 -30.42 -37.37
C THR I 198 62.43 -31.18 -36.07
N HIS I 199 63.45 -31.87 -35.57
CA HIS I 199 63.23 -32.76 -34.45
C HIS I 199 64.57 -33.21 -33.92
N GLN I 200 64.60 -33.45 -32.61
CA GLN I 200 65.86 -33.65 -31.92
C GLN I 200 66.65 -34.82 -32.50
N GLY I 201 65.95 -35.85 -32.97
CA GLY I 201 66.64 -37.02 -33.48
C GLY I 201 67.15 -36.90 -34.90
N LEU I 202 66.99 -35.75 -35.52
CA LEU I 202 67.50 -35.50 -36.87
C LEU I 202 68.63 -34.49 -36.76
N SER I 203 69.75 -34.76 -37.43
CA SER I 203 70.89 -33.86 -37.34
C SER I 203 70.60 -32.52 -38.01
N SER I 204 69.84 -32.54 -39.10
CA SER I 204 69.36 -31.32 -39.74
C SER I 204 67.94 -31.57 -40.22
N PRO I 205 67.16 -30.53 -40.47
CA PRO I 205 65.76 -30.73 -40.87
C PRO I 205 65.63 -31.52 -42.19
N VAL I 206 64.75 -32.52 -42.17
CA VAL I 206 64.47 -33.33 -43.34
C VAL I 206 63.25 -32.77 -44.06
N THR I 207 63.32 -32.77 -45.39
CA THR I 207 62.22 -32.33 -46.23
C THR I 207 61.76 -33.47 -47.12
N LYS I 208 60.44 -33.62 -47.26
CA LYS I 208 59.84 -34.50 -48.25
C LYS I 208 59.03 -33.64 -49.21
N SER I 209 59.11 -33.95 -50.49
CA SER I 209 58.62 -33.04 -51.49
C SER I 209 58.01 -33.81 -52.65
N PHE I 210 57.09 -33.16 -53.37
CA PHE I 210 56.66 -33.65 -54.67
C PHE I 210 56.33 -32.47 -55.55
N ASN I 211 56.23 -32.76 -56.85
CA ASN I 211 55.84 -31.79 -57.87
C ASN I 211 54.49 -32.19 -58.39
N ARG I 212 53.56 -31.23 -58.40
CA ARG I 212 52.18 -31.53 -58.77
C ARG I 212 52.12 -32.08 -60.19
N GLY I 213 51.54 -33.27 -60.34
CA GLY I 213 51.44 -33.92 -61.62
C GLY I 213 52.76 -34.46 -62.14
N GLU I 214 53.31 -35.48 -61.48
CA GLU I 214 54.58 -36.04 -61.89
C GLU I 214 54.82 -37.41 -61.26
C1 NAG J . -46.71 37.21 7.28
C2 NAG J . -48.12 37.71 7.66
C3 NAG J . -49.03 37.75 6.43
C4 NAG J . -48.38 38.48 5.26
C5 NAG J . -47.00 37.91 4.99
C6 NAG J . -46.23 38.65 3.90
C7 NAG J . -49.07 37.32 9.89
C8 NAG J . -48.85 38.79 10.15
N2 NAG J . -48.69 36.87 8.69
O3 NAG J . -50.26 38.39 6.78
O4 NAG J . -49.19 38.37 4.09
O5 NAG J . -46.20 37.99 6.18
O6 NAG J . -45.77 39.91 4.35
O7 NAG J . -49.54 36.58 10.74
C1 NAG K . -31.17 73.37 13.60
C2 NAG K . -32.50 73.40 14.36
C3 NAG K . -33.68 73.37 13.38
C4 NAG K . -33.57 74.54 12.40
C5 NAG K . -32.25 74.41 11.64
C6 NAG K . -32.01 75.56 10.68
C7 NAG K . -32.71 72.48 16.64
C8 NAG K . -32.82 71.23 17.46
N2 NAG K . -32.61 72.30 15.31
O3 NAG K . -34.91 73.43 14.10
O4 NAG K . -34.67 74.55 11.49
O5 NAG K . -31.16 74.42 12.57
O6 NAG K . -32.23 76.82 11.29
O7 NAG K . -32.70 73.60 17.14
C1 NAG L . 40.02 1.75 21.84
C2 NAG L . 39.03 2.92 21.95
C3 NAG L . 39.66 4.22 21.40
C4 NAG L . 40.98 4.51 22.11
C5 NAG L . 41.92 3.31 21.94
C6 NAG L . 43.22 3.46 22.69
C7 NAG L . 36.60 2.59 21.85
C8 NAG L . 35.44 2.27 20.97
N2 NAG L . 37.80 2.63 21.25
O3 NAG L . 38.77 5.31 21.58
O4 NAG L . 41.58 5.68 21.57
O5 NAG L . 41.29 2.12 22.45
O6 NAG L . 43.42 4.79 23.16
O7 NAG L . 36.48 2.80 23.05
#